data_5OKI
#
_entry.id   5OKI
#
_cell.length_a   121.678
_cell.length_b   145.826
_cell.length_c   378.752
_cell.angle_alpha   90.000
_cell.angle_beta   90.000
_cell.angle_gamma   90.000
#
_symmetry.space_group_name_H-M   'C 2 2 21'
#
loop_
_entity.id
_entity.type
_entity.pdbx_description
1 polymer 'DNA polymerase epsilon catalytic subunit A'
2 polymer 'Sister chromatid cohesion protein DCC1'
3 polymer 'Chromosome transmission fidelity protein 8'
4 polymer 'Chromosome transmission fidelity protein 18'
#
loop_
_entity_poly.entity_id
_entity_poly.type
_entity_poly.pdbx_seq_one_letter_code
_entity_poly.pdbx_strand_id
1 'polypeptide(L)'
;MMFGKKKNNGGSSTARYSAGNKYNTLSNNYALSAQQLLNASKIDDIDSMMGFERYVPPQYNGRFDAKDIDQIPGRVGWLT
NMHATLVSQETLSSGSNGGGNSNDGERVTTNQGISGVDFYFLDEEGGSFKSTVVYDPYFFIACNDESRVNDVEELVKKYL
ESCLKSLQIIRKEDLTMDNHLLGLQKTLIKLSFVNSNQLFEARKLLRPILQDNANNNVQRNIYNVAANGSEKVDAKHLIE
DIREYDVPYHVRVSIDKDIRVGKWYKVTQQGFIEDTRKIAFADPVVMAFAIATTKPPLKFPDSAVDQIMMISYMIDGEGF
LITNREIISEDIEDFEYTPKPEYPGFFTIFNENDEVALLQRFFEHIRDVRPTVISTFNGDFFDWPFIHNRSKIHGLDMFD
EIGFAPDAEGEYKSSYCSHMDCFRWVKRDSYLPQGSQGLKAVTQSKLGYNPIELDPELMTPYAFEKPQHLSEYSVSDAVA
TYYLYMKYVHPFIFSLCTIIPLNPDETLRKGTGTLCEMLLMVQA
;
A,B
2 'polypeptide(L)'
;MSINLHSAPEYDPSYKLIQLTPELLDIIQDPVQNHQLRFKSLDKDKSEVVLCSHDKTWVLKQRKHSNTVLLMREFVPEQP
ITFDETLLFGLSKPYMDVVGFAKTESEFETRETHGELNLNSVPIYNGELDFSDKIMKRSSTKVIGTLEELLENSPCSALE
GISKWHKIGGSVKDGVLCILSQDFLFKALHVLLMSAMAESLDLQHLNVEDTHHAVGKDIEDEFNPYTREIIETVLNKFAV
QEQEAENNTWRLRIPFIAQWYGIQALRKYVSGISMPIDEFLIKWKSLFPPFFPCDIDIDMLRGYHFKPTDKTVQYIAKST
LPMDPKERFKVLFRLQSQWDLEDIKPLIEELNSRGMKIDSFIMKYARRKRLGKKTVVTSR
;
C,G
3 'polypeptide(L)'
;MPSVDIDASQWQKLTQSREKQTTVITPLGMMMLEIQGELELPKDFASLARRDSPNEGRFSEQDGETLIRFGSLQIDGERA
TLFVGKKQRLLGKVTKLDVPMGIMHFNSKDNKVELVDVMKYKVIFKDRPLPIM
;
D,H
4 'polypeptide(L)' TVKIWVKYNEGFSNAVRKNVTWNNLW E,I
#
# COMPACT_ATOMS: atom_id res chain seq x y z
N ALA A 31 37.40 -23.95 44.76
CA ALA A 31 36.57 -24.78 43.90
C ALA A 31 35.73 -23.92 42.96
N LEU A 32 34.84 -23.12 43.55
CA LEU A 32 34.06 -22.14 42.80
C LEU A 32 34.84 -20.84 42.63
N SER A 33 35.72 -20.55 43.58
CA SER A 33 36.78 -19.57 43.42
C SER A 33 37.44 -19.59 42.03
N ALA A 34 38.01 -20.73 41.67
CA ALA A 34 38.79 -20.85 40.42
C ALA A 34 37.93 -20.66 39.17
N GLN A 35 36.64 -20.92 39.30
CA GLN A 35 35.70 -20.69 38.21
C GLN A 35 35.36 -19.22 38.07
N GLN A 36 35.15 -18.55 39.20
CA GLN A 36 34.97 -17.11 39.17
C GLN A 36 36.24 -16.45 38.63
N LEU A 37 37.38 -17.08 38.88
CA LEU A 37 38.65 -16.62 38.35
C LEU A 37 38.71 -16.84 36.84
N LEU A 38 38.04 -17.89 36.37
CA LEU A 38 38.00 -18.16 34.95
C LEU A 38 37.12 -17.12 34.25
N ASN A 39 35.99 -16.81 34.88
CA ASN A 39 35.10 -15.80 34.34
C ASN A 39 35.81 -14.44 34.34
N ALA A 40 36.55 -14.18 35.41
CA ALA A 40 37.37 -12.98 35.50
C ALA A 40 38.36 -12.88 34.37
N SER A 41 38.99 -14.00 34.04
CA SER A 41 40.04 -14.02 33.02
C SER A 41 39.48 -13.85 31.61
N LYS A 42 38.32 -14.47 31.37
CA LYS A 42 37.55 -14.21 30.16
C LYS A 42 37.11 -12.76 30.02
N ILE A 43 36.68 -12.16 31.13
CA ILE A 43 36.31 -10.75 31.11
C ILE A 43 37.54 -9.89 30.81
N ASP A 44 38.67 -10.24 31.40
CA ASP A 44 39.94 -9.59 31.10
C ASP A 44 40.26 -9.64 29.61
N ASP A 45 39.98 -10.78 29.00
CA ASP A 45 40.23 -10.96 27.57
C ASP A 45 39.30 -10.11 26.71
N ILE A 46 38.02 -10.12 27.06
CA ILE A 46 37.06 -9.22 26.43
C ILE A 46 37.50 -7.76 26.51
N ASP A 47 37.87 -7.34 27.71
CA ASP A 47 38.28 -5.96 27.97
C ASP A 47 39.51 -5.57 27.16
N SER A 48 40.49 -6.46 27.10
CA SER A 48 41.71 -6.20 26.35
C SER A 48 41.47 -6.17 24.85
N MET A 49 40.61 -7.06 24.37
CA MET A 49 40.20 -7.08 22.97
C MET A 49 39.56 -5.76 22.53
N MET A 50 38.83 -5.12 23.45
CA MET A 50 38.16 -3.86 23.14
C MET A 50 38.96 -2.62 23.54
N GLY A 51 40.23 -2.81 23.89
CA GLY A 51 41.10 -1.66 24.08
C GLY A 51 41.28 -1.26 25.53
N PHE A 52 40.89 -2.15 26.44
CA PHE A 52 41.08 -1.89 27.86
C PHE A 52 42.05 -2.89 28.48
N GLU A 53 43.33 -2.67 28.23
CA GLU A 53 44.40 -3.41 28.89
C GLU A 53 44.55 -2.87 30.30
N ARG A 54 44.95 -3.73 31.22
CA ARG A 54 45.19 -3.31 32.60
C ARG A 54 46.45 -2.44 32.66
N TYR A 55 46.29 -1.19 33.08
CA TYR A 55 47.43 -0.30 33.30
C TYR A 55 47.84 -0.32 34.76
N VAL A 56 49.14 -0.50 35.00
CA VAL A 56 49.73 -0.46 36.34
C VAL A 56 50.76 0.63 36.53
N PRO A 57 50.46 1.60 37.41
CA PRO A 57 51.26 2.82 37.60
C PRO A 57 52.61 2.47 38.24
N PRO A 58 53.57 3.41 38.20
CA PRO A 58 54.96 3.28 38.69
C PRO A 58 55.00 3.23 40.20
N GLN A 59 56.03 2.59 40.74
CA GLN A 59 56.28 2.65 42.18
C GLN A 59 56.27 4.06 42.74
N TYR A 60 55.66 4.16 43.93
CA TYR A 60 55.56 5.39 44.71
C TYR A 60 56.87 6.07 45.03
N ASN A 61 56.79 7.40 45.14
CA ASN A 61 57.93 8.27 45.37
C ASN A 61 59.14 7.90 44.51
N PHE A 64 54.10 14.59 45.68
CA PHE A 64 54.04 14.46 47.14
C PHE A 64 52.69 14.87 47.69
N ASP A 65 52.26 16.06 47.33
CA ASP A 65 51.02 16.65 47.83
C ASP A 65 50.05 16.58 46.66
N ALA A 66 48.80 16.31 46.98
CA ALA A 66 47.73 16.15 46.00
C ALA A 66 47.44 17.47 45.31
N LYS A 67 47.99 18.55 45.87
CA LYS A 67 47.71 19.91 45.45
C LYS A 67 48.61 20.34 44.29
N ASP A 68 49.83 19.80 44.24
CA ASP A 68 50.75 20.13 43.16
C ASP A 68 50.78 19.07 42.06
N ILE A 69 49.62 18.48 41.83
CA ILE A 69 49.42 17.31 40.97
C ILE A 69 50.15 17.43 39.62
N ASP A 70 50.14 16.31 38.87
CA ASP A 70 50.88 16.08 37.62
C ASP A 70 52.34 15.71 37.85
N GLN A 71 52.84 15.93 39.05
CA GLN A 71 54.21 15.50 39.39
C GLN A 71 54.36 14.01 39.65
N ILE A 72 53.35 13.24 39.26
CA ILE A 72 53.21 11.83 39.62
C ILE A 72 53.01 11.22 38.23
N PRO A 73 53.64 10.07 37.95
CA PRO A 73 53.45 9.49 36.60
C PRO A 73 52.07 8.91 36.29
N GLY A 74 51.60 9.26 35.10
CA GLY A 74 50.35 8.80 34.55
C GLY A 74 49.89 9.75 33.46
N VAL A 76 46.25 10.11 33.11
CA VAL A 76 44.97 10.78 33.31
C VAL A 76 43.88 10.15 32.45
N GLY A 77 42.72 9.91 33.05
CA GLY A 77 41.63 9.24 32.36
C GLY A 77 40.28 9.66 32.89
N TRP A 78 39.28 9.61 32.02
CA TRP A 78 37.89 9.84 32.41
C TRP A 78 37.17 8.53 32.71
N LEU A 79 36.63 8.40 33.92
CA LEU A 79 36.07 7.14 34.36
C LEU A 79 34.64 6.98 33.82
N THR A 80 34.39 5.83 33.18
CA THR A 80 33.12 5.62 32.49
C THR A 80 32.36 4.39 32.97
N ASN A 81 33.02 3.54 33.75
CA ASN A 81 32.40 2.32 34.27
C ASN A 81 33.21 1.67 35.39
N MET A 82 32.56 0.76 36.11
CA MET A 82 33.23 0.00 37.15
C MET A 82 32.47 -1.30 37.43
N HIS A 83 33.21 -2.34 37.80
CA HIS A 83 32.60 -3.63 38.15
C HIS A 83 33.41 -4.36 39.21
N ALA A 84 32.72 -5.05 40.12
CA ALA A 84 33.39 -6.00 41.01
C ALA A 84 34.12 -7.07 40.21
N THR A 85 35.25 -7.53 40.73
CA THR A 85 36.03 -8.59 40.11
C THR A 85 36.90 -9.34 41.11
N LEU A 86 37.58 -10.36 40.60
CA LEU A 86 38.49 -11.18 41.39
C LEU A 86 39.82 -11.24 40.63
N VAL A 87 40.92 -11.05 41.36
CA VAL A 87 42.24 -10.83 40.78
C VAL A 87 43.28 -11.74 41.43
N SER A 88 44.27 -12.18 40.65
CA SER A 88 45.35 -12.98 41.20
C SER A 88 46.45 -12.10 41.81
N GLN A 89 47.23 -12.71 42.71
CA GLN A 89 48.46 -12.13 43.24
C GLN A 89 49.34 -11.46 42.20
N GLU A 90 49.59 -12.16 41.09
CA GLU A 90 50.16 -11.56 39.88
C GLU A 90 51.65 -11.33 40.05
N GLU A 106 58.77 -14.92 50.26
CA GLU A 106 58.90 -16.27 50.82
C GLU A 106 57.75 -17.17 50.42
N ARG A 107 56.60 -16.98 51.07
CA ARG A 107 55.44 -17.84 50.85
C ARG A 107 54.40 -17.20 49.94
N VAL A 108 53.98 -17.95 48.92
CA VAL A 108 52.96 -17.47 48.00
C VAL A 108 51.57 -17.88 48.47
N THR A 109 51.55 -18.60 49.60
CA THR A 109 50.30 -19.03 50.25
C THR A 109 49.35 -19.86 49.39
N THR A 110 49.91 -20.72 48.54
CA THR A 110 49.20 -21.38 47.45
C THR A 110 48.31 -20.50 46.59
N ASN A 111 47.35 -21.11 45.90
CA ASN A 111 46.47 -20.37 45.01
C ASN A 111 45.16 -19.86 45.62
N GLN A 112 44.99 -18.54 45.72
CA GLN A 112 43.77 -17.99 46.30
C GLN A 112 43.43 -16.63 45.67
N GLY A 113 42.14 -16.32 45.55
CA GLY A 113 41.77 -15.07 44.91
C GLY A 113 41.79 -13.78 45.73
N ILE A 114 41.85 -12.64 45.04
CA ILE A 114 41.92 -11.33 45.68
C ILE A 114 40.63 -10.57 45.34
N SER A 115 39.89 -10.03 46.31
CA SER A 115 38.72 -9.25 45.91
C SER A 115 39.15 -7.91 45.35
N GLY A 116 38.48 -7.41 44.31
CA GLY A 116 38.77 -6.06 43.87
C GLY A 116 37.76 -5.45 42.91
N VAL A 117 38.08 -4.27 42.38
CA VAL A 117 37.18 -3.57 41.48
C VAL A 117 37.92 -3.12 40.22
N ASP A 118 37.34 -3.37 39.05
CA ASP A 118 37.85 -2.83 37.81
C ASP A 118 37.23 -1.46 37.51
N PHE A 119 38.08 -0.48 37.23
CA PHE A 119 37.65 0.85 36.80
C PHE A 119 38.06 1.11 35.35
N TYR A 120 37.10 1.58 34.55
CA TYR A 120 37.34 1.78 33.12
C TYR A 120 37.51 3.26 32.74
N PHE A 121 38.63 3.59 32.09
CA PHE A 121 38.98 4.97 31.82
C PHE A 121 39.17 5.26 30.33
N LEU A 122 38.81 6.47 29.92
CA LEU A 122 39.20 7.03 28.62
C LEU A 122 40.28 8.07 28.79
N ASP A 123 41.36 7.98 28.02
CA ASP A 123 42.46 8.94 28.18
C ASP A 123 42.24 10.23 27.37
N GLU A 124 43.15 11.18 27.57
CA GLU A 124 43.15 12.48 26.90
C GLU A 124 43.56 12.43 25.43
N GLU A 125 44.08 11.31 24.98
CA GLU A 125 44.61 11.20 23.62
C GLU A 125 43.71 10.44 22.64
N GLY A 126 42.44 10.26 23.00
CA GLY A 126 41.54 9.45 22.19
C GLY A 126 41.62 7.96 22.40
N GLY A 127 42.38 7.53 23.40
CA GLY A 127 42.51 6.11 23.68
C GLY A 127 41.81 5.74 24.97
N SER A 128 42.03 4.51 25.42
CA SER A 128 41.32 3.98 26.57
C SER A 128 42.16 2.93 27.31
N PHE A 129 41.85 2.73 28.58
CA PHE A 129 42.49 1.67 29.36
C PHE A 129 41.65 1.34 30.58
N LYS A 130 41.97 0.23 31.24
CA LYS A 130 41.33 -0.10 32.51
C LYS A 130 42.38 -0.32 33.59
N SER A 131 41.98 -0.10 34.84
CA SER A 131 42.89 -0.33 35.96
C SER A 131 42.15 -0.88 37.17
N THR A 132 42.87 -1.56 38.05
CA THR A 132 42.22 -2.38 39.06
C THR A 132 42.65 -1.96 40.46
N VAL A 133 41.69 -1.88 41.37
CA VAL A 133 41.97 -1.56 42.76
C VAL A 133 41.65 -2.77 43.62
N VAL A 134 42.54 -3.13 44.53
CA VAL A 134 42.20 -4.14 45.52
C VAL A 134 41.89 -3.52 46.88
N TYR A 135 40.97 -4.15 47.59
CA TYR A 135 40.47 -3.66 48.86
C TYR A 135 39.86 -4.83 49.62
N ASP A 136 40.17 -4.95 50.91
CA ASP A 136 39.52 -5.94 51.74
C ASP A 136 38.06 -5.57 52.02
N PRO A 137 37.12 -6.44 51.60
CA PRO A 137 35.72 -6.32 52.00
C PRO A 137 35.54 -6.53 53.50
N TYR A 138 34.54 -5.85 54.08
CA TYR A 138 34.36 -5.90 55.52
C TYR A 138 32.90 -5.69 55.94
N PHE A 139 32.56 -6.16 57.13
CA PHE A 139 31.29 -5.77 57.76
C PHE A 139 31.42 -5.78 59.28
N PHE A 140 30.42 -5.29 60.00
CA PHE A 140 30.59 -5.11 61.44
C PHE A 140 29.67 -6.00 62.29
N ILE A 141 30.15 -6.35 63.48
CA ILE A 141 29.35 -6.94 64.54
C ILE A 141 29.12 -6.01 65.74
N ALA A 142 27.87 -5.88 66.17
CA ALA A 142 27.58 -5.13 67.39
C ALA A 142 27.30 -6.04 68.60
N CYS A 143 27.70 -5.58 69.79
CA CYS A 143 27.46 -6.33 71.02
C CYS A 143 26.47 -5.59 71.91
N ASN A 144 25.66 -6.32 72.66
CA ASN A 144 24.79 -5.70 73.64
C ASN A 144 25.42 -5.53 75.04
N ASP A 145 26.56 -6.17 75.26
CA ASP A 145 27.35 -5.93 76.47
C ASP A 145 28.80 -5.66 76.10
N GLU A 146 29.20 -4.39 76.12
CA GLU A 146 30.55 -4.01 75.75
C GLU A 146 31.65 -4.69 76.57
N SER A 147 31.45 -4.84 77.88
CA SER A 147 32.52 -5.29 78.76
C SER A 147 33.13 -6.63 78.35
N ARG A 148 32.34 -7.51 77.74
CA ARG A 148 32.86 -8.81 77.36
C ARG A 148 32.98 -8.98 75.84
N VAL A 149 33.13 -7.88 75.10
CA VAL A 149 33.42 -7.98 73.67
C VAL A 149 34.63 -8.86 73.36
N ASN A 150 35.63 -8.80 74.23
CA ASN A 150 36.83 -9.58 74.01
C ASN A 150 36.58 -11.07 74.05
N ASP A 151 35.65 -11.52 74.89
CA ASP A 151 35.34 -12.93 74.89
C ASP A 151 34.66 -13.30 73.59
N VAL A 152 33.83 -12.40 73.11
CA VAL A 152 33.15 -12.61 71.85
C VAL A 152 34.23 -12.70 70.79
N GLU A 153 35.17 -11.75 70.87
CA GLU A 153 36.27 -11.72 69.93
C GLU A 153 36.95 -13.08 69.89
N GLU A 154 37.27 -13.60 71.06
CA GLU A 154 37.98 -14.87 71.09
C GLU A 154 37.12 -15.97 70.52
N LEU A 155 35.85 -15.98 70.89
CA LEU A 155 34.93 -16.96 70.36
C LEU A 155 34.97 -16.89 68.84
N VAL A 156 34.85 -15.69 68.29
CA VAL A 156 34.64 -15.66 66.87
C VAL A 156 36.00 -15.89 66.24
N LYS A 157 37.06 -15.37 66.90
CA LYS A 157 38.43 -15.66 66.51
C LYS A 157 38.58 -17.13 66.19
N LYS A 158 38.02 -17.96 67.07
CA LYS A 158 38.03 -19.39 66.83
C LYS A 158 36.97 -19.82 65.83
N TYR A 159 35.72 -19.45 66.09
CA TYR A 159 34.60 -19.80 65.22
C TYR A 159 34.71 -19.44 63.73
N LEU A 160 35.34 -18.32 63.39
CA LEU A 160 35.38 -17.92 61.99
C LEU A 160 36.75 -18.06 61.33
N GLU A 161 37.60 -18.90 61.90
CA GLU A 161 38.96 -19.09 61.40
C GLU A 161 39.03 -19.46 59.92
N SER A 162 38.05 -20.24 59.47
CA SER A 162 38.04 -20.77 58.09
C SER A 162 37.68 -19.75 57.01
N CYS A 163 37.20 -18.58 57.39
CA CYS A 163 36.75 -17.61 56.39
C CYS A 163 37.36 -16.24 56.60
N LEU A 164 37.85 -15.99 57.82
CA LEU A 164 38.15 -14.63 58.24
C LEU A 164 39.57 -14.25 57.84
N LYS A 165 39.76 -13.02 57.37
CA LYS A 165 41.10 -12.54 57.06
C LYS A 165 41.64 -11.74 58.22
N SER A 166 40.77 -10.95 58.85
CA SER A 166 41.18 -10.18 60.03
C SER A 166 40.03 -9.52 60.75
N LEU A 167 40.34 -8.90 61.89
CA LEU A 167 39.32 -8.27 62.71
C LEU A 167 39.97 -7.14 63.53
N GLN A 168 39.17 -6.17 63.95
CA GLN A 168 39.71 -4.97 64.59
C GLN A 168 38.61 -4.15 65.27
N ILE A 169 38.95 -3.48 66.36
CA ILE A 169 37.97 -2.70 67.10
C ILE A 169 37.92 -1.25 66.62
N LEU A 188 32.14 -1.16 67.77
CA LEU A 188 31.84 -2.25 66.85
C LEU A 188 33.06 -3.14 66.63
N ILE A 189 32.81 -4.38 66.25
CA ILE A 189 33.88 -5.24 65.72
C ILE A 189 33.89 -5.23 64.20
N LYS A 190 34.92 -4.67 63.60
CA LYS A 190 35.10 -4.74 62.16
C LYS A 190 35.77 -6.03 61.70
N LEU A 191 35.10 -6.72 60.79
CA LEU A 191 35.55 -8.01 60.27
C LEU A 191 35.92 -7.88 58.80
N SER A 192 37.17 -8.20 58.48
CA SER A 192 37.66 -8.15 57.10
C SER A 192 37.94 -9.55 56.58
N PHE A 193 37.88 -9.68 55.25
CA PHE A 193 37.91 -10.98 54.59
C PHE A 193 38.76 -10.97 53.32
N VAL A 194 39.20 -12.17 52.90
CA VAL A 194 40.06 -12.30 51.74
C VAL A 194 39.22 -12.12 50.48
N ASN A 195 37.98 -12.59 50.52
CA ASN A 195 37.09 -12.41 49.38
C ASN A 195 35.60 -12.47 49.74
N SER A 196 34.77 -12.23 48.74
CA SER A 196 33.33 -12.12 48.93
C SER A 196 32.69 -13.43 49.35
N ASN A 197 33.18 -14.53 48.79
CA ASN A 197 32.72 -15.87 49.18
C ASN A 197 32.94 -16.17 50.66
N GLN A 198 34.10 -15.81 51.19
CA GLN A 198 34.37 -16.08 52.59
C GLN A 198 33.48 -15.21 53.46
N LEU A 199 33.27 -13.98 53.01
CA LEU A 199 32.38 -13.05 53.70
C LEU A 199 31.00 -13.69 53.81
N PHE A 200 30.56 -14.28 52.69
CA PHE A 200 29.23 -14.85 52.59
C PHE A 200 29.09 -16.10 53.44
N GLU A 201 30.19 -16.85 53.57
CA GLU A 201 30.23 -17.97 54.50
C GLU A 201 30.15 -17.49 55.93
N ALA A 202 30.77 -16.36 56.22
CA ALA A 202 30.70 -15.81 57.56
C ALA A 202 29.26 -15.42 57.85
N ARG A 203 28.59 -14.84 56.86
CA ARG A 203 27.22 -14.39 57.06
C ARG A 203 26.32 -15.61 57.28
N LYS A 204 26.58 -16.67 56.54
CA LYS A 204 25.84 -17.92 56.69
C LYS A 204 26.04 -18.57 58.07
N LEU A 205 27.25 -18.47 58.60
CA LEU A 205 27.55 -18.91 59.97
C LEU A 205 26.93 -18.05 61.07
N LEU A 206 26.82 -16.75 60.82
CA LEU A 206 26.35 -15.77 61.81
C LEU A 206 24.84 -15.60 61.83
N ARG A 207 24.21 -15.79 60.68
CA ARG A 207 22.76 -15.59 60.54
C ARG A 207 21.86 -16.38 61.49
N PRO A 208 22.16 -17.67 61.76
CA PRO A 208 21.27 -18.36 62.71
C PRO A 208 21.31 -17.78 64.12
N ILE A 209 22.52 -17.39 64.55
CA ILE A 209 22.75 -16.76 65.83
C ILE A 209 21.91 -15.50 65.94
N LEU A 210 21.95 -14.71 64.87
CA LEU A 210 21.28 -13.41 64.81
C LEU A 210 19.76 -13.57 64.80
N GLN A 211 19.29 -14.61 64.11
CA GLN A 211 17.90 -15.04 64.19
C GLN A 211 17.41 -15.31 65.63
N ASP A 212 18.03 -16.32 66.25
CA ASP A 212 17.74 -16.68 67.65
C ASP A 212 17.76 -15.43 68.54
N ASN A 213 18.78 -14.64 68.32
CA ASN A 213 19.08 -13.36 68.97
C ASN A 213 17.98 -12.31 68.85
N ALA A 214 17.36 -12.30 67.68
CA ALA A 214 16.33 -11.34 67.28
C ALA A 214 15.04 -11.84 67.85
N ASN A 215 15.05 -13.10 68.28
CA ASN A 215 13.87 -13.85 68.64
C ASN A 215 13.89 -13.61 70.16
N ASN A 216 15.10 -13.68 70.72
CA ASN A 216 15.34 -13.63 72.17
C ASN A 216 14.86 -12.26 72.64
N ASN A 217 14.11 -12.20 73.73
CA ASN A 217 13.78 -10.91 74.34
C ASN A 217 14.84 -10.21 75.22
N VAL A 218 15.87 -10.92 75.65
CA VAL A 218 16.99 -10.32 76.39
C VAL A 218 16.59 -9.27 77.43
N GLN A 219 17.11 -8.05 77.26
CA GLN A 219 16.90 -6.97 78.21
C GLN A 219 17.21 -5.61 77.56
N VAL A 233 23.67 -14.94 79.17
CA VAL A 233 24.95 -14.57 79.76
C VAL A 233 26.13 -15.20 79.03
N ASP A 234 25.85 -15.97 77.98
CA ASP A 234 26.91 -16.70 77.30
C ASP A 234 27.38 -15.90 76.11
N ALA A 235 28.58 -16.17 75.60
CA ALA A 235 29.19 -15.25 74.64
C ALA A 235 28.38 -15.13 73.36
N LYS A 236 27.82 -16.26 72.90
CA LYS A 236 27.16 -16.31 71.60
C LYS A 236 26.02 -15.31 71.60
N HIS A 237 25.38 -15.23 72.76
CA HIS A 237 24.14 -14.49 72.94
C HIS A 237 24.40 -12.99 73.12
N LEU A 238 25.67 -12.58 73.13
CA LEU A 238 25.98 -11.15 73.25
C LEU A 238 26.03 -10.29 71.97
N ILE A 239 26.13 -10.93 70.82
CA ILE A 239 26.08 -10.24 69.52
C ILE A 239 24.65 -9.82 69.18
N GLU A 240 24.28 -8.56 69.38
CA GLU A 240 22.88 -8.18 69.09
C GLU A 240 22.55 -7.99 67.60
N ASP A 241 23.46 -7.40 66.82
CA ASP A 241 23.15 -7.20 65.41
C ASP A 241 24.35 -6.83 64.53
N ILE A 242 24.07 -6.80 63.23
CA ILE A 242 24.96 -6.25 62.22
C ILE A 242 24.46 -4.99 61.50
N ARG A 243 25.43 -4.16 61.10
CA ARG A 243 25.21 -2.78 60.66
C ARG A 243 25.99 -2.57 59.37
N GLU A 244 25.45 -1.76 58.46
CA GLU A 244 26.09 -1.49 57.17
C GLU A 244 26.39 -2.83 56.49
N TYR A 245 25.40 -3.69 56.54
CA TYR A 245 25.50 -5.09 56.15
C TYR A 245 25.04 -5.45 54.75
N ASP A 246 24.43 -4.50 54.04
CA ASP A 246 23.85 -4.83 52.74
C ASP A 246 24.34 -3.86 51.69
N VAL A 247 25.58 -3.40 51.87
CA VAL A 247 26.21 -2.49 50.94
C VAL A 247 26.93 -3.24 49.82
N PRO A 248 26.59 -2.94 48.56
CA PRO A 248 27.17 -3.65 47.43
C PRO A 248 28.68 -3.39 47.37
N TYR A 249 29.48 -4.38 46.99
CA TYR A 249 30.93 -4.26 47.17
C TYR A 249 31.50 -3.10 46.36
N HIS A 250 31.06 -2.98 45.12
CA HIS A 250 31.51 -1.91 44.24
C HIS A 250 31.14 -0.56 44.85
N VAL A 251 29.99 -0.53 45.51
CA VAL A 251 29.53 0.69 46.18
C VAL A 251 30.40 0.99 47.38
N ARG A 252 30.71 -0.05 48.14
CA ARG A 252 31.51 0.08 49.35
C ARG A 252 32.87 0.68 49.00
N VAL A 253 33.42 0.21 47.87
CA VAL A 253 34.69 0.70 47.37
C VAL A 253 34.61 2.13 46.82
N SER A 254 33.61 2.39 46.00
CA SER A 254 33.37 3.72 45.45
C SER A 254 33.23 4.77 46.56
N ILE A 255 32.53 4.40 47.63
CA ILE A 255 32.33 5.27 48.79
C ILE A 255 33.62 5.46 49.57
N ASP A 256 34.25 4.36 49.96
CA ASP A 256 35.40 4.42 50.88
C ASP A 256 36.60 5.10 50.21
N LYS A 257 36.76 4.90 48.92
CA LYS A 257 37.85 5.51 48.16
C LYS A 257 37.48 6.88 47.60
N ASP A 258 36.18 7.22 47.68
CA ASP A 258 35.67 8.50 47.22
C ASP A 258 35.89 8.71 45.72
N ILE A 259 35.50 7.71 44.93
CA ILE A 259 35.67 7.75 43.49
C ILE A 259 34.29 7.80 42.82
N ARG A 260 34.12 8.62 41.80
CA ARG A 260 32.86 8.67 41.08
C ARG A 260 33.01 8.70 39.56
N VAL A 261 32.22 7.88 38.88
CA VAL A 261 32.13 7.90 37.42
C VAL A 261 31.72 9.29 36.96
N GLY A 262 32.25 9.75 35.83
CA GLY A 262 31.91 11.06 35.33
C GLY A 262 32.91 12.11 35.75
N LYS A 263 33.75 11.75 36.71
CA LYS A 263 34.84 12.61 37.15
C LYS A 263 36.17 12.17 36.56
N TRP A 264 37.16 13.04 36.65
CA TRP A 264 38.45 12.78 36.05
C TRP A 264 39.44 12.42 37.15
N TYR A 265 40.27 11.40 36.88
CA TYR A 265 41.22 10.97 37.89
C TYR A 265 42.56 10.76 37.20
N LYS A 266 43.63 11.07 37.91
CA LYS A 266 44.95 10.52 37.61
C LYS A 266 45.17 9.26 38.44
N VAL A 267 45.41 8.14 37.77
CA VAL A 267 45.73 6.91 38.47
C VAL A 267 47.19 6.80 38.88
N THR A 268 47.41 6.64 40.18
CA THR A 268 48.75 6.66 40.72
C THR A 268 48.87 5.50 41.70
N GLN A 269 50.08 5.18 42.14
CA GLN A 269 50.25 4.10 43.10
C GLN A 269 49.60 4.48 44.44
N GLN A 270 49.60 5.77 44.73
CA GLN A 270 48.97 6.27 45.95
C GLN A 270 47.46 6.11 45.83
N GLY A 271 46.97 6.01 44.60
CA GLY A 271 45.55 5.89 44.36
C GLY A 271 45.06 6.84 43.29
N PHE A 272 43.74 6.99 43.22
CA PHE A 272 43.13 7.79 42.17
C PHE A 272 43.05 9.22 42.69
N ILE A 273 43.56 10.17 41.91
CA ILE A 273 43.52 11.57 42.29
C ILE A 273 42.58 12.40 41.44
N GLU A 274 41.50 12.89 42.06
CA GLU A 274 40.50 13.70 41.39
C GLU A 274 41.12 14.97 40.82
N ASP A 275 40.86 15.24 39.55
CA ASP A 275 41.23 16.53 38.97
C ASP A 275 40.06 17.51 39.06
N THR A 276 40.09 18.33 40.12
CA THR A 276 39.10 19.37 40.34
C THR A 276 39.13 20.48 39.29
N ARG A 277 40.21 20.55 38.52
CA ARG A 277 40.35 21.52 37.44
C ARG A 277 39.52 21.17 36.21
N LYS A 278 39.24 19.88 36.02
CA LYS A 278 38.47 19.44 34.85
C LYS A 278 37.04 19.08 35.24
N ILE A 279 36.09 19.78 34.63
CA ILE A 279 34.68 19.55 34.87
C ILE A 279 33.93 19.09 33.61
N ALA A 280 34.18 19.77 32.49
CA ALA A 280 33.66 19.36 31.19
C ALA A 280 33.91 17.88 30.92
N PHE A 281 32.84 17.17 30.55
CA PHE A 281 32.93 15.74 30.23
C PHE A 281 33.80 15.47 29.01
N ALA A 282 34.43 14.30 29.00
CA ALA A 282 34.97 13.74 27.77
C ALA A 282 33.85 13.21 26.88
N ASP A 283 34.20 12.73 25.70
CA ASP A 283 33.21 12.33 24.72
C ASP A 283 33.31 10.83 24.47
N PRO A 284 32.42 10.05 25.09
CA PRO A 284 32.40 8.60 24.86
C PRO A 284 32.02 8.25 23.43
N VAL A 285 32.37 7.05 22.97
CA VAL A 285 31.77 6.52 21.76
C VAL A 285 30.36 6.06 22.07
N VAL A 286 29.37 6.60 21.36
CA VAL A 286 27.98 6.28 21.65
C VAL A 286 27.29 5.57 20.50
N MET A 287 26.74 4.39 20.78
CA MET A 287 25.94 3.69 19.78
C MET A 287 24.51 3.54 20.27
N ALA A 288 23.53 3.83 19.41
CA ALA A 288 22.14 3.51 19.75
C ALA A 288 21.58 2.60 18.67
N PHE A 289 20.80 1.58 19.01
CA PHE A 289 20.28 0.75 17.93
C PHE A 289 18.83 0.26 18.13
N ALA A 290 18.19 -0.04 16.99
CA ALA A 290 16.87 -0.66 16.98
C ALA A 290 16.86 -1.73 15.90
N ILE A 291 16.31 -2.90 16.23
CA ILE A 291 16.07 -3.96 15.27
C ILE A 291 14.63 -4.07 14.78
N ALA A 292 14.45 -4.60 13.57
CA ALA A 292 13.13 -4.95 13.10
C ALA A 292 13.12 -6.44 12.72
N THR A 293 12.08 -7.11 13.23
CA THR A 293 11.86 -8.55 13.07
C THR A 293 10.49 -8.90 12.52
N THR A 294 10.36 -10.10 11.94
CA THR A 294 9.06 -10.64 11.56
C THR A 294 8.25 -11.04 12.79
N LYS A 295 6.95 -11.18 12.62
CA LYS A 295 6.08 -11.77 13.65
C LYS A 295 4.79 -12.27 13.02
N PRO A 296 4.08 -13.20 13.69
CA PRO A 296 2.77 -13.59 13.16
C PRO A 296 1.67 -12.55 13.39
N PRO A 297 0.65 -12.55 12.52
CA PRO A 297 -0.57 -11.73 12.66
C PRO A 297 -1.26 -11.83 14.01
N LEU A 298 -1.61 -10.69 14.59
CA LEU A 298 -2.29 -10.61 15.88
C LEU A 298 -1.57 -11.27 17.05
N LYS A 299 -0.35 -11.74 16.84
CA LYS A 299 0.43 -12.29 17.94
C LYS A 299 1.72 -11.51 18.20
N PHE A 300 2.44 -11.94 19.24
CA PHE A 300 3.69 -11.31 19.61
C PHE A 300 4.84 -11.99 18.85
N PRO A 301 5.95 -11.27 18.64
CA PRO A 301 7.15 -11.87 18.06
C PRO A 301 7.63 -13.06 18.89
N ASP A 302 8.02 -14.16 18.23
CA ASP A 302 8.60 -15.28 18.96
C ASP A 302 9.93 -15.68 18.34
N SER A 303 10.99 -15.61 19.15
CA SER A 303 12.35 -15.68 18.66
C SER A 303 12.73 -17.10 18.27
N ALA A 304 11.90 -18.06 18.67
CA ALA A 304 12.03 -19.45 18.25
C ALA A 304 11.80 -19.67 16.76
N VAL A 305 11.01 -18.81 16.13
CA VAL A 305 10.67 -19.01 14.72
C VAL A 305 10.79 -17.77 13.83
N ASP A 306 10.55 -16.59 14.39
CA ASP A 306 10.71 -15.36 13.61
C ASP A 306 12.16 -14.95 13.43
N GLN A 307 12.42 -14.20 12.36
CA GLN A 307 13.77 -13.85 11.98
C GLN A 307 13.95 -12.33 12.07
N ILE A 308 15.18 -11.88 12.26
CA ILE A 308 15.48 -10.47 12.16
C ILE A 308 15.60 -10.09 10.69
N MET A 309 14.90 -9.03 10.27
CA MET A 309 14.97 -8.63 8.87
C MET A 309 15.85 -7.40 8.67
N MET A 310 15.93 -6.52 9.67
CA MET A 310 16.86 -5.38 9.59
C MET A 310 17.39 -4.99 10.96
N ILE A 311 18.61 -4.44 10.99
CA ILE A 311 19.08 -3.70 12.17
C ILE A 311 19.60 -2.30 11.84
N SER A 312 18.96 -1.29 12.41
CA SER A 312 19.44 0.09 12.28
C SER A 312 20.20 0.54 13.52
N TYR A 313 21.19 1.40 13.32
CA TYR A 313 21.92 1.97 14.45
C TYR A 313 22.60 3.29 14.10
N MET A 314 23.00 4.03 15.13
CA MET A 314 23.78 5.24 14.99
C MET A 314 25.01 5.21 15.87
N ILE A 315 26.11 5.73 15.33
CA ILE A 315 27.37 5.90 16.06
C ILE A 315 27.84 7.34 15.96
N ASP A 316 27.85 8.04 17.09
CA ASP A 316 28.29 9.44 17.16
C ASP A 316 27.74 10.29 16.03
N GLY A 317 26.47 10.08 15.70
CA GLY A 317 25.75 10.95 14.79
C GLY A 317 25.79 10.46 13.36
N GLU A 318 26.35 9.27 13.15
CA GLU A 318 26.42 8.69 11.81
C GLU A 318 25.59 7.41 11.74
N GLY A 319 24.73 7.29 10.74
CA GLY A 319 23.82 6.18 10.67
C GLY A 319 24.24 5.00 9.83
N PHE A 320 23.81 3.81 10.24
CA PHE A 320 24.07 2.57 9.53
C PHE A 320 22.80 1.72 9.56
N LEU A 321 22.55 1.00 8.47
CA LEU A 321 21.45 0.06 8.42
C LEU A 321 21.85 -1.26 7.74
N ILE A 322 21.67 -2.36 8.45
CA ILE A 322 22.03 -3.69 7.96
C ILE A 322 20.77 -4.49 7.60
N THR A 323 20.83 -5.22 6.49
CA THR A 323 19.64 -5.81 5.89
C THR A 323 19.79 -7.32 5.65
N ASN A 324 18.68 -8.06 5.84
CA ASN A 324 18.68 -9.50 5.59
C ASN A 324 17.88 -9.80 4.31
N ARG A 325 18.60 -10.00 3.22
CA ARG A 325 18.03 -10.13 1.88
C ARG A 325 17.31 -11.46 1.62
N GLU A 326 17.27 -12.35 2.61
CA GLU A 326 16.34 -13.47 2.55
C GLU A 326 14.90 -13.02 2.72
N ILE A 327 14.72 -11.82 3.25
CA ILE A 327 13.39 -11.34 3.60
C ILE A 327 13.12 -10.05 2.83
N ILE A 328 14.05 -9.11 2.94
CA ILE A 328 13.95 -7.85 2.21
C ILE A 328 14.25 -8.11 0.74
N SER A 329 13.26 -7.86 -0.11
CA SER A 329 13.30 -8.39 -1.47
C SER A 329 14.09 -7.53 -2.44
N GLU A 330 14.66 -6.43 -1.95
CA GLU A 330 15.68 -5.72 -2.73
C GLU A 330 16.74 -5.03 -1.88
N ASP A 331 17.88 -4.73 -2.50
CA ASP A 331 18.94 -3.95 -1.88
C ASP A 331 18.49 -2.53 -1.60
N ILE A 332 18.58 -2.10 -0.34
CA ILE A 332 18.26 -0.70 -0.01
C ILE A 332 19.48 0.18 -0.28
N GLU A 333 19.23 1.36 -0.84
CA GLU A 333 20.28 2.35 -1.10
C GLU A 333 20.42 3.42 -0.01
N ASP A 334 21.57 4.08 0.01
CA ASP A 334 21.89 5.09 1.01
C ASP A 334 20.92 6.28 0.89
N PHE A 335 20.48 6.81 2.03
CA PHE A 335 19.61 7.99 2.03
C PHE A 335 19.64 8.82 3.30
N GLU A 336 19.02 9.98 3.23
CA GLU A 336 19.03 10.98 4.30
C GLU A 336 17.65 11.02 4.95
N TYR A 337 17.59 10.97 6.28
CA TYR A 337 16.40 11.39 7.00
C TYR A 337 16.67 12.35 8.15
N THR A 338 16.32 13.62 7.97
CA THR A 338 16.72 14.65 8.91
C THR A 338 15.51 15.52 9.22
N PRO A 339 14.80 15.21 10.32
CA PRO A 339 13.51 15.86 10.60
C PRO A 339 13.67 17.24 11.25
N LYS A 340 14.86 17.51 11.78
CA LYS A 340 15.25 18.82 12.26
C LYS A 340 16.74 19.00 12.06
N PRO A 341 17.21 20.23 11.84
CA PRO A 341 18.63 20.47 11.63
C PRO A 341 19.47 19.93 12.79
N GLU A 342 18.94 20.05 14.01
CA GLU A 342 19.53 19.41 15.17
C GLU A 342 19.81 17.92 14.99
N TYR A 343 18.96 17.26 14.21
CA TYR A 343 19.08 15.80 14.03
C TYR A 343 19.53 15.26 12.67
N PRO A 344 20.80 15.50 12.27
CA PRO A 344 21.23 15.01 10.96
C PRO A 344 21.15 13.48 10.94
N GLY A 345 20.73 12.88 9.84
CA GLY A 345 20.82 11.44 9.69
C GLY A 345 21.26 10.93 8.33
N PHE A 346 22.57 10.77 8.14
CA PHE A 346 23.05 10.20 6.90
C PHE A 346 23.27 8.71 7.13
N PHE A 347 22.49 7.86 6.46
CA PHE A 347 22.62 6.42 6.67
C PHE A 347 23.38 5.65 5.57
N THR A 348 24.35 4.85 5.99
CA THR A 348 25.04 3.91 5.09
C THR A 348 24.47 2.50 5.20
N ILE A 349 24.29 1.82 4.08
CA ILE A 349 23.59 0.53 4.05
C ILE A 349 24.51 -0.68 3.83
N PHE A 350 24.21 -1.76 4.55
CA PHE A 350 24.89 -3.05 4.39
C PHE A 350 23.88 -4.15 4.07
N ASN A 351 23.71 -4.42 2.78
CA ASN A 351 22.81 -5.48 2.32
C ASN A 351 23.42 -6.87 2.38
N GLU A 352 23.04 -7.65 3.38
CA GLU A 352 23.61 -8.97 3.60
C GLU A 352 22.68 -10.05 3.05
N ASN A 353 23.26 -11.20 2.68
CA ASN A 353 22.52 -12.23 1.95
C ASN A 353 21.49 -12.93 2.82
N ASP A 354 21.82 -13.12 4.10
CA ASP A 354 20.94 -13.83 5.01
C ASP A 354 21.13 -13.39 6.46
N GLU A 355 20.52 -14.13 7.38
CA GLU A 355 20.42 -13.67 8.77
C GLU A 355 21.79 -13.69 9.42
N VAL A 356 22.52 -14.77 9.18
CA VAL A 356 23.80 -14.99 9.83
C VAL A 356 24.81 -13.95 9.36
N ALA A 357 24.76 -13.59 8.07
CA ALA A 357 25.67 -12.60 7.52
C ALA A 357 25.39 -11.25 8.16
N LEU A 358 24.10 -10.91 8.26
CA LEU A 358 23.66 -9.69 8.92
C LEU A 358 24.19 -9.61 10.35
N LEU A 359 24.05 -10.72 11.07
CA LEU A 359 24.56 -10.83 12.44
C LEU A 359 26.07 -10.65 12.52
N GLN A 360 26.80 -11.24 11.58
CA GLN A 360 28.25 -11.20 11.58
C GLN A 360 28.75 -9.80 11.25
N ARG A 361 28.08 -9.16 10.30
CA ARG A 361 28.34 -7.77 9.98
C ARG A 361 28.09 -6.88 11.19
N PHE A 362 27.06 -7.22 11.96
CA PHE A 362 26.69 -6.44 13.14
C PHE A 362 27.75 -6.54 14.23
N PHE A 363 28.10 -7.78 14.57
CA PHE A 363 29.11 -8.06 15.59
C PHE A 363 30.46 -7.48 15.21
N GLU A 364 30.86 -7.70 13.96
CA GLU A 364 32.14 -7.18 13.48
C GLU A 364 32.16 -5.66 13.53
N HIS A 365 31.07 -5.02 13.11
CA HIS A 365 30.97 -3.57 13.21
C HIS A 365 31.08 -3.08 14.65
N ILE A 366 30.48 -3.84 15.57
CA ILE A 366 30.56 -3.50 16.99
C ILE A 366 31.97 -3.59 17.55
N ARG A 367 32.66 -4.68 17.23
CA ARG A 367 34.07 -4.83 17.60
C ARG A 367 34.92 -3.73 16.98
N ASP A 368 34.62 -3.40 15.73
CA ASP A 368 35.30 -2.31 15.03
C ASP A 368 35.16 -0.95 15.69
N VAL A 369 33.98 -0.58 16.15
CA VAL A 369 33.80 0.80 16.59
C VAL A 369 33.96 0.99 18.10
N ARG A 370 33.81 -0.10 18.86
CA ARG A 370 34.05 -0.10 20.30
C ARG A 370 33.20 0.88 21.12
N PRO A 371 31.88 0.71 21.13
CA PRO A 371 31.03 1.59 21.92
C PRO A 371 31.27 1.41 23.42
N THR A 372 31.24 2.49 24.20
CA THR A 372 31.17 2.32 25.65
C THR A 372 29.80 2.67 26.20
N VAL A 373 28.94 3.23 25.35
CA VAL A 373 27.51 3.13 25.57
C VAL A 373 26.77 2.48 24.40
N ILE A 374 25.91 1.52 24.69
CA ILE A 374 24.93 1.05 23.73
C ILE A 374 23.53 1.31 24.27
N SER A 375 22.73 2.07 23.53
CA SER A 375 21.39 2.41 23.99
C SER A 375 20.31 1.74 23.17
N THR A 376 19.18 1.45 23.81
CA THR A 376 18.00 0.93 23.11
C THR A 376 16.71 1.52 23.64
N PHE A 377 15.60 1.11 23.03
CA PHE A 377 14.27 1.34 23.59
C PHE A 377 13.52 0.02 23.79
N ASN A 378 13.42 -0.40 25.05
CA ASN A 378 12.86 -1.71 25.41
C ASN A 378 13.69 -2.86 24.86
N GLY A 379 14.99 -2.64 24.77
CA GLY A 379 15.90 -3.70 24.35
C GLY A 379 16.07 -4.80 25.38
N ASP A 380 15.83 -4.49 26.65
CA ASP A 380 15.93 -5.49 27.70
C ASP A 380 14.82 -6.54 27.61
N PHE A 381 13.66 -6.12 27.12
CA PHE A 381 12.53 -7.03 26.99
C PHE A 381 12.31 -7.57 25.57
N PHE A 382 12.75 -6.85 24.56
CA PHE A 382 12.63 -7.32 23.18
C PHE A 382 13.93 -7.59 22.43
N ASP A 383 14.58 -6.51 21.99
CA ASP A 383 15.78 -6.57 21.15
C ASP A 383 16.81 -7.62 21.58
N TRP A 384 17.35 -7.47 22.78
CA TRP A 384 18.49 -8.27 23.22
C TRP A 384 18.20 -9.78 23.28
N PRO A 385 17.11 -10.20 23.97
CA PRO A 385 16.88 -11.65 23.97
C PRO A 385 16.66 -12.25 22.58
N PHE A 386 16.07 -11.46 21.68
CA PHE A 386 15.88 -11.88 20.29
C PHE A 386 17.21 -12.06 19.56
N ILE A 387 18.05 -11.04 19.63
CA ILE A 387 19.40 -11.11 19.08
C ILE A 387 20.17 -12.30 19.63
N HIS A 388 20.11 -12.47 20.95
CA HIS A 388 20.76 -13.60 21.61
C HIS A 388 20.27 -14.94 21.08
N ASN A 389 18.96 -15.04 20.86
CA ASN A 389 18.38 -16.33 20.49
C ASN A 389 18.64 -16.69 19.02
N ARG A 390 18.60 -15.69 18.14
CA ARG A 390 19.00 -15.91 16.77
C ARG A 390 20.49 -16.21 16.67
N SER A 391 21.28 -15.54 17.52
CA SER A 391 22.71 -15.79 17.62
C SER A 391 22.99 -17.24 17.97
N LYS A 392 22.30 -17.73 19.00
CA LYS A 392 22.38 -19.12 19.41
C LYS A 392 21.95 -20.08 18.30
N ILE A 393 20.88 -19.72 17.59
CA ILE A 393 20.36 -20.54 16.51
C ILE A 393 21.38 -20.77 15.38
N HIS A 394 22.19 -19.76 15.08
CA HIS A 394 23.21 -19.89 14.05
C HIS A 394 24.56 -20.39 14.59
N GLY A 395 24.53 -20.99 15.77
CA GLY A 395 25.73 -21.52 16.38
C GLY A 395 26.77 -20.50 16.82
N LEU A 396 26.36 -19.27 17.02
CA LEU A 396 27.27 -18.24 17.53
C LEU A 396 27.12 -18.06 19.03
N ASP A 397 28.23 -17.70 19.68
CA ASP A 397 28.25 -17.46 21.12
C ASP A 397 28.43 -15.97 21.35
N MET A 398 27.34 -15.30 21.71
CA MET A 398 27.29 -13.85 21.76
C MET A 398 28.24 -13.32 22.83
N PHE A 399 28.31 -14.00 23.96
CA PHE A 399 29.22 -13.64 25.03
C PHE A 399 30.65 -13.59 24.50
N ASP A 400 31.04 -14.62 23.74
CA ASP A 400 32.38 -14.65 23.17
C ASP A 400 32.57 -13.59 22.08
N GLU A 401 31.49 -13.24 21.39
CA GLU A 401 31.58 -12.30 20.28
C GLU A 401 31.68 -10.83 20.70
N ILE A 402 30.92 -10.44 21.72
CA ILE A 402 30.90 -9.04 22.14
C ILE A 402 30.77 -8.82 23.65
N GLY A 403 30.78 -9.89 24.43
CA GLY A 403 30.93 -9.74 25.87
C GLY A 403 29.64 -9.40 26.58
N PHE A 404 28.52 -9.55 25.89
CA PHE A 404 27.20 -9.36 26.49
C PHE A 404 26.52 -10.67 26.87
N ALA A 405 25.87 -10.67 28.03
CA ALA A 405 25.15 -11.83 28.53
C ALA A 405 24.03 -11.42 29.48
N PRO A 406 23.01 -12.27 29.66
CA PRO A 406 21.96 -11.99 30.65
C PRO A 406 22.41 -12.14 32.11
N ASP A 407 21.91 -11.26 32.97
CA ASP A 407 22.19 -11.34 34.40
C ASP A 407 21.08 -12.06 35.15
N ALA A 408 21.17 -12.07 36.49
CA ALA A 408 20.22 -12.81 37.30
C ALA A 408 18.78 -12.32 37.14
N GLU A 409 18.62 -11.07 36.73
CA GLU A 409 17.29 -10.52 36.48
C GLU A 409 16.79 -10.81 35.08
N GLY A 410 17.58 -11.55 34.30
CA GLY A 410 17.29 -11.69 32.89
C GLY A 410 17.64 -10.51 32.01
N GLU A 411 18.33 -9.51 32.55
CA GLU A 411 18.70 -8.36 31.72
C GLU A 411 20.08 -8.55 31.09
N TYR A 412 20.28 -7.95 29.92
CA TYR A 412 21.51 -8.11 29.16
C TYR A 412 22.57 -7.02 29.40
N LYS A 413 23.74 -7.44 29.89
CA LYS A 413 24.79 -6.54 30.37
C LYS A 413 26.18 -6.95 29.94
N SER A 414 27.06 -5.97 29.76
CA SER A 414 28.49 -6.23 29.67
C SER A 414 29.29 -5.43 30.70
N SER A 415 30.59 -5.72 30.76
CA SER A 415 31.53 -5.00 31.61
C SER A 415 31.96 -3.65 31.05
N TYR A 416 32.30 -3.64 29.77
CA TYR A 416 33.01 -2.52 29.17
C TYR A 416 32.07 -1.49 28.53
N CYS A 417 30.79 -1.86 28.40
CA CYS A 417 29.84 -1.01 27.71
C CYS A 417 28.49 -0.99 28.42
N SER A 418 28.03 0.21 28.76
CA SER A 418 26.76 0.37 29.47
C SER A 418 25.60 0.06 28.52
N HIS A 419 24.57 -0.59 29.03
CA HIS A 419 23.33 -0.77 28.29
C HIS A 419 22.22 0.18 28.73
N MET A 420 22.00 1.23 27.94
CA MET A 420 21.06 2.26 28.32
C MET A 420 19.71 2.09 27.62
N ASP A 421 18.81 1.37 28.26
CA ASP A 421 17.47 1.20 27.71
C ASP A 421 16.68 2.45 28.06
N CYS A 422 16.40 3.27 27.06
CA CYS A 422 15.72 4.55 27.30
C CYS A 422 14.33 4.41 27.90
N PHE A 423 13.66 3.31 27.59
CA PHE A 423 12.33 3.02 28.16
C PHE A 423 12.31 3.01 29.69
N ARG A 424 13.39 2.53 30.32
CA ARG A 424 13.51 2.52 31.77
C ARG A 424 13.54 3.92 32.39
N TRP A 425 14.28 4.81 31.73
CA TRP A 425 14.40 6.20 32.13
C TRP A 425 13.03 6.84 31.95
N VAL A 426 12.41 6.53 30.83
CA VAL A 426 11.04 6.98 30.53
C VAL A 426 10.12 6.61 31.69
N LYS A 427 10.15 5.35 32.10
CA LYS A 427 9.24 4.89 33.14
C LYS A 427 9.54 5.51 34.51
N ARG A 428 10.81 5.75 34.81
CA ARG A 428 11.16 6.19 36.17
C ARG A 428 11.13 7.72 36.36
N ASP A 429 11.66 8.46 35.40
CA ASP A 429 12.04 9.86 35.62
C ASP A 429 11.34 10.87 34.70
N SER A 430 10.73 10.37 33.63
CA SER A 430 10.15 11.21 32.57
C SER A 430 8.85 11.95 32.88
N TYR A 431 8.07 11.52 33.88
CA TYR A 431 6.73 12.07 34.12
C TYR A 431 5.72 11.79 33.01
N LEU A 432 5.91 10.74 32.24
CA LEU A 432 4.92 10.44 31.23
C LEU A 432 3.85 9.42 31.66
N PRO A 433 2.61 9.62 31.19
CA PRO A 433 1.41 8.78 31.25
C PRO A 433 1.57 7.46 30.50
N GLN A 434 0.87 6.40 30.91
CA GLN A 434 0.99 5.10 30.24
C GLN A 434 0.68 5.29 28.76
N GLY A 435 -0.21 6.23 28.47
CA GLY A 435 -0.57 6.65 27.14
C GLY A 435 0.61 7.21 26.35
N SER A 436 1.63 7.62 27.08
CA SER A 436 2.85 8.16 26.47
C SER A 436 4.09 7.30 26.67
N GLN A 437 3.92 5.99 26.80
CA GLN A 437 5.10 5.17 27.04
C GLN A 437 5.58 4.52 25.74
N GLY A 438 4.93 4.85 24.63
CA GLY A 438 5.41 4.49 23.31
C GLY A 438 6.60 5.31 22.84
N LEU A 439 7.39 4.78 21.93
CA LEU A 439 8.56 5.49 21.41
C LEU A 439 8.14 6.82 20.79
N LYS A 440 7.03 6.77 20.07
CA LYS A 440 6.43 7.90 19.37
C LYS A 440 6.06 9.08 20.28
N ALA A 441 5.27 8.81 21.31
CA ALA A 441 4.83 9.85 22.22
C ALA A 441 6.01 10.46 22.96
N VAL A 442 7.01 9.63 23.26
CA VAL A 442 8.20 10.13 23.91
C VAL A 442 8.94 11.05 22.94
N THR A 443 8.94 10.66 21.66
CA THR A 443 9.63 11.44 20.63
C THR A 443 8.98 12.82 20.54
N GLN A 444 7.66 12.83 20.48
CA GLN A 444 6.89 14.07 20.32
C GLN A 444 7.08 14.97 21.54
N SER A 445 7.03 14.35 22.71
CA SER A 445 7.12 15.08 23.98
C SER A 445 8.51 15.68 24.18
N LYS A 446 9.55 14.91 23.87
CA LYS A 446 10.90 15.24 24.33
C LYS A 446 11.74 15.86 23.23
N LEU A 447 11.52 15.45 21.99
CA LEU A 447 12.30 15.99 20.88
C LEU A 447 11.52 17.00 20.04
N GLY A 448 10.20 17.00 20.18
CA GLY A 448 9.39 18.12 19.73
C GLY A 448 9.07 18.00 18.25
N TYR A 449 8.94 16.77 17.76
CA TYR A 449 8.62 16.52 16.37
C TYR A 449 7.92 15.19 16.19
N ASN A 450 7.45 14.93 14.98
CA ASN A 450 6.55 13.82 14.70
C ASN A 450 7.24 12.77 13.84
N PRO A 451 7.61 11.63 14.45
CA PRO A 451 8.43 10.62 13.79
C PRO A 451 7.61 9.77 12.83
N ILE A 452 8.27 8.92 12.05
CA ILE A 452 7.58 8.05 11.11
C ILE A 452 6.83 6.95 11.86
N GLU A 453 5.60 6.67 11.43
CA GLU A 453 4.75 5.72 12.12
C GLU A 453 4.29 4.60 11.20
N LEU A 454 4.28 3.37 11.70
CA LEU A 454 3.88 2.22 10.90
C LEU A 454 3.22 1.15 11.75
N ASP A 455 2.05 0.69 11.33
CA ASP A 455 1.36 -0.39 12.04
C ASP A 455 2.25 -1.63 12.01
N PRO A 456 2.51 -2.23 13.19
CA PRO A 456 3.41 -3.39 13.26
C PRO A 456 2.96 -4.57 12.39
N GLU A 457 1.65 -4.76 12.31
CA GLU A 457 1.07 -5.79 11.45
C GLU A 457 1.42 -5.61 9.98
N LEU A 458 1.74 -4.38 9.59
CA LEU A 458 2.09 -4.10 8.20
C LEU A 458 3.57 -4.25 7.95
N MET A 459 4.35 -4.45 9.01
CA MET A 459 5.80 -4.41 8.87
C MET A 459 6.33 -5.60 8.10
N THR A 460 5.79 -6.78 8.40
CA THR A 460 6.21 -7.99 7.71
C THR A 460 5.85 -8.01 6.21
N PRO A 461 4.56 -7.85 5.84
CA PRO A 461 4.28 -7.80 4.40
C PRO A 461 5.06 -6.76 3.58
N TYR A 462 5.21 -5.56 4.13
CA TYR A 462 5.94 -4.49 3.45
C TYR A 462 7.41 -4.81 3.26
N ALA A 463 7.96 -5.63 4.17
CA ALA A 463 9.33 -6.12 4.05
C ALA A 463 9.52 -6.66 2.65
N PHE A 464 8.53 -7.44 2.21
CA PHE A 464 8.54 -7.98 0.86
C PHE A 464 8.11 -6.87 -0.10
N GLU A 465 6.99 -6.23 0.20
CA GLU A 465 6.31 -5.37 -0.77
C GLU A 465 6.81 -3.93 -0.83
N LYS A 466 7.17 -3.33 0.30
CA LYS A 466 7.58 -1.94 0.30
C LYS A 466 8.78 -1.63 1.19
N PRO A 467 9.96 -2.20 0.86
CA PRO A 467 11.14 -2.29 1.71
C PRO A 467 11.79 -0.95 2.02
N GLN A 468 11.65 0.01 1.10
CA GLN A 468 12.15 1.36 1.29
C GLN A 468 11.46 2.08 2.43
N HIS A 469 10.15 1.91 2.53
CA HIS A 469 9.38 2.58 3.57
C HIS A 469 9.76 2.01 4.93
N LEU A 470 9.82 0.68 4.99
CA LEU A 470 10.28 0.00 6.18
C LEU A 470 11.68 0.47 6.61
N SER A 471 12.56 0.69 5.64
CA SER A 471 13.91 1.09 6.00
C SER A 471 13.96 2.55 6.45
N GLU A 472 13.04 3.36 5.95
CA GLU A 472 12.93 4.74 6.39
C GLU A 472 12.44 4.77 7.82
N TYR A 473 11.51 3.87 8.14
CA TYR A 473 11.01 3.73 9.49
C TYR A 473 12.14 3.32 10.42
N SER A 474 12.88 2.29 10.00
CA SER A 474 13.97 1.74 10.79
C SER A 474 14.99 2.85 11.15
N VAL A 475 15.42 3.61 10.13
CA VAL A 475 16.46 4.59 10.42
C VAL A 475 15.87 5.76 11.21
N SER A 476 14.59 6.05 11.01
CA SER A 476 13.92 7.10 11.79
C SER A 476 13.96 6.74 13.28
N ASP A 477 13.67 5.47 13.54
CA ASP A 477 13.82 4.85 14.85
C ASP A 477 15.21 5.06 15.43
N ALA A 478 16.24 4.81 14.62
CA ALA A 478 17.60 4.94 15.13
C ALA A 478 17.97 6.40 15.43
N VAL A 479 17.45 7.33 14.62
CA VAL A 479 17.74 8.75 14.83
C VAL A 479 17.09 9.19 16.13
N ALA A 480 15.83 8.80 16.30
CA ALA A 480 15.04 9.19 17.46
C ALA A 480 15.73 8.66 18.71
N THR A 481 16.21 7.42 18.63
CA THR A 481 16.76 6.74 19.80
C THR A 481 18.07 7.44 20.17
N TYR A 482 18.88 7.72 19.16
CA TYR A 482 20.16 8.39 19.36
C TYR A 482 19.99 9.74 20.04
N TYR A 483 19.11 10.59 19.50
CA TYR A 483 19.06 11.94 20.01
C TYR A 483 18.27 12.02 21.32
N LEU A 484 17.34 11.08 21.50
CA LEU A 484 16.68 10.95 22.80
C LEU A 484 17.73 10.65 23.86
N TYR A 485 18.63 9.72 23.56
CA TYR A 485 19.70 9.40 24.50
C TYR A 485 20.64 10.59 24.75
N MET A 486 21.14 11.16 23.67
CA MET A 486 22.14 12.22 23.74
C MET A 486 21.68 13.55 24.36
N LYS A 487 20.44 13.95 24.11
CA LYS A 487 19.99 15.27 24.57
C LYS A 487 19.46 15.26 26.01
N TYR A 488 18.90 14.16 26.44
CA TYR A 488 18.23 14.07 27.73
C TYR A 488 18.85 13.06 28.70
N VAL A 489 19.08 11.85 28.24
CA VAL A 489 19.43 10.75 29.12
C VAL A 489 20.91 10.77 29.54
N HIS A 490 21.80 10.98 28.58
CA HIS A 490 23.25 10.92 28.84
C HIS A 490 23.71 11.93 29.91
N PRO A 491 23.45 13.25 29.70
CA PRO A 491 23.87 14.21 30.73
C PRO A 491 23.29 13.92 32.12
N PHE A 492 22.02 13.54 32.16
CA PHE A 492 21.33 13.31 33.41
C PHE A 492 21.92 12.13 34.16
N ILE A 493 22.00 10.98 33.49
CA ILE A 493 22.47 9.77 34.13
C ILE A 493 23.93 9.92 34.56
N PHE A 494 24.78 10.38 33.65
CA PHE A 494 26.20 10.56 33.99
C PHE A 494 26.47 11.60 35.09
N SER A 495 25.74 12.72 35.07
CA SER A 495 25.87 13.69 36.14
C SER A 495 25.40 13.13 37.47
N LEU A 496 24.28 12.40 37.45
CA LEU A 496 23.87 11.70 38.66
C LEU A 496 24.94 10.73 39.15
N CYS A 497 25.59 10.05 38.21
CA CYS A 497 26.75 9.20 38.50
C CYS A 497 27.90 9.94 39.16
N THR A 498 28.03 11.24 38.89
CA THR A 498 29.13 12.02 39.47
C THR A 498 29.01 12.24 40.98
N ILE A 499 27.85 11.94 41.55
CA ILE A 499 27.67 12.03 43.00
C ILE A 499 27.24 10.72 43.64
N ILE A 500 26.69 9.82 42.84
CA ILE A 500 26.26 8.51 43.32
C ILE A 500 27.25 7.41 42.94
N PRO A 501 27.56 6.53 43.90
CA PRO A 501 28.63 5.52 43.79
C PRO A 501 28.17 4.26 43.07
N LEU A 502 27.76 4.43 41.81
CA LEU A 502 27.20 3.35 41.01
C LEU A 502 27.64 3.55 39.56
N ASN A 503 27.60 2.48 38.77
CA ASN A 503 27.83 2.62 37.35
C ASN A 503 26.55 3.11 36.69
N PRO A 504 26.62 3.55 35.41
CA PRO A 504 25.41 4.05 34.74
C PRO A 504 24.19 3.11 34.71
N ASP A 505 24.41 1.84 34.37
CA ASP A 505 23.36 0.82 34.35
C ASP A 505 22.48 0.74 35.61
N GLU A 506 23.12 0.75 36.77
CA GLU A 506 22.41 0.52 38.02
C GLU A 506 21.66 1.78 38.39
N THR A 507 22.35 2.91 38.28
CA THR A 507 21.75 4.21 38.56
C THR A 507 20.53 4.41 37.65
N LEU A 508 20.61 3.90 36.43
CA LEU A 508 19.46 3.85 35.55
C LEU A 508 18.36 2.94 36.08
N ARG A 509 18.73 1.82 36.71
CA ARG A 509 17.73 0.77 36.93
C ARG A 509 17.21 0.68 38.36
N LYS A 510 18.00 1.13 39.35
CA LYS A 510 17.58 1.03 40.74
C LYS A 510 16.32 1.86 40.99
N GLY A 511 15.51 1.45 41.95
CA GLY A 511 14.42 2.28 42.42
C GLY A 511 14.95 3.62 42.88
N THR A 512 14.13 4.67 42.74
CA THR A 512 14.47 5.97 43.29
C THR A 512 14.71 5.93 44.79
N GLY A 513 13.97 5.07 45.49
CA GLY A 513 14.22 4.83 46.90
C GLY A 513 15.60 4.31 47.25
N THR A 514 16.11 3.37 46.45
CA THR A 514 17.45 2.85 46.69
C THR A 514 18.50 3.91 46.40
N LEU A 515 18.23 4.72 45.37
CA LEU A 515 19.07 5.85 45.03
C LEU A 515 19.18 6.79 46.21
N CYS A 516 18.03 7.09 46.79
CA CYS A 516 17.93 7.86 48.02
C CYS A 516 18.76 7.27 49.14
N GLU A 517 18.60 5.97 49.35
CA GLU A 517 19.38 5.26 50.37
C GLU A 517 20.87 5.53 50.17
N MET A 518 21.28 5.49 48.90
CA MET A 518 22.69 5.62 48.55
C MET A 518 23.17 7.04 48.84
N LEU A 519 22.34 8.03 48.49
CA LEU A 519 22.65 9.42 48.78
C LEU A 519 22.81 9.66 50.27
N LEU A 520 21.93 9.06 51.06
CA LEU A 520 21.97 9.28 52.50
C LEU A 520 23.21 8.60 53.06
N MET A 521 23.57 7.45 52.48
CA MET A 521 24.77 6.74 52.91
C MET A 521 26.01 7.58 52.63
N VAL A 522 26.02 8.24 51.48
CA VAL A 522 27.11 9.13 51.13
C VAL A 522 27.21 10.28 52.10
N GLN A 523 26.08 10.93 52.36
CA GLN A 523 26.05 12.09 53.25
C GLN A 523 26.49 11.77 54.67
N ALA A 524 26.15 10.58 55.15
CA ALA A 524 26.48 10.17 56.52
C ALA A 524 27.97 9.89 56.66
N SER B 27 -1.48 16.79 -45.93
CA SER B 27 -1.32 17.10 -47.35
C SER B 27 0.07 16.71 -47.83
N ASN B 28 0.99 17.66 -47.83
CA ASN B 28 2.37 17.41 -48.23
C ASN B 28 3.06 16.43 -47.28
N ASN B 29 2.83 16.62 -45.99
CA ASN B 29 3.36 15.72 -44.98
C ASN B 29 2.27 14.90 -44.32
N TYR B 30 2.45 13.59 -44.29
CA TYR B 30 1.49 12.69 -43.67
C TYR B 30 1.67 12.66 -42.16
N ALA B 31 1.58 13.82 -41.53
CA ALA B 31 1.72 13.93 -40.09
C ALA B 31 0.43 13.53 -39.38
N LEU B 32 -0.59 13.21 -40.16
CA LEU B 32 -1.84 12.69 -39.60
C LEU B 32 -1.77 11.17 -39.41
N SER B 33 -0.98 10.50 -40.25
CA SER B 33 -0.55 9.13 -39.97
C SER B 33 -0.19 8.89 -38.51
N ALA B 34 0.80 9.66 -38.03
CA ALA B 34 1.36 9.48 -36.70
C ALA B 34 0.35 9.78 -35.60
N GLN B 35 -0.64 10.60 -35.95
CA GLN B 35 -1.73 10.89 -35.03
C GLN B 35 -2.74 9.76 -34.97
N GLN B 36 -3.07 9.18 -36.12
CA GLN B 36 -3.90 7.98 -36.09
C GLN B 36 -3.18 6.85 -35.36
N LEU B 37 -1.86 6.83 -35.45
CA LEU B 37 -1.07 5.85 -34.71
C LEU B 37 -1.07 6.12 -33.21
N LEU B 38 -1.16 7.40 -32.86
CA LEU B 38 -1.23 7.75 -31.45
C LEU B 38 -2.57 7.37 -30.87
N ASN B 39 -3.63 7.63 -31.63
CA ASN B 39 -4.97 7.24 -31.20
C ASN B 39 -5.08 5.73 -31.10
N ALA B 40 -4.49 5.05 -32.07
CA ALA B 40 -4.41 3.59 -32.07
C ALA B 40 -3.73 3.06 -30.82
N SER B 41 -2.65 3.72 -30.43
CA SER B 41 -1.83 3.29 -29.30
C SER B 41 -2.52 3.54 -27.96
N LYS B 42 -3.22 4.67 -27.89
CA LYS B 42 -4.12 4.96 -26.79
C LYS B 42 -5.24 3.92 -26.66
N ILE B 43 -5.80 3.52 -27.80
CA ILE B 43 -6.82 2.49 -27.79
C ILE B 43 -6.24 1.16 -27.34
N ASP B 44 -5.03 0.85 -27.78
CA ASP B 44 -4.31 -0.33 -27.30
C ASP B 44 -4.12 -0.32 -25.79
N ASP B 45 -3.83 0.84 -25.22
CA ASP B 45 -3.65 0.96 -23.78
C ASP B 45 -4.95 0.78 -23.02
N ILE B 46 -6.00 1.42 -23.51
CA ILE B 46 -7.35 1.21 -22.97
C ILE B 46 -7.74 -0.27 -22.99
N ASP B 47 -7.54 -0.90 -24.14
CA ASP B 47 -7.89 -2.29 -24.36
C ASP B 47 -7.14 -3.23 -23.42
N SER B 48 -5.85 -2.97 -23.26
CA SER B 48 -5.01 -3.79 -22.39
C SER B 48 -5.38 -3.60 -20.93
N MET B 49 -5.70 -2.36 -20.57
CA MET B 49 -6.20 -2.04 -19.23
C MET B 49 -7.47 -2.81 -18.86
N MET B 50 -8.32 -3.06 -19.86
CA MET B 50 -9.56 -3.79 -19.61
C MET B 50 -9.49 -5.29 -19.88
N GLY B 51 -8.29 -5.82 -20.08
CA GLY B 51 -8.13 -7.26 -20.13
C GLY B 51 -8.09 -7.83 -21.54
N PHE B 52 -7.89 -6.96 -22.52
CA PHE B 52 -7.76 -7.39 -23.90
C PHE B 52 -6.38 -7.08 -24.48
N GLU B 53 -5.41 -7.91 -24.09
CA GLU B 53 -4.09 -7.86 -24.68
C GLU B 53 -4.08 -8.53 -26.05
N ARG B 54 -3.20 -8.05 -26.93
CA ARG B 54 -3.06 -8.64 -28.26
C ARG B 54 -2.40 -10.01 -28.19
N TYR B 55 -3.12 -11.03 -28.63
CA TYR B 55 -2.56 -12.38 -28.74
C TYR B 55 -2.06 -12.66 -30.15
N VAL B 56 -0.83 -13.16 -30.23
CA VAL B 56 -0.23 -13.58 -31.50
C VAL B 56 0.10 -15.07 -31.45
N PRO B 57 -0.60 -15.87 -32.27
CA PRO B 57 -0.46 -17.33 -32.16
C PRO B 57 0.91 -17.78 -32.65
N PRO B 58 1.32 -19.02 -32.33
CA PRO B 58 2.67 -19.42 -32.74
C PRO B 58 2.75 -19.63 -34.24
N GLN B 59 3.92 -19.42 -34.84
CA GLN B 59 4.08 -19.82 -36.23
C GLN B 59 4.66 -21.21 -36.39
N TYR B 60 4.11 -21.97 -37.34
CA TYR B 60 4.64 -23.29 -37.67
C TYR B 60 4.25 -23.52 -39.13
N ASN B 61 4.93 -24.41 -39.84
CA ASN B 61 4.62 -24.60 -41.26
C ASN B 61 3.96 -25.94 -41.59
N GLY B 62 2.84 -25.90 -42.32
CA GLY B 62 2.08 -27.12 -42.59
C GLY B 62 0.93 -27.05 -43.57
N ARG B 63 0.09 -28.09 -43.52
CA ARG B 63 -1.05 -28.29 -44.42
C ARG B 63 -2.32 -27.57 -43.93
N PHE B 64 -2.78 -26.57 -44.67
CA PHE B 64 -4.06 -25.96 -44.38
C PHE B 64 -5.21 -26.98 -44.41
N ASP B 65 -5.69 -27.33 -43.22
CA ASP B 65 -6.81 -28.26 -43.09
C ASP B 65 -7.85 -27.71 -42.11
N ALA B 66 -9.13 -27.87 -42.43
CA ALA B 66 -10.18 -27.35 -41.56
C ALA B 66 -10.73 -28.40 -40.58
N LYS B 67 -10.41 -29.67 -40.83
CA LYS B 67 -11.01 -30.78 -40.07
C LYS B 67 -10.32 -31.17 -38.77
N ASP B 68 -9.01 -31.03 -38.72
CA ASP B 68 -8.26 -31.37 -37.52
C ASP B 68 -7.93 -30.15 -36.67
N ILE B 69 -8.86 -29.19 -36.68
CA ILE B 69 -8.65 -27.85 -36.10
C ILE B 69 -7.96 -27.89 -34.74
N ASP B 70 -8.29 -28.91 -33.94
CA ASP B 70 -7.84 -29.00 -32.57
C ASP B 70 -6.34 -29.30 -32.48
N GLN B 71 -5.78 -29.75 -33.59
CA GLN B 71 -4.34 -29.97 -33.68
C GLN B 71 -3.57 -28.67 -33.88
N ILE B 72 -4.09 -27.83 -34.76
CA ILE B 72 -3.38 -26.64 -35.25
C ILE B 72 -3.05 -25.71 -34.09
N PRO B 73 -1.83 -25.14 -34.06
CA PRO B 73 -1.48 -24.22 -32.97
C PRO B 73 -2.21 -22.88 -33.06
N GLY B 74 -2.72 -22.43 -31.93
CA GLY B 74 -3.43 -21.15 -31.86
C GLY B 74 -4.32 -21.12 -30.63
N ARG B 75 -5.28 -20.20 -30.60
CA ARG B 75 -6.11 -20.06 -29.40
C ARG B 75 -7.58 -19.88 -29.75
N VAL B 76 -8.42 -20.65 -29.09
CA VAL B 76 -9.87 -20.57 -29.32
C VAL B 76 -10.55 -19.47 -28.52
N GLY B 77 -11.43 -18.74 -29.21
CA GLY B 77 -12.12 -17.60 -28.65
C GLY B 77 -13.46 -17.36 -29.31
N TRP B 78 -14.39 -16.79 -28.55
CA TRP B 78 -15.67 -16.35 -29.08
C TRP B 78 -15.62 -14.88 -29.46
N LEU B 79 -15.90 -14.57 -30.73
CA LEU B 79 -15.73 -13.22 -31.22
C LEU B 79 -16.93 -12.35 -30.88
N THR B 80 -16.69 -11.20 -30.25
CA THR B 80 -17.78 -10.38 -29.75
C THR B 80 -17.80 -8.96 -30.31
N ASN B 81 -16.72 -8.53 -30.97
CA ASN B 81 -16.64 -7.19 -31.53
C ASN B 81 -15.49 -7.02 -32.52
N MET B 82 -15.52 -5.95 -33.30
CA MET B 82 -14.42 -5.63 -34.21
C MET B 82 -14.41 -4.16 -34.60
N HIS B 83 -13.22 -3.62 -34.81
CA HIS B 83 -13.04 -2.24 -35.26
C HIS B 83 -11.80 -2.10 -36.12
N ALA B 84 -11.88 -1.25 -37.15
CA ALA B 84 -10.69 -0.84 -37.89
C ALA B 84 -9.67 -0.16 -37.00
N THR B 85 -8.39 -0.35 -37.31
CA THR B 85 -7.32 0.31 -36.56
C THR B 85 -6.07 0.43 -37.41
N LEU B 86 -5.04 1.07 -36.88
CA LEU B 86 -3.78 1.20 -37.59
C LEU B 86 -2.62 0.77 -36.70
N VAL B 87 -1.71 -0.04 -37.25
CA VAL B 87 -0.70 -0.68 -36.43
C VAL B 87 0.70 -0.52 -37.05
N SER B 88 1.71 -0.36 -36.21
CA SER B 88 3.08 -0.31 -36.67
C SER B 88 3.61 -1.73 -36.81
N GLN B 89 4.66 -1.91 -37.61
CA GLN B 89 5.39 -3.17 -37.66
C GLN B 89 5.65 -3.71 -36.25
N GLU B 90 5.38 -4.99 -36.02
CA GLU B 90 5.86 -5.65 -34.82
C GLU B 90 6.14 -7.14 -34.99
N THR B 91 5.59 -7.74 -36.05
CA THR B 91 5.72 -9.18 -36.25
C THR B 91 6.71 -9.52 -37.38
N LEU B 92 7.48 -10.58 -37.15
CA LEU B 92 8.47 -11.02 -38.14
C LEU B 92 8.27 -12.49 -38.51
N SER B 93 7.42 -12.73 -39.50
CA SER B 93 7.13 -14.09 -39.95
C SER B 93 7.13 -14.19 -41.47
N SER B 94 7.47 -15.38 -41.97
CA SER B 94 7.48 -15.68 -43.41
C SER B 94 8.33 -14.68 -44.19
N GLY B 95 9.51 -14.36 -43.67
CA GLY B 95 10.41 -13.42 -44.32
C GLY B 95 10.82 -13.83 -45.71
N ARG B 107 15.39 0.66 -45.75
CA ARG B 107 14.51 1.22 -46.76
C ARG B 107 14.56 2.75 -46.74
N VAL B 108 13.39 3.37 -46.69
CA VAL B 108 13.31 4.84 -46.70
C VAL B 108 13.30 5.37 -45.26
N THR B 109 13.37 4.45 -44.29
CA THR B 109 13.41 4.77 -42.85
C THR B 109 12.19 5.53 -42.34
N THR B 110 11.03 5.25 -42.95
CA THR B 110 9.82 6.06 -42.81
C THR B 110 8.64 5.27 -42.24
N ASN B 111 8.34 5.55 -40.98
CA ASN B 111 7.29 4.88 -40.23
C ASN B 111 5.95 5.59 -40.33
N GLN B 112 4.89 4.84 -40.65
CA GLN B 112 3.57 5.40 -40.80
C GLN B 112 2.51 4.38 -40.36
N GLY B 113 2.87 3.11 -40.40
CA GLY B 113 1.94 2.02 -40.08
C GLY B 113 1.10 1.36 -41.15
N ILE B 114 0.62 0.18 -40.79
CA ILE B 114 -0.16 -0.73 -41.64
C ILE B 114 -1.61 -0.84 -41.18
N SER B 115 -2.56 -0.68 -42.09
CA SER B 115 -3.97 -0.82 -41.74
C SER B 115 -4.31 -2.29 -41.49
N GLY B 116 -5.16 -2.52 -40.50
CA GLY B 116 -5.70 -3.83 -40.21
C GLY B 116 -6.91 -3.75 -39.28
N VAL B 117 -7.36 -4.90 -38.80
CA VAL B 117 -8.54 -4.97 -37.94
C VAL B 117 -8.29 -5.79 -36.69
N ASP B 118 -8.72 -5.23 -35.56
CA ASP B 118 -8.70 -5.90 -34.26
C ASP B 118 -9.99 -6.69 -34.01
N PHE B 119 -9.82 -7.94 -33.64
CA PHE B 119 -10.93 -8.80 -33.24
C PHE B 119 -10.87 -9.11 -31.75
N TYR B 120 -12.00 -8.93 -31.08
CA TYR B 120 -12.10 -9.08 -29.63
C TYR B 120 -12.77 -10.40 -29.24
N PHE B 121 -12.08 -11.19 -28.42
CA PHE B 121 -12.53 -12.53 -28.09
C PHE B 121 -12.72 -12.72 -26.59
N LEU B 122 -13.71 -13.55 -26.24
CA LEU B 122 -13.84 -14.10 -24.89
C LEU B 122 -13.43 -15.56 -24.92
N ASP B 123 -12.56 -15.97 -23.99
CA ASP B 123 -12.11 -17.36 -24.00
C ASP B 123 -13.07 -18.28 -23.26
N GLU B 124 -12.78 -19.57 -23.33
CA GLU B 124 -13.56 -20.62 -22.69
C GLU B 124 -13.42 -20.68 -21.17
N GLU B 125 -12.44 -19.95 -20.63
CA GLU B 125 -12.15 -20.04 -19.20
C GLU B 125 -12.64 -18.84 -18.38
N GLY B 126 -13.55 -18.07 -18.94
CA GLY B 126 -14.00 -16.85 -18.29
C GLY B 126 -13.12 -15.64 -18.46
N GLY B 127 -12.11 -15.75 -19.32
CA GLY B 127 -11.21 -14.64 -19.57
C GLY B 127 -11.41 -14.08 -20.96
N SER B 128 -10.52 -13.20 -21.37
CA SER B 128 -10.69 -12.49 -22.64
C SER B 128 -9.34 -12.11 -23.23
N PHE B 129 -9.32 -11.90 -24.55
CA PHE B 129 -8.12 -11.40 -25.22
C PHE B 129 -8.51 -10.81 -26.56
N LYS B 130 -7.59 -10.09 -27.18
CA LYS B 130 -7.81 -9.61 -28.54
C LYS B 130 -6.70 -10.06 -29.47
N SER B 131 -7.00 -10.15 -30.76
CA SER B 131 -5.99 -10.53 -31.74
C SER B 131 -6.23 -9.78 -33.04
N THR B 132 -5.19 -9.63 -33.85
CA THR B 132 -5.22 -8.67 -34.95
C THR B 132 -4.93 -9.33 -36.29
N VAL B 133 -5.72 -8.95 -37.29
CA VAL B 133 -5.52 -9.43 -38.65
C VAL B 133 -5.11 -8.25 -39.52
N VAL B 134 -4.07 -8.43 -40.33
CA VAL B 134 -3.73 -7.43 -41.32
C VAL B 134 -4.19 -7.84 -42.72
N TYR B 135 -4.56 -6.84 -43.51
CA TYR B 135 -5.12 -7.05 -44.84
C TYR B 135 -4.94 -5.77 -45.64
N ASP B 136 -4.50 -5.92 -46.89
CA ASP B 136 -4.43 -4.80 -47.82
C ASP B 136 -5.83 -4.36 -48.25
N PRO B 137 -6.17 -3.09 -47.96
CA PRO B 137 -7.38 -2.48 -48.52
C PRO B 137 -7.30 -2.35 -50.04
N TYR B 138 -8.45 -2.45 -50.70
CA TYR B 138 -8.45 -2.44 -52.17
C TYR B 138 -9.74 -1.90 -52.78
N PHE B 139 -9.66 -1.44 -54.02
CA PHE B 139 -10.85 -1.16 -54.82
C PHE B 139 -10.53 -1.35 -56.30
N PHE B 140 -11.55 -1.32 -57.16
CA PHE B 140 -11.33 -1.67 -58.56
C PHE B 140 -11.54 -0.48 -59.49
N ILE B 141 -10.83 -0.48 -60.61
CA ILE B 141 -11.12 0.41 -61.74
C ILE B 141 -11.67 -0.35 -62.94
N ALA B 142 -12.76 0.10 -63.54
CA ALA B 142 -13.22 -0.53 -64.77
C ALA B 142 -12.84 0.30 -65.98
N CYS B 143 -12.54 -0.37 -67.09
CA CYS B 143 -12.21 0.30 -68.34
C CYS B 143 -13.32 0.04 -69.34
N ASN B 144 -13.59 1.00 -70.23
CA ASN B 144 -14.54 0.79 -71.31
C ASN B 144 -13.96 0.21 -72.60
N ASP B 145 -12.63 0.16 -72.69
CA ASP B 145 -11.99 -0.55 -73.80
C ASP B 145 -10.94 -1.51 -73.30
N GLU B 146 -11.30 -2.79 -73.30
CA GLU B 146 -10.43 -3.84 -72.82
C GLU B 146 -9.09 -3.87 -73.56
N SER B 147 -9.13 -3.68 -74.88
CA SER B 147 -7.94 -3.87 -75.69
C SER B 147 -6.78 -3.01 -75.20
N ARG B 148 -7.10 -1.84 -74.63
CA ARG B 148 -6.07 -0.94 -74.16
C ARG B 148 -6.06 -0.79 -72.64
N VAL B 149 -6.53 -1.80 -71.91
CA VAL B 149 -6.37 -1.81 -70.46
C VAL B 149 -4.93 -1.58 -70.04
N ASN B 150 -4.01 -2.15 -70.81
CA ASN B 150 -2.61 -2.01 -70.49
C ASN B 150 -2.16 -0.58 -70.55
N ASP B 151 -2.71 0.20 -71.48
CA ASP B 151 -2.35 1.59 -71.53
C ASP B 151 -2.87 2.31 -70.30
N VAL B 152 -4.06 1.92 -69.85
CA VAL B 152 -4.63 2.51 -68.65
C VAL B 152 -3.69 2.17 -67.52
N GLU B 153 -3.29 0.91 -67.48
CA GLU B 153 -2.36 0.43 -66.46
C GLU B 153 -1.13 1.32 -66.44
N GLU B 154 -0.57 1.54 -67.63
CA GLU B 154 0.65 2.32 -67.76
C GLU B 154 0.39 3.74 -67.29
N LEU B 155 -0.74 4.29 -67.68
CA LEU B 155 -1.10 5.61 -67.20
C LEU B 155 -1.13 5.66 -65.66
N VAL B 156 -1.82 4.71 -65.03
CA VAL B 156 -2.07 4.88 -63.61
C VAL B 156 -0.93 4.51 -62.64
N LYS B 157 -0.15 3.47 -62.96
CA LYS B 157 1.07 3.11 -62.22
C LYS B 157 1.89 4.33 -61.88
N LYS B 158 2.05 5.20 -62.89
CA LYS B 158 2.76 6.45 -62.72
C LYS B 158 1.85 7.47 -62.04
N TYR B 159 0.66 7.69 -62.59
CA TYR B 159 -0.28 8.64 -62.00
C TYR B 159 -0.57 8.41 -60.53
N LEU B 160 -0.59 7.15 -60.08
CA LEU B 160 -0.95 6.86 -58.70
C LEU B 160 0.25 6.40 -57.87
N GLU B 161 1.46 6.71 -58.34
CA GLU B 161 2.68 6.27 -57.68
C GLU B 161 2.77 6.64 -56.19
N SER B 162 2.23 7.81 -55.85
CA SER B 162 2.33 8.33 -54.49
C SER B 162 1.41 7.68 -53.46
N CYS B 163 0.46 6.86 -53.91
CA CYS B 163 -0.51 6.29 -52.99
C CYS B 163 -0.64 4.78 -53.12
N LEU B 164 -0.21 4.23 -54.25
CA LEU B 164 -0.58 2.88 -54.63
C LEU B 164 0.38 1.85 -54.03
N LYS B 165 -0.15 0.73 -53.55
CA LYS B 165 0.71 -0.33 -53.07
C LYS B 165 0.88 -1.35 -54.17
N SER B 166 -0.19 -1.62 -54.92
CA SER B 166 -0.10 -2.53 -56.06
C SER B 166 -1.35 -2.53 -56.93
N LEU B 167 -1.25 -3.25 -58.05
CA LEU B 167 -2.33 -3.33 -59.02
C LEU B 167 -2.24 -4.61 -59.82
N GLN B 168 -3.34 -5.09 -60.39
CA GLN B 168 -3.31 -6.38 -61.04
C GLN B 168 -4.53 -6.64 -61.94
N ILE B 169 -4.26 -7.39 -63.00
CA ILE B 169 -5.20 -7.76 -64.05
C ILE B 169 -5.96 -9.08 -63.86
N ILE B 170 -7.27 -9.06 -63.99
CA ILE B 170 -8.07 -10.27 -63.85
C ILE B 170 -9.14 -10.28 -64.95
N ARG B 171 -8.79 -10.86 -66.09
CA ARG B 171 -9.66 -10.88 -67.26
C ARG B 171 -11.06 -11.42 -66.99
N LYS B 172 -11.16 -12.69 -66.64
CA LYS B 172 -12.42 -13.25 -66.19
C LYS B 172 -12.30 -14.02 -64.89
N GLU B 173 -13.35 -13.95 -64.09
CA GLU B 173 -13.35 -14.51 -62.74
C GLU B 173 -14.73 -15.04 -62.38
N ASP B 174 -14.98 -15.21 -61.08
CA ASP B 174 -16.26 -15.72 -60.62
C ASP B 174 -16.93 -14.75 -59.64
N LEU B 175 -16.26 -14.49 -58.52
CA LEU B 175 -16.80 -13.63 -57.49
C LEU B 175 -16.57 -12.15 -57.81
N ASN B 179 -21.48 -13.80 -57.68
CA ASN B 179 -21.51 -12.42 -57.20
C ASN B 179 -22.22 -11.49 -58.18
N HIS B 180 -21.57 -11.24 -59.30
CA HIS B 180 -22.13 -10.44 -60.39
C HIS B 180 -22.48 -9.01 -59.96
N LEU B 181 -21.77 -8.48 -58.97
CA LEU B 181 -21.79 -7.04 -58.75
C LEU B 181 -20.75 -6.43 -59.67
N LEU B 182 -19.97 -7.31 -60.29
CA LEU B 182 -18.96 -6.95 -61.27
C LEU B 182 -19.43 -7.69 -62.53
N GLY B 183 -20.73 -7.59 -62.72
CA GLY B 183 -21.51 -8.28 -63.74
C GLY B 183 -21.54 -7.75 -65.15
N LEU B 184 -20.93 -6.59 -65.40
CA LEU B 184 -20.75 -6.14 -66.77
C LEU B 184 -19.51 -6.74 -67.44
N GLN B 185 -19.27 -6.33 -68.68
CA GLN B 185 -18.31 -6.99 -69.55
C GLN B 185 -16.97 -6.27 -69.50
N LYS B 186 -16.92 -5.16 -68.79
CA LYS B 186 -15.69 -4.43 -68.59
C LYS B 186 -14.78 -5.21 -67.64
N THR B 187 -13.50 -5.30 -67.99
CA THR B 187 -12.54 -6.05 -67.19
C THR B 187 -11.86 -5.10 -66.21
N LEU B 188 -11.82 -5.49 -64.94
CA LEU B 188 -11.30 -4.58 -63.93
C LEU B 188 -9.80 -4.68 -63.64
N ILE B 189 -9.29 -3.56 -63.15
CA ILE B 189 -7.99 -3.41 -62.52
C ILE B 189 -8.17 -3.47 -61.01
N LYS B 190 -7.64 -4.51 -60.36
CA LYS B 190 -7.67 -4.51 -58.90
C LYS B 190 -6.51 -3.71 -58.32
N LEU B 191 -6.86 -2.74 -57.47
CA LEU B 191 -5.91 -1.82 -56.85
C LEU B 191 -5.79 -2.03 -55.34
N SER B 192 -4.59 -2.33 -54.87
CA SER B 192 -4.38 -2.53 -53.44
C SER B 192 -3.53 -1.39 -52.88
N PHE B 193 -3.69 -1.15 -51.57
CA PHE B 193 -3.13 0.03 -50.90
C PHE B 193 -2.57 -0.29 -49.52
N VAL B 194 -1.68 0.56 -49.03
CA VAL B 194 -1.04 0.33 -47.75
C VAL B 194 -2.01 0.67 -46.61
N ASN B 195 -2.83 1.70 -46.82
CA ASN B 195 -3.83 2.08 -45.82
C ASN B 195 -5.03 2.85 -46.35
N SER B 196 -5.99 3.11 -45.46
CA SER B 196 -7.25 3.73 -45.82
C SER B 196 -7.09 5.17 -46.29
N ASN B 197 -6.17 5.89 -45.66
CA ASN B 197 -5.82 7.25 -46.07
C ASN B 197 -5.35 7.36 -47.51
N GLN B 198 -4.47 6.45 -47.93
CA GLN B 198 -3.97 6.52 -49.29
C GLN B 198 -5.11 6.22 -50.25
N LEU B 199 -5.97 5.28 -49.86
CA LEU B 199 -7.15 4.94 -50.66
C LEU B 199 -7.98 6.20 -50.87
N PHE B 200 -8.17 6.95 -49.78
CA PHE B 200 -9.03 8.14 -49.81
C PHE B 200 -8.41 9.26 -50.63
N GLU B 201 -7.08 9.32 -50.63
CA GLU B 201 -6.36 10.24 -51.50
C GLU B 201 -6.54 9.84 -52.95
N ALA B 202 -6.57 8.52 -53.20
CA ALA B 202 -6.78 8.03 -54.54
C ALA B 202 -8.17 8.44 -55.00
N ARG B 203 -9.15 8.35 -54.09
CA ARG B 203 -10.53 8.67 -54.45
C ARG B 203 -10.62 10.16 -54.77
N LYS B 204 -9.91 10.96 -53.98
CA LYS B 204 -9.85 12.40 -54.20
C LYS B 204 -9.19 12.77 -55.54
N LEU B 205 -8.17 12.00 -55.92
CA LEU B 205 -7.53 12.16 -57.24
C LEU B 205 -8.38 11.70 -58.43
N LEU B 206 -9.18 10.66 -58.24
CA LEU B 206 -9.95 10.07 -59.34
C LEU B 206 -11.30 10.74 -59.55
N ARG B 207 -11.87 11.25 -58.46
CA ARG B 207 -13.19 11.87 -58.51
C ARG B 207 -13.34 13.04 -59.50
N PRO B 208 -12.34 13.94 -59.61
CA PRO B 208 -12.56 15.01 -60.60
C PRO B 208 -12.65 14.51 -62.04
N ILE B 209 -11.83 13.52 -62.38
CA ILE B 209 -11.86 12.91 -63.71
C ILE B 209 -13.24 12.33 -63.99
N LEU B 210 -13.76 11.61 -63.00
CA LEU B 210 -15.04 10.91 -63.15
C LEU B 210 -16.22 11.87 -63.25
N GLN B 211 -16.16 12.93 -62.45
CA GLN B 211 -17.05 14.07 -62.56
C GLN B 211 -17.07 14.73 -63.93
N ASP B 212 -15.92 15.27 -64.33
CA ASP B 212 -15.77 15.90 -65.64
C ASP B 212 -16.32 15.03 -66.77
N ASN B 213 -15.97 13.74 -66.77
CA ASN B 213 -16.47 12.78 -67.77
C ASN B 213 -18.00 12.63 -67.77
N ALA B 214 -18.73 13.71 -68.01
CA ALA B 214 -20.20 13.71 -67.96
C ALA B 214 -20.82 13.29 -69.27
N ASN B 215 -19.97 13.32 -70.28
CA ASN B 215 -20.35 13.27 -71.65
C ASN B 215 -20.24 11.86 -72.29
N ASN B 216 -21.40 11.29 -72.66
CA ASN B 216 -21.47 9.88 -73.13
C ASN B 216 -20.69 9.60 -74.41
N ASN B 217 -20.44 8.35 -74.72
CA ASN B 217 -19.91 7.99 -76.04
C ASN B 217 -21.03 7.97 -77.07
N VAL B 218 -21.40 9.16 -77.55
CA VAL B 218 -22.42 9.33 -78.58
C VAL B 218 -21.88 8.87 -79.95
N GLN B 219 -20.58 8.57 -79.99
CA GLN B 219 -19.85 8.37 -81.25
C GLN B 219 -20.20 9.35 -82.37
N ARG B 220 -20.11 10.64 -82.09
CA ARG B 220 -20.58 11.65 -83.02
C ARG B 220 -19.56 12.77 -83.17
N HIS B 237 -8.72 10.09 -72.88
CA HIS B 237 -8.45 9.01 -71.94
C HIS B 237 -9.72 8.29 -71.54
N LEU B 238 -9.75 6.98 -71.80
CA LEU B 238 -10.89 6.17 -71.40
C LEU B 238 -10.72 5.66 -69.97
N ILE B 239 -11.73 5.94 -69.15
CA ILE B 239 -11.81 5.48 -67.76
C ILE B 239 -13.27 5.30 -67.33
N GLU B 240 -13.75 4.06 -67.32
CA GLU B 240 -15.13 3.85 -66.94
C GLU B 240 -15.21 3.96 -65.42
N ASP B 241 -16.27 4.61 -64.95
CA ASP B 241 -16.60 4.87 -63.53
C ASP B 241 -16.22 3.79 -62.53
N ILE B 242 -16.47 4.08 -61.26
CA ILE B 242 -16.36 3.04 -60.26
C ILE B 242 -17.69 2.61 -59.70
N ARG B 243 -17.72 1.32 -59.36
CA ARG B 243 -18.94 0.59 -59.09
C ARG B 243 -19.73 1.17 -57.94
N GLU B 244 -21.04 1.10 -58.09
CA GLU B 244 -22.02 1.60 -57.14
C GLU B 244 -21.78 1.27 -55.66
N TYR B 245 -20.88 0.34 -55.33
CA TYR B 245 -20.83 -0.08 -53.94
C TYR B 245 -19.71 0.64 -53.18
N ASP B 246 -19.97 0.84 -51.88
CA ASP B 246 -19.12 1.61 -50.99
C ASP B 246 -18.83 0.75 -49.76
N VAL B 247 -17.81 -0.11 -49.85
CA VAL B 247 -17.47 -0.95 -48.72
C VAL B 247 -16.53 -0.45 -47.62
N PRO B 248 -17.01 -0.47 -46.36
CA PRO B 248 -16.33 -0.01 -45.15
C PRO B 248 -15.12 -0.91 -44.86
N TYR B 249 -13.99 -0.41 -44.37
CA TYR B 249 -12.79 -1.26 -44.36
C TYR B 249 -12.94 -2.51 -43.47
N HIS B 250 -13.48 -2.31 -42.28
CA HIS B 250 -13.70 -3.41 -41.34
C HIS B 250 -14.65 -4.45 -41.91
N VAL B 251 -15.62 -3.95 -42.68
CA VAL B 251 -16.60 -4.79 -43.35
C VAL B 251 -15.91 -5.58 -44.45
N ARG B 252 -15.03 -4.90 -45.18
CA ARG B 252 -14.30 -5.49 -46.30
C ARG B 252 -13.49 -6.68 -45.79
N VAL B 253 -12.91 -6.50 -44.61
CA VAL B 253 -12.14 -7.56 -43.96
C VAL B 253 -13.02 -8.70 -43.46
N SER B 254 -14.11 -8.36 -42.77
CA SER B 254 -15.08 -9.34 -42.29
C SER B 254 -15.60 -10.22 -43.41
N ILE B 255 -15.85 -9.61 -44.57
CA ILE B 255 -16.32 -10.31 -45.76
C ILE B 255 -15.23 -11.19 -46.33
N ASP B 256 -14.06 -10.63 -46.58
CA ASP B 256 -13.01 -11.34 -47.31
C ASP B 256 -12.45 -12.53 -46.52
N LYS B 257 -12.38 -12.42 -45.20
CA LYS B 257 -11.87 -13.53 -44.38
C LYS B 257 -12.95 -14.51 -43.95
N ASP B 258 -14.22 -14.15 -44.17
CA ASP B 258 -15.37 -14.99 -43.82
C ASP B 258 -15.39 -15.27 -42.32
N ILE B 259 -15.31 -14.20 -41.55
CA ILE B 259 -15.32 -14.26 -40.10
C ILE B 259 -16.60 -13.58 -39.63
N ARG B 260 -17.28 -14.16 -38.64
CA ARG B 260 -18.48 -13.51 -38.11
C ARG B 260 -18.55 -13.52 -36.59
N VAL B 261 -18.89 -12.37 -36.03
CA VAL B 261 -19.16 -12.24 -34.60
C VAL B 261 -20.26 -13.22 -34.19
N GLY B 262 -20.16 -13.79 -32.99
CA GLY B 262 -21.15 -14.74 -32.52
C GLY B 262 -20.75 -16.18 -32.78
N LYS B 263 -19.74 -16.35 -33.64
CA LYS B 263 -19.17 -17.65 -33.90
C LYS B 263 -17.86 -17.86 -33.17
N TRP B 264 -17.41 -19.10 -33.10
CA TRP B 264 -16.21 -19.46 -32.36
C TRP B 264 -15.09 -19.70 -33.34
N TYR B 265 -13.90 -19.19 -33.02
CA TYR B 265 -12.77 -19.35 -33.92
C TYR B 265 -11.54 -19.77 -33.15
N LYS B 266 -10.70 -20.60 -33.75
CA LYS B 266 -9.32 -20.68 -33.32
C LYS B 266 -8.46 -19.71 -34.13
N VAL B 267 -7.81 -18.80 -33.43
CA VAL B 267 -6.89 -17.88 -34.05
C VAL B 267 -5.52 -18.52 -34.24
N THR B 268 -5.10 -18.56 -35.50
CA THR B 268 -3.89 -19.26 -35.93
C THR B 268 -3.09 -18.38 -36.88
N GLN B 269 -1.87 -18.79 -37.18
CA GLN B 269 -1.03 -18.05 -38.11
C GLN B 269 -1.64 -18.06 -39.49
N GLN B 270 -2.32 -19.16 -39.80
CA GLN B 270 -3.02 -19.31 -41.06
C GLN B 270 -4.24 -18.41 -41.14
N GLY B 271 -4.74 -18.00 -39.96
CA GLY B 271 -5.93 -17.17 -39.92
C GLY B 271 -6.92 -17.73 -38.91
N PHE B 272 -8.15 -17.24 -38.97
CA PHE B 272 -9.18 -17.61 -38.02
C PHE B 272 -9.89 -18.85 -38.56
N ILE B 273 -9.99 -19.89 -37.74
CA ILE B 273 -10.65 -21.12 -38.15
C ILE B 273 -11.97 -21.36 -37.41
N GLU B 274 -13.06 -21.29 -38.16
CA GLU B 274 -14.41 -21.49 -37.62
C GLU B 274 -14.61 -22.87 -36.99
N ASP B 275 -15.12 -22.89 -35.76
CA ASP B 275 -15.56 -24.13 -35.13
C ASP B 275 -17.05 -24.37 -35.37
N THR B 276 -17.35 -25.16 -36.39
CA THR B 276 -18.72 -25.56 -36.72
C THR B 276 -19.40 -26.43 -35.66
N ARG B 277 -18.60 -26.97 -34.75
CA ARG B 277 -19.13 -27.77 -33.64
C ARG B 277 -19.79 -26.95 -32.53
N LYS B 278 -19.39 -25.69 -32.37
CA LYS B 278 -19.95 -24.85 -31.32
C LYS B 278 -20.95 -23.84 -31.89
N ILE B 279 -22.20 -23.92 -31.40
CA ILE B 279 -23.25 -23.01 -31.82
C ILE B 279 -23.80 -22.14 -30.68
N ALA B 280 -24.06 -22.76 -29.53
CA ALA B 280 -24.45 -22.02 -28.32
C ALA B 280 -23.51 -20.85 -28.04
N PHE B 281 -24.10 -19.67 -27.85
CA PHE B 281 -23.32 -18.47 -27.54
C PHE B 281 -22.60 -18.56 -26.20
N ALA B 282 -21.45 -17.90 -26.09
CA ALA B 282 -20.86 -17.59 -24.80
C ALA B 282 -21.62 -16.49 -24.05
N ASP B 283 -21.17 -16.20 -22.83
CA ASP B 283 -21.89 -15.26 -21.97
C ASP B 283 -21.04 -14.04 -21.68
N PRO B 284 -21.32 -12.92 -22.37
CA PRO B 284 -20.61 -11.67 -22.11
C PRO B 284 -20.91 -11.11 -20.72
N VAL B 285 -20.04 -10.24 -20.20
CA VAL B 285 -20.41 -9.43 -19.06
C VAL B 285 -21.33 -8.32 -19.55
N VAL B 286 -22.54 -8.24 -18.97
CA VAL B 286 -23.52 -7.28 -19.44
C VAL B 286 -23.91 -6.23 -18.41
N MET B 287 -23.75 -4.96 -18.78
CA MET B 287 -24.20 -3.87 -17.93
C MET B 287 -25.30 -3.06 -18.62
N ALA B 288 -26.37 -2.75 -17.91
CA ALA B 288 -27.37 -1.83 -18.42
C ALA B 288 -27.50 -0.68 -17.44
N PHE B 289 -27.62 0.57 -17.90
CA PHE B 289 -27.77 1.64 -16.93
C PHE B 289 -28.74 2.76 -17.30
N ALA B 290 -29.26 3.43 -16.27
CA ALA B 290 -30.07 4.62 -16.44
C ALA B 290 -29.64 5.63 -15.38
N ILE B 291 -29.49 6.88 -15.78
CA ILE B 291 -29.25 7.98 -14.85
C ILE B 291 -30.47 8.85 -14.54
N ALA B 292 -30.47 9.46 -13.37
CA ALA B 292 -31.46 10.46 -13.01
C ALA B 292 -30.74 11.77 -12.64
N THR B 293 -31.23 12.85 -13.24
CA THR B 293 -30.70 14.21 -13.11
C THR B 293 -31.72 15.25 -12.67
N THR B 294 -31.23 16.36 -12.12
CA THR B 294 -32.08 17.52 -11.83
C THR B 294 -32.49 18.24 -13.12
N LYS B 295 -33.52 19.07 -13.01
CA LYS B 295 -33.91 19.97 -14.09
C LYS B 295 -34.76 21.13 -13.55
N PRO B 296 -34.83 22.24 -14.29
CA PRO B 296 -35.75 23.31 -13.87
C PRO B 296 -37.21 22.98 -14.14
N PRO B 297 -38.13 23.57 -13.36
CA PRO B 297 -39.57 23.49 -13.55
C PRO B 297 -40.03 23.84 -14.97
N LEU B 298 -40.89 22.99 -15.53
CA LEU B 298 -41.45 23.17 -16.88
C LEU B 298 -40.42 23.25 -17.99
N LYS B 299 -39.14 23.02 -17.69
CA LYS B 299 -38.13 22.98 -18.74
C LYS B 299 -37.46 21.62 -18.83
N PHE B 300 -36.57 21.48 -19.82
CA PHE B 300 -35.81 20.26 -20.03
C PHE B 300 -34.52 20.30 -19.22
N PRO B 301 -33.99 19.12 -18.85
CA PRO B 301 -32.67 19.06 -18.21
C PRO B 301 -31.60 19.72 -19.07
N ASP B 302 -30.72 20.52 -18.46
CA ASP B 302 -29.61 21.09 -19.20
C ASP B 302 -28.30 20.78 -18.46
N SER B 303 -27.41 20.08 -19.15
CA SER B 303 -26.24 19.48 -18.51
C SER B 303 -25.18 20.51 -18.15
N ALA B 304 -25.30 21.71 -18.70
CA ALA B 304 -24.44 22.83 -18.33
C ALA B 304 -24.61 23.30 -16.88
N VAL B 305 -25.81 23.11 -16.31
CA VAL B 305 -26.08 23.61 -14.97
C VAL B 305 -26.76 22.61 -14.04
N ASP B 306 -27.58 21.72 -14.61
CA ASP B 306 -28.24 20.69 -13.81
C ASP B 306 -27.29 19.56 -13.45
N GLN B 307 -27.59 18.87 -12.35
CA GLN B 307 -26.69 17.84 -11.82
C GLN B 307 -27.33 16.46 -11.87
N ILE B 308 -26.49 15.44 -11.92
CA ILE B 308 -26.96 14.07 -11.76
C ILE B 308 -27.19 13.81 -10.28
N MET B 309 -28.35 13.29 -9.92
CA MET B 309 -28.64 13.01 -8.52
C MET B 309 -28.52 11.53 -8.20
N MET B 310 -28.79 10.67 -9.18
CA MET B 310 -28.59 9.23 -8.99
C MET B 310 -28.18 8.54 -10.28
N ILE B 311 -27.42 7.46 -10.17
CA ILE B 311 -27.27 6.52 -11.29
C ILE B 311 -27.59 5.08 -10.90
N SER B 312 -28.61 4.51 -11.53
CA SER B 312 -28.93 3.10 -11.35
C SER B 312 -28.38 2.25 -12.49
N TYR B 313 -27.97 1.02 -12.17
CA TYR B 313 -27.53 0.07 -13.18
C TYR B 313 -27.64 -1.39 -12.75
N MET B 314 -27.55 -2.30 -13.72
CA MET B 314 -27.49 -3.72 -13.45
C MET B 314 -26.31 -4.38 -14.14
N ILE B 315 -25.70 -5.33 -13.43
CA ILE B 315 -24.62 -6.16 -13.95
C ILE B 315 -24.93 -7.64 -13.75
N ASP B 316 -25.12 -8.36 -14.86
CA ASP B 316 -25.41 -9.79 -14.85
C ASP B 316 -26.45 -10.19 -13.82
N GLY B 317 -27.50 -9.38 -13.70
CA GLY B 317 -28.67 -9.73 -12.92
C GLY B 317 -28.60 -9.22 -11.50
N GLU B 318 -27.57 -8.42 -11.22
CA GLU B 318 -27.40 -7.84 -9.89
C GLU B 318 -27.50 -6.32 -9.97
N GLY B 319 -28.31 -5.73 -9.11
CA GLY B 319 -28.55 -4.30 -9.20
C GLY B 319 -27.67 -3.46 -8.31
N PHE B 320 -27.38 -2.25 -8.79
CA PHE B 320 -26.59 -1.29 -8.05
C PHE B 320 -27.22 0.07 -8.24
N LEU B 321 -27.16 0.89 -7.19
CA LEU B 321 -27.62 2.26 -7.26
C LEU B 321 -26.66 3.22 -6.56
N ILE B 322 -26.18 4.22 -7.29
CA ILE B 322 -25.24 5.18 -6.75
C ILE B 322 -25.94 6.51 -6.53
N THR B 323 -25.64 7.17 -5.42
CA THR B 323 -26.43 8.30 -4.95
C THR B 323 -25.55 9.52 -4.70
N ASN B 324 -26.09 10.70 -5.01
CA ASN B 324 -25.40 11.97 -4.77
C ASN B 324 -26.05 12.72 -3.62
N ARG B 325 -25.44 12.61 -2.44
CA ARG B 325 -26.00 13.13 -1.18
C ARG B 325 -25.94 14.66 -1.05
N GLU B 326 -25.42 15.34 -2.06
CA GLU B 326 -25.61 16.78 -2.17
C GLU B 326 -27.07 17.10 -2.49
N ILE B 327 -27.79 16.12 -3.00
CA ILE B 327 -29.15 16.34 -3.49
C ILE B 327 -30.11 15.46 -2.71
N ILE B 328 -29.80 14.16 -2.65
CA ILE B 328 -30.59 13.20 -1.90
C ILE B 328 -30.38 13.38 -0.40
N SER B 329 -31.44 13.73 0.32
CA SER B 329 -31.30 14.27 1.67
C SER B 329 -31.17 13.19 2.74
N GLU B 330 -31.19 11.92 2.34
CA GLU B 330 -30.77 10.86 3.25
C GLU B 330 -30.13 9.67 2.54
N ASP B 331 -29.37 8.88 3.29
CA ASP B 331 -28.80 7.63 2.77
C ASP B 331 -29.88 6.62 2.43
N ILE B 332 -29.90 6.13 1.19
CA ILE B 332 -30.84 5.08 0.83
C ILE B 332 -30.26 3.72 1.21
N GLU B 333 -31.09 2.84 1.75
CA GLU B 333 -30.67 1.48 2.10
C GLU B 333 -30.98 0.43 1.04
N ASP B 334 -30.27 -0.69 1.14
CA ASP B 334 -30.39 -1.81 0.20
C ASP B 334 -31.79 -2.40 0.26
N PHE B 335 -32.37 -2.75 -0.88
CA PHE B 335 -33.68 -3.39 -0.86
C PHE B 335 -33.92 -4.22 -2.11
N GLU B 336 -35.00 -5.00 -2.08
CA GLU B 336 -35.31 -5.94 -3.15
C GLU B 336 -36.50 -5.35 -3.88
N TYR B 337 -36.43 -5.28 -5.20
CA TYR B 337 -37.61 -5.11 -6.04
C TYR B 337 -37.75 -6.07 -7.20
N THR B 338 -38.66 -7.02 -7.09
CA THR B 338 -38.73 -8.13 -8.04
C THR B 338 -40.20 -8.28 -8.44
N PRO B 339 -40.57 -7.65 -9.58
CA PRO B 339 -41.99 -7.57 -9.96
C PRO B 339 -42.49 -8.85 -10.63
N LYS B 340 -41.56 -9.68 -11.07
CA LYS B 340 -41.86 -11.02 -11.56
C LYS B 340 -40.66 -11.90 -11.24
N PRO B 341 -40.89 -13.20 -11.00
CA PRO B 341 -39.77 -14.10 -10.70
C PRO B 341 -38.70 -14.08 -11.78
N GLU B 342 -39.13 -13.97 -13.02
CA GLU B 342 -38.24 -13.76 -14.16
C GLU B 342 -37.27 -12.59 -13.98
N TYR B 343 -37.72 -11.56 -13.28
CA TYR B 343 -36.94 -10.33 -13.12
C TYR B 343 -36.40 -10.02 -11.72
N PRO B 344 -35.45 -10.83 -11.21
CA PRO B 344 -34.96 -10.56 -9.85
C PRO B 344 -34.29 -9.19 -9.79
N GLY B 345 -34.49 -8.44 -8.71
CA GLY B 345 -33.71 -7.23 -8.51
C GLY B 345 -33.22 -6.95 -7.11
N PHE B 346 -32.03 -7.44 -6.77
CA PHE B 346 -31.44 -7.12 -5.48
C PHE B 346 -30.49 -5.94 -5.69
N PHE B 347 -30.80 -4.80 -5.09
CA PHE B 347 -29.97 -3.62 -5.27
C PHE B 347 -29.03 -3.28 -4.12
N THR B 348 -27.76 -3.08 -4.44
CA THR B 348 -26.79 -2.58 -3.48
C THR B 348 -26.61 -1.06 -3.66
N ILE B 349 -26.54 -0.32 -2.55
CA ILE B 349 -26.54 1.13 -2.61
C ILE B 349 -25.15 1.70 -2.30
N PHE B 350 -24.78 2.75 -3.03
CA PHE B 350 -23.54 3.49 -2.79
C PHE B 350 -23.87 4.96 -2.57
N ASN B 351 -24.00 5.35 -1.30
CA ASN B 351 -24.27 6.73 -0.94
C ASN B 351 -23.01 7.57 -0.92
N GLU B 352 -22.82 8.38 -1.96
CA GLU B 352 -21.61 9.17 -2.10
C GLU B 352 -21.87 10.59 -1.64
N ASN B 353 -20.82 11.28 -1.19
CA ASN B 353 -21.00 12.57 -0.54
C ASN B 353 -21.41 13.62 -1.56
N ASP B 354 -20.90 13.49 -2.78
CA ASP B 354 -21.19 14.48 -3.82
C ASP B 354 -21.11 13.88 -5.22
N GLU B 355 -21.16 14.75 -6.23
CA GLU B 355 -21.35 14.32 -7.61
C GLU B 355 -20.10 13.62 -8.13
N VAL B 356 -18.95 14.20 -7.82
CA VAL B 356 -17.68 13.71 -8.33
C VAL B 356 -17.39 12.32 -7.77
N ALA B 357 -17.75 12.10 -6.52
CA ALA B 357 -17.53 10.81 -5.89
C ALA B 357 -18.39 9.77 -6.60
N LEU B 358 -19.65 10.13 -6.87
CA LEU B 358 -20.55 9.27 -7.62
C LEU B 358 -19.99 8.88 -8.98
N LEU B 359 -19.46 9.87 -9.70
CA LEU B 359 -18.81 9.62 -10.98
C LEU B 359 -17.60 8.70 -10.88
N GLN B 360 -16.78 8.92 -9.86
CA GLN B 360 -15.56 8.15 -9.71
C GLN B 360 -15.85 6.72 -9.29
N ARG B 361 -16.84 6.55 -8.43
CA ARG B 361 -17.34 5.23 -8.08
C ARG B 361 -17.89 4.52 -9.31
N PHE B 362 -18.53 5.27 -10.19
CA PHE B 362 -19.12 4.68 -11.39
C PHE B 362 -18.04 4.18 -12.34
N PHE B 363 -17.09 5.05 -12.64
CA PHE B 363 -15.98 4.72 -13.53
C PHE B 363 -15.15 3.58 -12.98
N GLU B 364 -14.82 3.68 -11.69
CA GLU B 364 -14.03 2.64 -11.04
C GLU B 364 -14.75 1.30 -11.04
N HIS B 365 -16.05 1.29 -10.74
CA HIS B 365 -16.82 0.06 -10.83
C HIS B 365 -16.84 -0.54 -12.23
N ILE B 366 -16.91 0.34 -13.23
CA ILE B 366 -16.89 -0.09 -14.62
C ILE B 366 -15.57 -0.75 -14.97
N ARG B 367 -14.47 -0.11 -14.57
CA ARG B 367 -13.15 -0.68 -14.73
C ARG B 367 -13.01 -2.02 -14.00
N ASP B 368 -13.61 -2.09 -12.81
CA ASP B 368 -13.64 -3.31 -12.01
C ASP B 368 -14.31 -4.48 -12.71
N VAL B 369 -15.46 -4.23 -13.33
CA VAL B 369 -16.27 -5.34 -13.83
C VAL B 369 -16.05 -5.63 -15.32
N ARG B 370 -15.54 -4.65 -16.04
CA ARG B 370 -15.18 -4.80 -17.46
C ARG B 370 -16.36 -5.22 -18.35
N PRO B 371 -17.40 -4.38 -18.45
CA PRO B 371 -18.50 -4.76 -19.33
C PRO B 371 -18.05 -4.79 -20.79
N THR B 372 -18.54 -5.73 -21.57
CA THR B 372 -18.38 -5.65 -23.02
C THR B 372 -19.68 -5.30 -23.74
N VAL B 373 -20.79 -5.30 -23.01
CA VAL B 373 -21.95 -4.52 -23.41
C VAL B 373 -22.40 -3.50 -22.36
N ILE B 374 -22.63 -2.27 -22.80
CA ILE B 374 -23.36 -1.30 -21.99
C ILE B 374 -24.63 -0.88 -22.72
N SER B 375 -25.78 -1.07 -22.07
CA SER B 375 -27.06 -0.74 -22.70
C SER B 375 -27.75 0.45 -22.05
N THR B 376 -28.51 1.20 -22.86
CA THR B 376 -29.33 2.29 -22.35
C THR B 376 -30.69 2.36 -23.05
N PHE B 377 -31.51 3.32 -22.61
CA PHE B 377 -32.70 3.73 -23.35
C PHE B 377 -32.64 5.22 -23.68
N ASN B 378 -32.35 5.54 -24.93
CA ASN B 378 -32.11 6.92 -25.37
C ASN B 378 -30.88 7.53 -24.70
N GLY B 379 -29.89 6.69 -24.42
CA GLY B 379 -28.63 7.18 -23.87
C GLY B 379 -27.78 7.99 -24.83
N ASP B 380 -27.95 7.77 -26.13
CA ASP B 380 -27.21 8.52 -27.13
C ASP B 380 -27.63 9.99 -27.17
N PHE B 381 -28.90 10.23 -26.87
CA PHE B 381 -29.44 11.59 -26.87
C PHE B 381 -29.53 12.23 -25.49
N PHE B 382 -29.65 11.42 -24.44
CA PHE B 382 -29.69 11.99 -23.09
C PHE B 382 -28.54 11.60 -22.16
N ASP B 383 -28.58 10.37 -21.65
CA ASP B 383 -27.62 9.86 -20.66
C ASP B 383 -26.16 10.22 -20.91
N TRP B 384 -25.63 9.72 -22.03
CA TRP B 384 -24.20 9.77 -22.31
C TRP B 384 -23.66 11.22 -22.41
N PRO B 385 -24.27 12.09 -23.23
CA PRO B 385 -23.72 13.46 -23.28
C PRO B 385 -23.75 14.16 -21.91
N PHE B 386 -24.75 13.85 -21.11
CA PHE B 386 -24.86 14.38 -19.75
C PHE B 386 -23.72 13.91 -18.85
N ILE B 387 -23.52 12.60 -18.81
CA ILE B 387 -22.37 12.02 -18.10
C ILE B 387 -21.06 12.63 -18.55
N HIS B 388 -20.88 12.73 -19.86
CA HIS B 388 -19.69 13.32 -20.44
C HIS B 388 -19.49 14.76 -19.97
N ASN B 389 -20.58 15.51 -19.89
CA ASN B 389 -20.49 16.92 -19.58
C ASN B 389 -20.19 17.16 -18.10
N ARG B 390 -20.80 16.35 -17.23
CA ARG B 390 -20.45 16.40 -15.82
C ARG B 390 -19.01 15.95 -15.60
N SER B 391 -18.58 14.96 -16.37
CA SER B 391 -17.21 14.47 -16.34
C SER B 391 -16.22 15.58 -16.67
N LYS B 392 -16.48 16.28 -17.76
CA LYS B 392 -15.69 17.43 -18.17
C LYS B 392 -15.69 18.52 -17.11
N ILE B 393 -16.86 18.77 -16.52
CA ILE B 393 -16.99 19.79 -15.48
C ILE B 393 -16.09 19.53 -14.27
N HIS B 394 -15.92 18.26 -13.90
CA HIS B 394 -15.05 17.94 -12.77
C HIS B 394 -13.61 17.67 -13.20
N GLY B 395 -13.26 18.13 -14.39
CA GLY B 395 -11.91 17.96 -14.89
C GLY B 395 -11.52 16.52 -15.19
N LEU B 396 -12.50 15.66 -15.38
CA LEU B 396 -12.22 14.27 -15.75
C LEU B 396 -12.34 14.02 -17.25
N ASP B 397 -11.53 13.07 -17.73
CA ASP B 397 -11.53 12.68 -19.13
C ASP B 397 -12.12 11.29 -19.28
N MET B 398 -13.36 11.21 -19.74
CA MET B 398 -14.11 9.96 -19.75
C MET B 398 -13.45 8.95 -20.66
N PHE B 399 -12.95 9.41 -21.79
CA PHE B 399 -12.24 8.55 -22.72
C PHE B 399 -11.07 7.87 -22.03
N ASP B 400 -10.28 8.61 -21.26
CA ASP B 400 -9.16 8.02 -20.54
C ASP B 400 -9.63 7.08 -19.42
N GLU B 401 -10.78 7.39 -18.84
CA GLU B 401 -11.29 6.62 -17.70
C GLU B 401 -11.91 5.27 -18.09
N ILE B 402 -12.67 5.23 -19.18
CA ILE B 402 -13.37 4.01 -19.57
C ILE B 402 -13.44 3.78 -21.09
N GLY B 403 -12.81 4.63 -21.88
CA GLY B 403 -12.61 4.33 -23.29
C GLY B 403 -13.80 4.62 -24.18
N PHE B 404 -14.76 5.38 -23.65
CA PHE B 404 -15.92 5.82 -24.43
C PHE B 404 -15.78 7.27 -24.89
N ALA B 405 -16.19 7.53 -26.13
CA ALA B 405 -16.16 8.89 -26.68
C ALA B 405 -17.21 9.05 -27.77
N PRO B 406 -17.61 10.30 -28.05
CA PRO B 406 -18.54 10.53 -29.17
C PRO B 406 -17.92 10.33 -30.55
N ASP B 407 -18.72 9.77 -31.46
CA ASP B 407 -18.31 9.60 -32.84
C ASP B 407 -18.82 10.73 -33.74
N ALA B 408 -18.60 10.57 -35.05
CA ALA B 408 -18.95 11.61 -36.01
C ALA B 408 -20.44 11.94 -36.03
N GLU B 409 -21.26 10.98 -35.61
CA GLU B 409 -22.70 11.21 -35.52
C GLU B 409 -23.11 11.84 -34.20
N GLY B 410 -22.14 12.15 -33.35
CA GLY B 410 -22.44 12.58 -32.01
C GLY B 410 -22.84 11.45 -31.07
N GLU B 411 -22.69 10.21 -31.52
CA GLU B 411 -23.04 9.07 -30.68
C GLU B 411 -21.84 8.55 -29.90
N TYR B 412 -22.11 7.97 -28.74
CA TYR B 412 -21.08 7.50 -27.82
C TYR B 412 -20.72 6.03 -27.98
N LYS B 413 -19.44 5.79 -28.29
CA LYS B 413 -18.94 4.48 -28.70
C LYS B 413 -17.62 4.20 -28.01
N SER B 414 -17.35 2.93 -27.74
CA SER B 414 -16.00 2.49 -27.40
C SER B 414 -15.51 1.36 -28.31
N SER B 415 -14.24 1.00 -28.15
CA SER B 415 -13.65 -0.12 -28.87
C SER B 415 -14.05 -1.46 -28.27
N TYR B 416 -13.96 -1.56 -26.95
CA TYR B 416 -14.03 -2.86 -26.29
C TYR B 416 -15.45 -3.18 -25.82
N CYS B 417 -16.33 -2.18 -25.88
CA CYS B 417 -17.67 -2.35 -25.35
C CYS B 417 -18.75 -1.69 -26.21
N SER B 418 -19.72 -2.50 -26.62
CA SER B 418 -20.82 -2.04 -27.47
C SER B 418 -21.76 -1.13 -26.67
N HIS B 419 -22.26 -0.10 -27.34
CA HIS B 419 -23.32 0.74 -26.77
C HIS B 419 -24.70 0.44 -27.34
N MET B 420 -25.50 -0.29 -26.58
CA MET B 420 -26.79 -0.76 -27.05
C MET B 420 -27.94 0.10 -26.55
N ASP B 421 -28.29 1.12 -27.33
CA ASP B 421 -29.41 1.96 -26.98
C ASP B 421 -30.67 1.23 -27.40
N CYS B 422 -31.41 0.73 -26.42
CA CYS B 422 -32.60 -0.07 -26.69
C CYS B 422 -33.65 0.69 -27.49
N PHE B 423 -33.69 2.01 -27.29
CA PHE B 423 -34.59 2.88 -28.03
C PHE B 423 -34.45 2.78 -29.54
N ARG B 424 -33.23 2.55 -30.01
CA ARG B 424 -32.97 2.40 -31.44
C ARG B 424 -33.66 1.14 -31.98
N TRP B 425 -33.58 0.07 -31.21
CA TRP B 425 -34.22 -1.19 -31.54
C TRP B 425 -35.73 -0.99 -31.50
N VAL B 426 -36.20 -0.30 -30.47
CA VAL B 426 -37.62 0.04 -30.37
C VAL B 426 -38.12 0.73 -31.63
N LYS B 427 -37.42 1.77 -32.06
CA LYS B 427 -37.89 2.54 -33.22
C LYS B 427 -37.79 1.75 -34.53
N ARG B 428 -36.75 0.94 -34.67
CA ARG B 428 -36.49 0.27 -35.96
C ARG B 428 -37.18 -1.08 -36.12
N ASP B 429 -37.15 -1.89 -35.07
CA ASP B 429 -37.39 -3.32 -35.17
C ASP B 429 -38.57 -3.84 -34.32
N SER B 430 -39.02 -3.03 -33.37
CA SER B 430 -40.05 -3.50 -32.43
C SER B 430 -41.42 -3.63 -33.07
N TYR B 431 -41.64 -2.91 -34.18
CA TYR B 431 -42.95 -2.82 -34.83
C TYR B 431 -44.01 -2.14 -33.96
N LEU B 432 -43.57 -1.27 -33.04
CA LEU B 432 -44.51 -0.53 -32.22
C LEU B 432 -44.81 0.85 -32.81
N PRO B 433 -46.06 1.33 -32.64
CA PRO B 433 -46.39 2.71 -33.01
C PRO B 433 -45.65 3.72 -32.15
N GLN B 434 -45.36 4.90 -32.72
CA GLN B 434 -44.63 5.94 -32.01
C GLN B 434 -45.29 6.33 -30.69
N GLY B 435 -46.61 6.24 -30.65
CA GLY B 435 -47.36 6.48 -29.43
C GLY B 435 -47.05 5.53 -28.29
N SER B 436 -46.49 4.38 -28.62
CA SER B 436 -46.10 3.39 -27.62
C SER B 436 -44.59 3.21 -27.53
N GLN B 437 -43.83 4.24 -27.87
CA GLN B 437 -42.38 4.14 -27.88
C GLN B 437 -41.76 4.74 -26.62
N GLY B 438 -42.60 5.15 -25.68
CA GLY B 438 -42.14 5.55 -24.36
C GLY B 438 -41.72 4.32 -23.57
N LEU B 439 -40.86 4.50 -22.58
CA LEU B 439 -40.37 3.40 -21.76
C LEU B 439 -41.49 2.62 -21.09
N LYS B 440 -42.49 3.35 -20.60
CA LYS B 440 -43.65 2.75 -19.94
C LYS B 440 -44.38 1.77 -20.85
N ALA B 441 -44.78 2.25 -22.02
CA ALA B 441 -45.50 1.45 -22.99
C ALA B 441 -44.67 0.28 -23.53
N VAL B 442 -43.38 0.49 -23.68
CA VAL B 442 -42.51 -0.60 -24.13
C VAL B 442 -42.44 -1.66 -23.03
N THR B 443 -42.41 -1.22 -21.78
CA THR B 443 -42.31 -2.13 -20.66
C THR B 443 -43.58 -3.00 -20.65
N GLN B 444 -44.72 -2.34 -20.81
CA GLN B 444 -46.00 -3.03 -20.75
C GLN B 444 -46.13 -4.00 -21.91
N SER B 445 -45.74 -3.56 -23.10
CA SER B 445 -45.86 -4.36 -24.31
C SER B 445 -44.95 -5.58 -24.32
N LYS B 446 -43.71 -5.40 -23.89
CA LYS B 446 -42.68 -6.40 -24.18
C LYS B 446 -42.36 -7.28 -22.97
N LEU B 447 -42.45 -6.72 -21.77
CA LEU B 447 -42.16 -7.49 -20.57
C LEU B 447 -43.42 -7.91 -19.83
N GLY B 448 -44.53 -7.24 -20.14
CA GLY B 448 -45.85 -7.75 -19.77
C GLY B 448 -46.23 -7.36 -18.36
N TYR B 449 -45.76 -6.21 -17.91
CA TYR B 449 -46.09 -5.72 -16.58
C TYR B 449 -46.02 -4.21 -16.51
N ASN B 450 -46.45 -3.66 -15.40
CA ASN B 450 -46.66 -2.22 -15.26
C ASN B 450 -45.65 -1.62 -14.30
N PRO B 451 -44.66 -0.89 -14.86
CA PRO B 451 -43.54 -0.43 -14.04
C PRO B 451 -43.92 0.78 -13.20
N ILE B 452 -43.02 1.19 -12.30
CA ILE B 452 -43.28 2.34 -11.46
C ILE B 452 -43.21 3.61 -12.30
N GLU B 453 -44.15 4.52 -12.07
CA GLU B 453 -44.26 5.74 -12.89
C GLU B 453 -44.18 6.97 -11.98
N LEU B 454 -43.46 7.99 -12.43
CA LEU B 454 -43.32 9.20 -11.62
C LEU B 454 -43.19 10.44 -12.50
N ASP B 455 -44.01 11.45 -12.22
CA ASP B 455 -43.96 12.72 -12.93
C ASP B 455 -42.58 13.37 -12.76
N PRO B 456 -41.94 13.75 -13.87
CA PRO B 456 -40.59 14.33 -13.85
C PRO B 456 -40.50 15.61 -13.02
N GLU B 457 -41.56 16.41 -13.04
CA GLU B 457 -41.64 17.62 -12.22
C GLU B 457 -41.53 17.31 -10.73
N LEU B 458 -41.86 16.09 -10.35
CA LEU B 458 -41.80 15.72 -8.94
C LEU B 458 -40.43 15.15 -8.56
N MET B 459 -39.57 14.93 -9.56
CA MET B 459 -38.34 14.20 -9.28
C MET B 459 -37.35 15.02 -8.45
N THR B 460 -37.20 16.29 -8.78
CA THR B 460 -36.30 17.16 -8.03
C THR B 460 -36.77 17.38 -6.57
N PRO B 461 -38.00 17.90 -6.37
CA PRO B 461 -38.45 18.04 -4.97
C PRO B 461 -38.41 16.77 -4.12
N TYR B 462 -38.81 15.64 -4.69
CA TYR B 462 -38.79 14.38 -3.96
C TYR B 462 -37.40 13.94 -3.58
N ALA B 463 -36.41 14.34 -4.38
CA ALA B 463 -35.00 14.10 -4.08
C ALA B 463 -34.77 14.54 -2.65
N PHE B 464 -35.28 15.71 -2.33
CA PHE B 464 -35.18 16.20 -0.97
C PHE B 464 -36.21 15.49 -0.10
N GLU B 465 -37.47 15.52 -0.54
CA GLU B 465 -38.57 15.13 0.35
C GLU B 465 -38.90 13.63 0.43
N LYS B 466 -38.83 12.94 -0.70
CA LYS B 466 -39.20 11.53 -0.70
C LYS B 466 -38.27 10.63 -1.54
N PRO B 467 -37.00 10.52 -1.11
CA PRO B 467 -35.91 9.96 -1.93
C PRO B 467 -36.08 8.48 -2.24
N GLN B 468 -36.73 7.75 -1.35
CA GLN B 468 -37.01 6.34 -1.55
C GLN B 468 -37.95 6.06 -2.73
N HIS B 469 -38.99 6.87 -2.89
CA HIS B 469 -39.92 6.63 -3.99
C HIS B 469 -39.24 6.90 -5.32
N LEU B 470 -38.53 8.01 -5.38
CA LEU B 470 -37.73 8.36 -6.54
C LEU B 470 -36.73 7.25 -6.88
N SER B 471 -36.13 6.66 -5.84
CA SER B 471 -35.13 5.64 -6.10
C SER B 471 -35.79 4.34 -6.53
N GLU B 472 -37.03 4.11 -6.10
CA GLU B 472 -37.76 2.94 -6.56
C GLU B 472 -38.11 3.09 -8.03
N TYR B 473 -38.48 4.30 -8.43
CA TYR B 473 -38.73 4.57 -9.83
C TYR B 473 -37.46 4.33 -10.65
N SER B 474 -36.36 4.93 -10.19
CA SER B 474 -35.08 4.83 -10.90
C SER B 474 -34.68 3.38 -11.11
N VAL B 475 -34.71 2.59 -10.04
CA VAL B 475 -34.23 1.22 -10.17
C VAL B 475 -35.24 0.39 -10.94
N SER B 476 -36.52 0.73 -10.87
CA SER B 476 -37.51 0.01 -11.67
C SER B 476 -37.19 0.19 -13.15
N ASP B 477 -36.87 1.43 -13.50
CA ASP B 477 -36.32 1.79 -14.81
C ASP B 477 -35.12 0.95 -15.22
N ALA B 478 -34.16 0.81 -14.31
CA ALA B 478 -32.94 0.07 -14.62
C ALA B 478 -33.21 -1.42 -14.79
N VAL B 479 -34.16 -1.94 -14.02
CA VAL B 479 -34.52 -3.35 -14.08
C VAL B 479 -35.18 -3.60 -15.43
N ALA B 480 -36.09 -2.69 -15.79
CA ALA B 480 -36.83 -2.81 -17.04
C ALA B 480 -35.84 -2.79 -18.20
N THR B 481 -34.85 -1.90 -18.11
CA THR B 481 -33.94 -1.71 -19.23
C THR B 481 -33.07 -2.95 -19.38
N TYR B 482 -32.57 -3.43 -18.24
CA TYR B 482 -31.74 -4.62 -18.22
C TYR B 482 -32.43 -5.84 -18.80
N TYR B 483 -33.64 -6.12 -18.33
CA TYR B 483 -34.27 -7.37 -18.73
C TYR B 483 -34.89 -7.24 -20.12
N LEU B 484 -35.24 -6.02 -20.51
CA LEU B 484 -35.65 -5.76 -21.89
C LEU B 484 -34.50 -6.10 -22.84
N TYR B 485 -33.30 -5.65 -22.46
CA TYR B 485 -32.11 -5.94 -23.25
C TYR B 485 -31.83 -7.44 -23.31
N MET B 486 -31.80 -8.08 -22.15
CA MET B 486 -31.44 -9.49 -22.06
C MET B 486 -32.45 -10.40 -22.75
N LYS B 487 -33.73 -10.06 -22.67
CA LYS B 487 -34.78 -10.93 -23.19
C LYS B 487 -35.02 -10.68 -24.67
N TYR B 488 -34.80 -9.46 -25.14
CA TYR B 488 -35.13 -9.10 -26.51
C TYR B 488 -33.95 -8.68 -27.38
N VAL B 489 -33.13 -7.76 -26.89
CA VAL B 489 -32.13 -7.12 -27.75
C VAL B 489 -30.91 -8.01 -27.98
N HIS B 490 -30.38 -8.60 -26.91
CA HIS B 490 -29.14 -9.38 -26.99
C HIS B 490 -29.20 -10.57 -27.98
N PRO B 491 -30.14 -11.52 -27.78
CA PRO B 491 -30.20 -12.65 -28.73
C PRO B 491 -30.40 -12.21 -30.19
N PHE B 492 -31.26 -11.21 -30.39
CA PHE B 492 -31.62 -10.75 -31.72
C PHE B 492 -30.42 -10.10 -32.41
N ILE B 493 -29.79 -9.14 -31.74
CA ILE B 493 -28.68 -8.41 -32.33
C ILE B 493 -27.51 -9.34 -32.59
N PHE B 494 -27.14 -10.16 -31.60
CA PHE B 494 -26.03 -11.10 -31.80
C PHE B 494 -26.29 -12.14 -32.89
N SER B 495 -27.52 -12.66 -32.97
CA SER B 495 -27.85 -13.58 -34.05
C SER B 495 -27.77 -12.87 -35.39
N LEU B 496 -28.25 -11.64 -35.48
CA LEU B 496 -28.07 -10.85 -36.68
C LEU B 496 -26.59 -10.67 -37.02
N CYS B 497 -25.76 -10.47 -36.00
CA CYS B 497 -24.31 -10.41 -36.15
C CYS B 497 -23.71 -11.69 -36.71
N THR B 498 -24.36 -12.82 -36.48
CA THR B 498 -23.83 -14.09 -36.99
C THR B 498 -23.90 -14.22 -38.52
N ILE B 499 -24.65 -13.32 -39.17
CA ILE B 499 -24.71 -13.30 -40.62
C ILE B 499 -24.30 -11.98 -41.27
N ILE B 500 -24.35 -10.90 -40.49
CA ILE B 500 -23.94 -9.59 -40.99
C ILE B 500 -22.56 -9.14 -40.51
N PRO B 501 -21.76 -8.59 -41.44
CA PRO B 501 -20.34 -8.26 -41.25
C PRO B 501 -20.20 -6.89 -40.60
N LEU B 502 -20.76 -6.76 -39.40
CA LEU B 502 -20.80 -5.49 -38.69
C LEU B 502 -20.65 -5.78 -37.21
N ASN B 503 -20.25 -4.78 -36.45
CA ASN B 503 -20.23 -4.92 -35.00
C ASN B 503 -21.65 -4.70 -34.47
N PRO B 504 -21.90 -5.03 -33.20
CA PRO B 504 -23.25 -4.87 -32.64
C PRO B 504 -23.83 -3.45 -32.78
N ASP B 505 -23.04 -2.42 -32.46
CA ASP B 505 -23.47 -1.03 -32.61
C ASP B 505 -24.09 -0.67 -33.96
N GLU B 506 -23.44 -1.11 -35.04
CA GLU B 506 -23.85 -0.69 -36.37
C GLU B 506 -25.10 -1.46 -36.77
N THR B 507 -25.07 -2.77 -36.53
CA THR B 507 -26.21 -3.62 -36.83
C THR B 507 -27.43 -3.10 -36.07
N LEU B 508 -27.20 -2.60 -34.87
CA LEU B 508 -28.24 -1.90 -34.12
C LEU B 508 -28.71 -0.62 -34.80
N ARG B 509 -27.78 0.12 -35.41
CA ARG B 509 -28.10 1.50 -35.77
C ARG B 509 -28.37 1.75 -37.26
N LYS B 510 -27.82 0.92 -38.14
CA LYS B 510 -27.98 1.15 -39.58
C LYS B 510 -29.45 1.03 -40.02
N GLY B 511 -29.82 1.76 -41.08
CA GLY B 511 -31.10 1.55 -41.73
C GLY B 511 -31.27 0.11 -42.18
N THR B 512 -32.51 -0.37 -42.19
CA THR B 512 -32.80 -1.69 -42.77
C THR B 512 -32.42 -1.84 -44.24
N GLY B 513 -32.54 -0.75 -45.00
CA GLY B 513 -32.06 -0.72 -46.37
C GLY B 513 -30.58 -0.97 -46.54
N THR B 514 -29.79 -0.35 -45.66
CA THR B 514 -28.35 -0.55 -45.72
C THR B 514 -28.02 -1.98 -45.32
N LEU B 515 -28.78 -2.50 -44.36
CA LEU B 515 -28.65 -3.90 -43.96
C LEU B 515 -28.87 -4.82 -45.14
N CYS B 516 -29.96 -4.59 -45.87
CA CYS B 516 -30.22 -5.32 -47.11
C CYS B 516 -29.05 -5.24 -48.10
N GLU B 517 -28.58 -4.02 -48.34
CA GLU B 517 -27.44 -3.80 -49.23
C GLU B 517 -26.26 -4.66 -48.82
N MET B 518 -26.03 -4.71 -47.52
CA MET B 518 -24.90 -5.40 -46.94
C MET B 518 -25.06 -6.90 -47.13
N LEU B 519 -26.28 -7.39 -46.92
CA LEU B 519 -26.58 -8.80 -47.13
C LEU B 519 -26.34 -9.21 -48.57
N LEU B 520 -26.72 -8.37 -49.52
CA LEU B 520 -26.57 -8.73 -50.92
C LEU B 520 -25.08 -8.74 -51.23
N MET B 521 -24.37 -7.81 -50.59
CA MET B 521 -22.93 -7.71 -50.73
C MET B 521 -22.20 -8.96 -50.19
N VAL B 522 -22.69 -9.46 -49.06
CA VAL B 522 -22.19 -10.68 -48.42
C VAL B 522 -22.37 -11.91 -49.28
N GLN B 523 -23.58 -12.08 -49.79
CA GLN B 523 -23.90 -13.26 -50.58
C GLN B 523 -23.03 -13.28 -51.84
N ALA B 524 -22.75 -12.10 -52.37
CA ALA B 524 -21.95 -11.98 -53.58
C ALA B 524 -20.48 -12.28 -53.31
N SER C 2 -76.57 -14.22 10.39
CA SER C 2 -75.45 -13.38 10.83
C SER C 2 -74.80 -13.95 12.09
N ILE C 3 -73.76 -13.26 12.58
CA ILE C 3 -73.06 -13.70 13.77
C ILE C 3 -72.99 -12.57 14.80
N ASN C 4 -73.50 -12.84 16.00
CA ASN C 4 -73.47 -11.87 17.08
C ASN C 4 -72.07 -11.74 17.69
N LEU C 5 -71.59 -10.52 17.80
CA LEU C 5 -70.25 -10.27 18.30
C LEU C 5 -70.29 -9.73 19.73
N HIS C 6 -69.67 -10.46 20.64
CA HIS C 6 -69.62 -10.06 22.04
C HIS C 6 -68.19 -9.75 22.45
N SER C 7 -68.05 -8.97 23.52
CA SER C 7 -66.72 -8.57 23.96
C SER C 7 -66.60 -8.60 25.48
N ALA C 8 -65.49 -9.13 25.96
CA ALA C 8 -65.18 -9.16 27.38
C ALA C 8 -64.53 -7.85 27.81
N PRO C 9 -64.73 -7.45 29.07
CA PRO C 9 -64.12 -6.21 29.57
C PRO C 9 -62.61 -6.31 29.62
N GLU C 10 -62.09 -7.53 29.76
CA GLU C 10 -60.65 -7.76 29.80
C GLU C 10 -60.24 -8.97 28.96
N TYR C 11 -59.30 -8.76 28.03
CA TYR C 11 -58.80 -9.83 27.16
C TYR C 11 -57.56 -10.50 27.74
N ASP C 12 -57.36 -11.77 27.38
CA ASP C 12 -56.19 -12.52 27.82
C ASP C 12 -55.03 -12.32 26.84
N PRO C 13 -53.92 -11.75 27.33
CA PRO C 13 -52.77 -11.47 26.46
C PRO C 13 -51.82 -12.66 26.34
N SER C 14 -52.20 -13.81 26.89
CA SER C 14 -51.38 -15.00 26.80
C SER C 14 -51.50 -15.63 25.40
N TYR C 15 -52.59 -15.32 24.72
CA TYR C 15 -52.80 -15.85 23.37
C TYR C 15 -51.99 -15.03 22.37
N LYS C 16 -51.23 -15.72 21.54
CA LYS C 16 -50.39 -15.05 20.55
C LYS C 16 -50.46 -15.77 19.20
N LEU C 17 -50.26 -15.03 18.11
CA LEU C 17 -50.34 -15.59 16.77
C LEU C 17 -48.97 -15.97 16.22
N ILE C 18 -48.84 -17.21 15.78
CA ILE C 18 -47.59 -17.69 15.19
C ILE C 18 -47.81 -18.11 13.74
N GLN C 19 -46.94 -17.64 12.85
CA GLN C 19 -47.03 -18.01 11.44
C GLN C 19 -46.72 -19.48 11.22
N LEU C 20 -47.56 -20.15 10.44
CA LEU C 20 -47.38 -21.57 10.15
C LEU C 20 -47.17 -21.77 8.65
N THR C 21 -45.91 -21.97 8.25
CA THR C 21 -45.59 -22.30 6.88
C THR C 21 -46.16 -23.67 6.54
N PRO C 22 -46.41 -23.93 5.24
CA PRO C 22 -46.91 -25.24 4.81
C PRO C 22 -46.07 -26.40 5.36
N GLU C 23 -44.76 -26.23 5.37
CA GLU C 23 -43.87 -27.22 5.96
C GLU C 23 -44.12 -27.32 7.46
N LEU C 24 -44.17 -26.17 8.12
CA LEU C 24 -44.46 -26.13 9.55
C LEU C 24 -45.83 -26.69 9.86
N LEU C 25 -46.77 -26.48 8.94
CA LEU C 25 -48.12 -27.01 9.10
C LEU C 25 -48.09 -28.52 9.00
N ASP C 26 -47.25 -29.03 8.10
CA ASP C 26 -47.08 -30.47 7.94
C ASP C 26 -46.47 -31.07 9.20
N ILE C 27 -45.49 -30.38 9.76
CA ILE C 27 -44.83 -30.84 10.98
C ILE C 27 -45.80 -30.84 12.17
N ILE C 28 -46.63 -29.81 12.22
CA ILE C 28 -47.66 -29.72 13.25
C ILE C 28 -48.63 -30.90 13.13
N GLN C 29 -49.03 -31.21 11.91
CA GLN C 29 -49.96 -32.30 11.65
C GLN C 29 -49.25 -33.66 11.61
N ASP C 30 -48.17 -33.79 12.37
CA ASP C 30 -47.45 -35.06 12.45
C ASP C 30 -47.56 -35.64 13.87
N PRO C 31 -48.24 -36.80 13.99
CA PRO C 31 -48.48 -37.45 15.28
C PRO C 31 -47.22 -37.77 16.07
N VAL C 32 -46.13 -38.12 15.41
CA VAL C 32 -44.89 -38.49 16.09
C VAL C 32 -43.66 -37.84 15.43
N GLN C 33 -43.46 -36.54 15.69
CA GLN C 33 -42.25 -35.85 15.27
C GLN C 33 -41.35 -35.60 16.48
N ASN C 34 -40.90 -36.68 17.11
CA ASN C 34 -40.15 -36.59 18.36
C ASN C 34 -40.93 -35.81 19.42
N HIS C 35 -40.38 -34.68 19.84
CA HIS C 35 -41.05 -33.81 20.79
C HIS C 35 -41.80 -32.70 20.06
N GLN C 36 -42.24 -33.00 18.84
CA GLN C 36 -42.93 -32.05 17.98
C GLN C 36 -42.09 -30.78 17.79
N LEU C 37 -42.65 -29.65 18.18
CA LEU C 37 -41.92 -28.38 18.13
C LEU C 37 -41.54 -27.96 19.54
N ARG C 38 -40.36 -27.37 19.68
CA ARG C 38 -39.85 -27.04 21.01
C ARG C 38 -39.20 -25.66 21.01
N PHE C 39 -39.56 -24.84 22.00
CA PHE C 39 -38.98 -23.51 22.14
C PHE C 39 -37.64 -23.55 22.88
N LYS C 40 -36.62 -22.96 22.28
CA LYS C 40 -35.29 -22.96 22.87
C LYS C 40 -34.69 -21.55 22.95
N SER C 41 -34.00 -21.31 24.05
CA SER C 41 -33.28 -20.07 24.29
C SER C 41 -32.12 -20.37 25.24
N LEU C 42 -31.02 -19.65 25.07
CA LEU C 42 -29.82 -19.87 25.87
C LEU C 42 -30.01 -19.37 27.30
N ASP C 43 -30.57 -18.18 27.43
CA ASP C 43 -30.82 -17.58 28.73
C ASP C 43 -32.23 -17.01 28.81
N LYS C 44 -32.46 -16.14 29.79
CA LYS C 44 -33.78 -15.58 30.02
C LYS C 44 -33.88 -14.10 29.65
N ASP C 45 -32.74 -13.42 29.61
CA ASP C 45 -32.74 -11.98 29.48
C ASP C 45 -31.86 -11.43 28.36
N LYS C 46 -31.14 -12.30 27.65
CA LYS C 46 -30.21 -11.83 26.63
C LYS C 46 -30.41 -12.47 25.26
N SER C 47 -30.20 -13.79 25.19
CA SER C 47 -30.19 -14.48 23.90
C SER C 47 -31.55 -14.45 23.21
N GLU C 48 -31.54 -14.62 21.89
CA GLU C 48 -32.76 -14.66 21.10
C GLU C 48 -33.49 -15.99 21.27
N VAL C 49 -34.71 -16.07 20.75
CA VAL C 49 -35.51 -17.27 20.92
C VAL C 49 -35.81 -17.97 19.60
N VAL C 50 -35.57 -19.28 19.58
CA VAL C 50 -35.78 -20.08 18.37
C VAL C 50 -36.78 -21.20 18.62
N LEU C 51 -37.46 -21.61 17.56
CA LEU C 51 -38.32 -22.78 17.59
C LEU C 51 -37.66 -23.89 16.79
N CYS C 52 -37.45 -25.03 17.42
CA CYS C 52 -36.78 -26.14 16.77
C CYS C 52 -37.70 -27.34 16.61
N SER C 53 -37.68 -27.93 15.43
CA SER C 53 -38.37 -29.19 15.20
C SER C 53 -37.43 -30.35 15.49
N HIS C 54 -37.69 -31.49 14.90
CA HIS C 54 -36.85 -32.66 15.09
C HIS C 54 -35.67 -32.66 14.12
N ASP C 55 -35.81 -31.93 13.03
CA ASP C 55 -34.80 -31.97 11.98
C ASP C 55 -34.47 -30.60 11.39
N LYS C 56 -35.11 -29.55 11.91
CA LYS C 56 -34.86 -28.20 11.41
C LYS C 56 -34.91 -27.16 12.52
N THR C 57 -34.38 -25.98 12.24
CA THR C 57 -34.32 -24.90 13.21
C THR C 57 -34.80 -23.57 12.63
N TRP C 58 -35.72 -22.92 13.33
CA TRP C 58 -36.22 -21.61 12.93
C TRP C 58 -35.99 -20.58 14.02
N VAL C 59 -35.75 -19.34 13.63
CA VAL C 59 -35.63 -18.23 14.58
C VAL C 59 -36.94 -17.45 14.64
N LEU C 60 -37.31 -17.02 15.85
CA LEU C 60 -38.55 -16.27 16.04
C LEU C 60 -38.34 -14.77 15.93
N LYS C 61 -39.26 -14.09 15.24
CA LYS C 61 -39.22 -12.64 15.10
C LYS C 61 -40.61 -12.03 15.28
N GLN C 62 -40.72 -11.06 16.18
CA GLN C 62 -42.00 -10.40 16.43
C GLN C 62 -42.19 -9.19 15.53
N ARG C 63 -43.42 -8.98 15.07
CA ARG C 63 -43.75 -7.86 14.20
C ARG C 63 -45.10 -7.27 14.52
N LYS C 64 -45.11 -6.02 14.99
CA LYS C 64 -46.35 -5.36 15.41
C LYS C 64 -47.06 -4.70 14.24
N HIS C 65 -48.38 -4.59 14.34
CA HIS C 65 -49.20 -3.95 13.32
C HIS C 65 -50.11 -2.90 13.94
N SER C 66 -50.68 -2.04 13.09
CA SER C 66 -51.51 -0.94 13.57
C SER C 66 -52.99 -1.27 13.58
N ASN C 67 -53.32 -2.52 13.27
CA ASN C 67 -54.71 -2.96 13.22
C ASN C 67 -55.18 -3.58 14.52
N THR C 68 -56.49 -3.70 14.67
CA THR C 68 -57.07 -4.37 15.82
C THR C 68 -57.46 -5.79 15.46
N VAL C 69 -56.73 -6.76 16.01
CA VAL C 69 -57.02 -8.16 15.75
C VAL C 69 -57.62 -8.82 16.99
N LEU C 70 -58.85 -9.29 16.86
CA LEU C 70 -59.55 -9.92 17.98
C LEU C 70 -59.72 -11.41 17.75
N LEU C 71 -59.20 -12.21 18.67
CA LEU C 71 -59.39 -13.64 18.63
C LEU C 71 -60.63 -14.02 19.41
N MET C 72 -61.63 -14.55 18.71
CA MET C 72 -62.93 -14.83 19.32
C MET C 72 -63.27 -16.31 19.24
N ARG C 73 -64.07 -16.78 20.20
CA ARG C 73 -64.48 -18.18 20.24
C ARG C 73 -65.97 -18.35 20.42
N GLU C 74 -66.50 -19.43 19.85
CA GLU C 74 -67.92 -19.76 19.96
C GLU C 74 -68.28 -20.22 21.37
N PHE C 75 -69.42 -19.75 21.87
CA PHE C 75 -69.89 -20.12 23.19
C PHE C 75 -71.40 -20.33 23.19
N VAL C 76 -71.89 -21.14 24.14
CA VAL C 76 -73.32 -21.36 24.29
C VAL C 76 -73.89 -20.43 25.36
N PRO C 77 -74.70 -19.45 24.94
CA PRO C 77 -75.30 -18.44 25.82
C PRO C 77 -76.21 -19.04 26.88
N GLU C 78 -76.03 -18.64 28.14
CA GLU C 78 -76.83 -19.14 29.24
C GLU C 78 -78.29 -18.73 29.08
N GLN C 79 -78.50 -17.51 28.58
CA GLN C 79 -79.83 -16.99 28.30
C GLN C 79 -79.98 -16.65 26.82
N PRO C 80 -81.14 -16.96 26.23
CA PRO C 80 -81.45 -16.69 24.81
C PRO C 80 -81.24 -15.23 24.43
N ILE C 81 -80.48 -14.99 23.37
CA ILE C 81 -80.21 -13.64 22.92
C ILE C 81 -81.42 -13.07 22.18
N THR C 82 -82.17 -12.20 22.86
CA THR C 82 -83.33 -11.58 22.26
C THR C 82 -83.09 -10.09 22.00
N THR C 86 -83.70 -4.13 15.05
CA THR C 86 -84.93 -4.18 14.25
C THR C 86 -84.67 -3.65 12.85
N LEU C 87 -83.53 -4.02 12.29
CA LEU C 87 -83.15 -3.60 10.95
C LEU C 87 -82.67 -4.79 10.15
N LEU C 88 -83.01 -4.80 8.86
CA LEU C 88 -82.71 -5.95 8.01
C LEU C 88 -81.25 -5.95 7.61
N PHE C 89 -80.64 -4.78 7.60
CA PHE C 89 -79.24 -4.65 7.26
C PHE C 89 -78.36 -5.35 8.29
N SER C 92 -78.93 -10.69 7.77
CA SER C 92 -79.67 -11.93 8.01
C SER C 92 -79.81 -12.21 9.51
N LYS C 93 -80.71 -13.13 9.84
CA LYS C 93 -80.96 -13.48 11.23
C LYS C 93 -79.79 -14.23 11.85
N PRO C 94 -79.33 -13.78 13.03
CA PRO C 94 -78.20 -14.39 13.74
C PRO C 94 -78.47 -15.83 14.16
N TYR C 95 -77.45 -16.67 14.07
CA TYR C 95 -77.60 -18.09 14.40
C TYR C 95 -76.49 -18.60 15.32
N MET C 96 -75.55 -17.71 15.67
CA MET C 96 -74.46 -18.09 16.56
C MET C 96 -73.86 -16.89 17.29
N ASP C 97 -73.21 -17.16 18.42
CA ASP C 97 -72.61 -16.12 19.24
C ASP C 97 -71.14 -16.43 19.53
N VAL C 98 -70.27 -15.47 19.27
CA VAL C 98 -68.85 -15.61 19.59
C VAL C 98 -68.38 -14.45 20.46
N VAL C 99 -67.35 -14.70 21.27
CA VAL C 99 -66.82 -13.67 22.15
C VAL C 99 -65.31 -13.54 22.01
N GLY C 100 -64.82 -12.30 21.93
CA GLY C 100 -63.40 -12.04 21.85
C GLY C 100 -62.71 -12.24 23.18
N PHE C 101 -61.82 -13.23 23.23
CA PHE C 101 -61.10 -13.56 24.45
C PHE C 101 -59.67 -13.07 24.40
N ALA C 102 -59.26 -12.56 23.24
CA ALA C 102 -57.89 -12.09 23.06
C ALA C 102 -57.80 -10.99 22.02
N LYS C 103 -56.95 -10.01 22.29
CA LYS C 103 -56.70 -8.93 21.36
C LYS C 103 -55.20 -8.85 21.06
N THR C 104 -54.82 -9.32 19.88
CA THR C 104 -53.41 -9.35 19.51
C THR C 104 -53.03 -8.12 18.69
N GLU C 105 -51.81 -7.65 18.88
CA GLU C 105 -51.32 -6.46 18.19
C GLU C 105 -50.09 -6.77 17.35
N SER C 106 -49.71 -8.04 17.30
CA SER C 106 -48.51 -8.44 16.57
C SER C 106 -48.56 -9.90 16.11
N GLU C 107 -47.69 -10.24 15.17
CA GLU C 107 -47.56 -11.60 14.68
C GLU C 107 -46.12 -12.09 14.86
N PHE C 108 -45.95 -13.41 14.89
CA PHE C 108 -44.64 -14.00 15.05
C PHE C 108 -44.19 -14.73 13.79
N GLU C 109 -43.30 -14.10 13.03
CA GLU C 109 -42.75 -14.71 11.83
C GLU C 109 -41.59 -15.64 12.20
N THR C 110 -41.50 -16.76 11.49
CA THR C 110 -40.45 -17.75 11.72
C THR C 110 -39.53 -17.82 10.50
N ARG C 111 -38.22 -17.73 10.72
CA ARG C 111 -37.30 -17.81 9.59
C ARG C 111 -36.25 -18.91 9.72
N GLU C 112 -35.99 -19.61 8.62
CA GLU C 112 -34.99 -20.67 8.61
C GLU C 112 -33.62 -20.15 9.02
N THR C 113 -33.00 -20.82 9.98
CA THR C 113 -31.71 -20.40 10.51
C THR C 113 -30.79 -21.59 10.79
N HIS C 114 -29.50 -21.32 10.90
CA HIS C 114 -28.52 -22.36 11.18
C HIS C 114 -28.42 -22.64 12.67
N GLY C 115 -28.58 -23.92 13.03
CA GLY C 115 -28.46 -24.34 14.41
C GLY C 115 -27.00 -24.30 14.86
N GLU C 116 -26.77 -23.89 16.09
CA GLU C 116 -25.42 -23.79 16.63
C GLU C 116 -25.28 -24.55 17.94
N LEU C 117 -24.04 -24.87 18.31
CA LEU C 117 -23.76 -25.65 19.50
C LEU C 117 -23.48 -24.79 20.72
N ASN C 118 -23.82 -25.32 21.90
CA ASN C 118 -23.55 -24.65 23.16
C ASN C 118 -22.27 -25.19 23.80
N LEU C 119 -21.16 -24.50 23.57
CA LEU C 119 -19.86 -24.94 24.07
C LEU C 119 -19.53 -24.24 25.38
N ASN C 120 -20.50 -24.16 26.28
CA ASN C 120 -20.31 -23.47 27.55
C ASN C 120 -19.46 -24.25 28.54
N SER C 121 -19.82 -25.50 28.79
CA SER C 121 -19.13 -26.30 29.79
C SER C 121 -18.42 -27.51 29.18
N VAL C 122 -17.90 -27.34 27.97
CA VAL C 122 -17.19 -28.44 27.30
C VAL C 122 -15.69 -28.20 27.29
N PRO C 123 -14.94 -29.03 28.02
CA PRO C 123 -13.48 -28.92 28.12
C PRO C 123 -12.75 -29.53 26.93
N ILE C 124 -11.45 -29.28 26.83
CA ILE C 124 -10.62 -29.81 25.77
C ILE C 124 -9.79 -30.99 26.26
N TYR C 125 -9.83 -32.09 25.52
CA TYR C 125 -9.09 -33.30 25.88
C TYR C 125 -7.87 -33.50 24.97
N ASN C 126 -6.70 -33.69 25.57
CA ASN C 126 -5.46 -33.82 24.80
C ASN C 126 -4.86 -35.23 24.86
N GLY C 127 -5.60 -36.15 25.44
CA GLY C 127 -5.21 -37.55 25.53
C GLY C 127 -4.43 -37.95 26.77
N GLU C 128 -4.27 -37.03 27.70
CA GLU C 128 -3.57 -37.32 28.95
C GLU C 128 -4.53 -37.98 29.94
N LEU C 129 -4.03 -38.95 30.70
CA LEU C 129 -4.81 -39.65 31.72
C LEU C 129 -4.98 -38.81 32.98
N ASP C 130 -5.70 -39.35 33.97
CA ASP C 130 -5.98 -38.65 35.22
C ASP C 130 -6.77 -37.38 34.93
N PHE C 131 -7.92 -37.57 34.32
CA PHE C 131 -8.78 -36.48 33.91
C PHE C 131 -9.55 -35.96 35.11
N SER C 132 -9.48 -36.70 36.21
CA SER C 132 -10.22 -36.36 37.43
C SER C 132 -9.83 -35.00 38.01
N ASP C 133 -8.56 -34.63 37.93
CA ASP C 133 -8.10 -33.33 38.42
C ASP C 133 -8.67 -32.17 37.61
N LYS C 134 -8.90 -32.41 36.33
CA LYS C 134 -9.46 -31.41 35.42
C LYS C 134 -10.97 -31.26 35.59
N ILE C 135 -11.55 -32.04 36.50
CA ILE C 135 -12.99 -32.01 36.74
C ILE C 135 -13.43 -31.09 37.88
N MET C 136 -12.74 -31.15 39.01
CA MET C 136 -13.20 -30.50 40.25
C MET C 136 -12.95 -28.99 40.33
N LYS C 137 -11.99 -28.48 39.56
CA LYS C 137 -11.59 -27.08 39.66
C LYS C 137 -12.20 -26.16 38.62
N ARG C 138 -13.46 -26.38 38.26
CA ARG C 138 -14.11 -25.53 37.26
C ARG C 138 -15.06 -24.52 37.88
N SER C 139 -15.45 -23.52 37.09
CA SER C 139 -16.34 -22.46 37.56
C SER C 139 -17.78 -22.94 37.69
N SER C 140 -18.25 -23.64 36.67
CA SER C 140 -19.62 -24.16 36.63
C SER C 140 -19.78 -25.46 37.42
N THR C 141 -20.40 -25.36 38.60
CA THR C 141 -20.68 -26.54 39.40
C THR C 141 -21.61 -27.45 38.62
N LYS C 142 -22.52 -26.85 37.87
CA LYS C 142 -23.38 -27.58 36.95
C LYS C 142 -22.56 -28.16 35.82
N VAL C 143 -22.50 -29.49 35.75
CA VAL C 143 -21.69 -30.17 34.73
C VAL C 143 -22.58 -30.83 33.68
N ILE C 144 -22.30 -30.56 32.41
CA ILE C 144 -23.01 -31.22 31.33
C ILE C 144 -22.72 -32.71 31.36
N GLY C 145 -23.64 -33.47 31.96
CA GLY C 145 -23.44 -34.90 32.14
C GLY C 145 -23.72 -35.72 30.90
N THR C 146 -24.88 -35.49 30.29
CA THR C 146 -25.28 -36.28 29.13
C THR C 146 -25.43 -35.41 27.88
N LEU C 147 -25.53 -36.06 26.73
CA LEU C 147 -25.68 -35.39 25.46
C LEU C 147 -27.07 -34.78 25.30
N GLU C 148 -28.06 -35.43 25.91
CA GLU C 148 -29.43 -34.93 25.87
C GLU C 148 -29.53 -33.54 26.50
N GLU C 149 -28.82 -33.35 27.60
CA GLU C 149 -28.78 -32.05 28.27
C GLU C 149 -28.09 -31.01 27.41
N LEU C 150 -27.03 -31.43 26.71
CA LEU C 150 -26.29 -30.54 25.83
C LEU C 150 -27.16 -30.05 24.68
N LEU C 151 -27.89 -30.98 24.07
CA LEU C 151 -28.80 -30.65 22.98
C LEU C 151 -29.94 -29.78 23.51
N GLU C 152 -30.36 -30.07 24.73
CA GLU C 152 -31.44 -29.33 25.38
C GLU C 152 -31.05 -27.88 25.63
N ASN C 153 -29.76 -27.66 25.90
CA ASN C 153 -29.26 -26.32 26.20
C ASN C 153 -28.52 -25.71 25.01
N SER C 154 -28.91 -26.12 23.81
CA SER C 154 -28.26 -25.63 22.60
C SER C 154 -29.29 -25.09 21.61
N PRO C 155 -28.96 -23.98 20.94
CA PRO C 155 -29.85 -23.37 19.96
C PRO C 155 -29.83 -24.10 18.62
N CYS C 156 -30.27 -25.34 18.62
CA CYS C 156 -30.28 -26.17 17.42
C CYS C 156 -31.24 -27.34 17.57
N SER C 157 -31.58 -27.96 16.45
CA SER C 157 -32.40 -29.16 16.47
C SER C 157 -31.54 -30.36 16.85
N ALA C 158 -32.19 -31.50 17.08
CA ALA C 158 -31.48 -32.71 17.49
C ALA C 158 -30.49 -33.20 16.44
N LEU C 159 -30.98 -33.35 15.21
CA LEU C 159 -30.17 -33.87 14.12
C LEU C 159 -29.03 -32.93 13.75
N GLU C 160 -29.32 -31.64 13.74
CA GLU C 160 -28.30 -30.62 13.48
C GLU C 160 -27.24 -30.65 14.58
N GLY C 161 -27.69 -30.78 15.82
CA GLY C 161 -26.80 -30.83 16.96
C GLY C 161 -25.86 -32.02 16.92
N ILE C 162 -26.42 -33.19 16.60
CA ILE C 162 -25.62 -34.41 16.50
C ILE C 162 -24.64 -34.30 15.33
N SER C 163 -25.12 -33.74 14.22
CA SER C 163 -24.29 -33.56 13.03
C SER C 163 -23.07 -32.68 13.32
N LYS C 164 -23.31 -31.55 13.99
CA LYS C 164 -22.22 -30.65 14.34
C LYS C 164 -21.32 -31.28 15.41
N TRP C 165 -21.91 -32.07 16.29
CA TRP C 165 -21.16 -32.76 17.32
C TRP C 165 -20.20 -33.76 16.69
N HIS C 166 -20.62 -34.35 15.58
CA HIS C 166 -19.76 -35.27 14.83
C HIS C 166 -18.76 -34.51 13.97
N LYS C 167 -19.12 -33.28 13.59
CA LYS C 167 -18.25 -32.47 12.74
C LYS C 167 -17.10 -31.82 13.50
N ILE C 168 -17.32 -31.51 14.76
CA ILE C 168 -16.28 -30.86 15.56
C ILE C 168 -15.45 -31.88 16.32
N GLY C 169 -15.76 -33.15 16.12
CA GLY C 169 -15.06 -34.23 16.79
C GLY C 169 -15.36 -34.26 18.28
N GLY C 170 -16.60 -33.96 18.64
CA GLY C 170 -17.00 -34.00 20.04
C GLY C 170 -17.06 -35.43 20.55
N SER C 171 -16.63 -35.64 21.78
CA SER C 171 -16.60 -36.97 22.37
C SER C 171 -16.91 -36.93 23.87
N VAL C 172 -16.64 -38.04 24.55
CA VAL C 172 -16.87 -38.15 25.98
C VAL C 172 -15.81 -39.05 26.62
N LYS C 173 -15.15 -38.53 27.65
CA LYS C 173 -14.14 -39.28 28.37
C LYS C 173 -14.46 -39.35 29.86
N ASP C 174 -14.49 -40.57 30.39
CA ASP C 174 -14.75 -40.82 31.81
C ASP C 174 -16.03 -40.16 32.30
N GLY C 175 -17.04 -40.10 31.42
CA GLY C 175 -18.34 -39.55 31.78
C GLY C 175 -18.44 -38.04 31.59
N VAL C 176 -17.38 -37.43 31.07
CA VAL C 176 -17.39 -35.99 30.84
C VAL C 176 -17.23 -35.67 29.36
N LEU C 177 -18.20 -34.92 28.82
CA LEU C 177 -18.13 -34.50 27.42
C LEU C 177 -16.91 -33.63 27.19
N CYS C 178 -16.31 -33.73 26.01
CA CYS C 178 -15.10 -32.98 25.71
C CYS C 178 -14.88 -32.84 24.20
N ILE C 179 -13.95 -31.96 23.84
CA ILE C 179 -13.56 -31.76 22.45
C ILE C 179 -12.09 -32.11 22.28
N LEU C 180 -11.79 -32.98 21.33
CA LEU C 180 -10.41 -33.37 21.08
C LEU C 180 -9.63 -32.23 20.46
N SER C 181 -8.39 -32.06 20.91
CA SER C 181 -7.49 -31.07 20.34
C SER C 181 -7.10 -31.46 18.92
N GLN C 182 -6.65 -30.48 18.14
CA GLN C 182 -6.23 -30.71 16.76
C GLN C 182 -5.14 -31.79 16.72
N ASP C 183 -4.11 -31.60 17.54
CA ASP C 183 -2.98 -32.52 17.61
C ASP C 183 -3.40 -33.95 17.94
N PHE C 184 -4.17 -34.10 19.01
CA PHE C 184 -4.59 -35.42 19.48
C PHE C 184 -5.54 -36.09 18.49
N LEU C 185 -6.45 -35.32 17.91
CA LEU C 185 -7.37 -35.85 16.92
C LEU C 185 -6.57 -36.35 15.73
N PHE C 186 -5.57 -35.58 15.34
CA PHE C 186 -4.74 -35.94 14.20
C PHE C 186 -3.93 -37.20 14.48
N LYS C 187 -3.47 -37.33 15.72
CA LYS C 187 -2.74 -38.52 16.14
C LYS C 187 -3.62 -39.76 16.13
N ALA C 188 -4.81 -39.64 16.70
CA ALA C 188 -5.76 -40.75 16.75
C ALA C 188 -6.17 -41.20 15.36
N LEU C 189 -6.44 -40.23 14.49
CA LEU C 189 -6.81 -40.52 13.11
C LEU C 189 -5.68 -41.24 12.38
N HIS C 190 -4.48 -40.69 12.48
CA HIS C 190 -3.31 -41.24 11.79
C HIS C 190 -3.03 -42.68 12.24
N VAL C 191 -2.98 -42.87 13.55
CA VAL C 191 -2.75 -44.20 14.13
C VAL C 191 -3.85 -45.17 13.70
N LEU C 192 -5.09 -44.69 13.68
CA LEU C 192 -6.21 -45.53 13.26
C LEU C 192 -6.05 -45.98 11.81
N LEU C 193 -5.64 -45.06 10.94
CA LEU C 193 -5.44 -45.39 9.54
C LEU C 193 -4.32 -46.41 9.36
N MET C 194 -3.16 -46.13 9.95
CA MET C 194 -2.01 -47.02 9.81
C MET C 194 -2.31 -48.41 10.37
N SER C 195 -3.05 -48.46 11.49
CA SER C 195 -3.43 -49.72 12.10
C SER C 195 -4.44 -50.46 11.22
N ALA C 196 -5.31 -49.70 10.57
CA ALA C 196 -6.32 -50.28 9.69
C ALA C 196 -5.67 -50.90 8.46
N MET C 197 -4.62 -50.27 7.95
CA MET C 197 -3.91 -50.80 6.79
C MET C 197 -2.95 -51.91 7.18
N ALA C 198 -2.49 -51.90 8.42
CA ALA C 198 -1.58 -52.93 8.91
C ALA C 198 -2.31 -54.26 9.06
N GLU C 199 -3.61 -54.18 9.35
CA GLU C 199 -4.43 -55.38 9.52
C GLU C 199 -5.29 -55.64 8.29
N SER C 200 -5.06 -54.84 7.25
CA SER C 200 -5.82 -54.95 6.00
C SER C 200 -7.33 -54.86 6.24
N LEU C 201 -7.74 -53.87 7.02
CA LEU C 201 -9.15 -53.67 7.32
C LEU C 201 -9.88 -53.04 6.14
N ASP C 202 -11.16 -53.39 6.00
CA ASP C 202 -11.99 -52.83 4.95
C ASP C 202 -12.33 -51.38 5.22
N LEU C 203 -11.77 -50.47 4.44
CA LEU C 203 -12.03 -49.05 4.62
C LEU C 203 -13.49 -48.73 4.29
N GLN C 204 -14.10 -49.59 3.49
CA GLN C 204 -15.48 -49.39 3.05
C GLN C 204 -16.50 -49.82 4.12
N HIS C 205 -16.08 -50.72 5.00
CA HIS C 205 -16.97 -51.22 6.05
C HIS C 205 -16.28 -51.40 7.39
N LEU C 206 -16.01 -50.28 8.07
CA LEU C 206 -15.39 -50.31 9.38
C LEU C 206 -16.42 -50.30 10.50
N ASN C 207 -16.16 -51.09 11.54
CA ASN C 207 -17.01 -51.08 12.74
C ASN C 207 -16.18 -50.69 13.97
N VAL C 208 -16.85 -50.44 15.08
CA VAL C 208 -16.19 -49.93 16.28
C VAL C 208 -15.25 -50.95 16.94
N GLU C 209 -15.78 -52.15 17.19
CA GLU C 209 -15.04 -53.17 17.94
C GLU C 209 -13.75 -53.61 17.24
N ASP C 210 -13.86 -54.04 15.99
CA ASP C 210 -12.71 -54.55 15.24
C ASP C 210 -11.62 -53.49 15.09
N THR C 211 -12.05 -52.26 14.78
CA THR C 211 -11.12 -51.15 14.61
C THR C 211 -10.42 -50.85 15.93
N HIS C 212 -11.19 -50.80 17.01
CA HIS C 212 -10.66 -50.57 18.35
C HIS C 212 -9.62 -51.61 18.72
N HIS C 213 -9.90 -52.87 18.38
CA HIS C 213 -8.96 -53.95 18.65
C HIS C 213 -7.71 -53.83 17.79
N ALA C 214 -7.89 -53.32 16.57
CA ALA C 214 -6.79 -53.20 15.63
C ALA C 214 -5.86 -52.04 15.96
N VAL C 215 -6.40 -51.00 16.61
CA VAL C 215 -5.62 -49.82 16.93
C VAL C 215 -4.76 -49.99 18.18
N GLY C 216 -5.40 -50.33 19.29
CA GLY C 216 -4.72 -50.39 20.57
C GLY C 216 -4.15 -51.75 20.92
N LYS C 217 -3.87 -52.55 19.90
CA LYS C 217 -3.33 -53.89 20.12
C LYS C 217 -1.85 -53.85 20.52
N ASP C 218 -1.11 -52.90 19.94
CA ASP C 218 0.33 -52.82 20.17
C ASP C 218 0.67 -52.08 21.46
N ILE C 219 0.25 -50.81 21.52
CA ILE C 219 0.57 -49.94 22.65
C ILE C 219 -0.06 -50.45 23.95
N GLU C 220 0.65 -50.27 25.05
CA GLU C 220 0.15 -50.66 26.37
C GLU C 220 -1.09 -49.87 26.76
N ASP C 221 -1.95 -50.48 27.58
CA ASP C 221 -3.24 -49.90 27.95
C ASP C 221 -3.11 -48.63 28.78
N GLU C 222 -2.05 -48.53 29.57
CA GLU C 222 -1.83 -47.37 30.42
C GLU C 222 -1.60 -46.11 29.61
N PHE C 223 -1.07 -46.27 28.40
CA PHE C 223 -0.86 -45.16 27.49
C PHE C 223 -1.82 -45.26 26.31
N ASN C 224 -2.94 -45.93 26.54
CA ASN C 224 -3.96 -46.12 25.51
C ASN C 224 -5.24 -45.37 25.84
N PRO C 225 -5.40 -44.16 25.30
CA PRO C 225 -6.58 -43.32 25.52
C PRO C 225 -7.69 -43.59 24.52
N TYR C 226 -7.42 -44.47 23.55
CA TYR C 226 -8.36 -44.72 22.46
C TYR C 226 -9.45 -45.72 22.87
N THR C 227 -10.48 -45.23 23.54
CA THR C 227 -11.62 -46.06 23.91
C THR C 227 -12.59 -46.17 22.75
N ARG C 228 -13.71 -46.86 22.96
CA ARG C 228 -14.69 -47.08 21.90
C ARG C 228 -15.37 -45.77 21.49
N GLU C 229 -15.52 -44.86 22.44
CA GLU C 229 -16.19 -43.59 22.19
C GLU C 229 -15.35 -42.65 21.33
N ILE C 230 -14.05 -42.61 21.60
CA ILE C 230 -13.13 -41.80 20.81
C ILE C 230 -13.12 -42.28 19.37
N ILE C 231 -13.01 -43.60 19.21
CA ILE C 231 -13.04 -44.23 17.90
C ILE C 231 -14.34 -43.90 17.17
N GLU C 232 -15.45 -44.01 17.88
CA GLU C 232 -16.76 -43.72 17.30
C GLU C 232 -16.86 -42.27 16.86
N THR C 233 -16.20 -41.39 17.61
CA THR C 233 -16.15 -39.97 17.27
C THR C 233 -15.36 -39.75 15.98
N VAL C 234 -14.17 -40.35 15.91
CA VAL C 234 -13.33 -40.26 14.73
C VAL C 234 -14.07 -40.79 13.51
N LEU C 235 -14.82 -41.87 13.69
CA LEU C 235 -15.62 -42.45 12.61
C LEU C 235 -16.74 -41.50 12.21
N ASN C 236 -17.35 -40.86 13.20
CA ASN C 236 -18.42 -39.92 12.95
C ASN C 236 -17.91 -38.63 12.32
N LYS C 237 -16.60 -38.47 12.31
CA LYS C 237 -15.96 -37.30 11.72
C LYS C 237 -15.48 -37.60 10.30
N PHE C 238 -14.94 -38.79 10.08
CA PHE C 238 -14.32 -39.12 8.81
C PHE C 238 -15.00 -40.27 8.05
N ALA C 239 -16.14 -40.73 8.54
CA ALA C 239 -16.84 -41.85 7.90
C ALA C 239 -18.35 -41.66 7.93
N VAL C 240 -19.06 -42.47 7.17
CA VAL C 240 -20.52 -42.39 7.10
C VAL C 240 -21.17 -43.71 7.48
N GLN C 241 -22.11 -43.65 8.42
CA GLN C 241 -22.78 -44.84 8.94
C GLN C 241 -23.99 -45.28 8.12
N GLU C 242 -24.17 -46.60 8.04
CA GLU C 242 -25.31 -47.19 7.32
C GLU C 242 -25.41 -46.73 5.88
N ASN C 247 -24.57 -55.41 13.13
CA ASN C 247 -24.49 -54.01 13.54
C ASN C 247 -24.24 -53.09 12.35
N ASN C 248 -24.70 -51.84 12.47
CA ASN C 248 -24.50 -50.84 11.43
C ASN C 248 -23.01 -50.55 11.24
N THR C 249 -22.61 -50.30 10.00
CA THR C 249 -21.19 -50.09 9.71
C THR C 249 -20.93 -48.73 9.07
N TRP C 250 -19.66 -48.35 9.05
CA TRP C 250 -19.22 -47.06 8.50
C TRP C 250 -18.37 -47.22 7.25
N ARG C 251 -18.40 -46.19 6.41
CA ARG C 251 -17.60 -46.15 5.20
C ARG C 251 -16.77 -44.87 5.15
N LEU C 252 -15.46 -45.06 4.99
CA LEU C 252 -14.51 -43.96 5.08
C LEU C 252 -14.67 -42.97 3.92
N ARG C 253 -14.57 -41.69 4.25
CA ARG C 253 -14.53 -40.64 3.25
C ARG C 253 -13.08 -40.47 2.81
N ILE C 254 -12.83 -39.68 1.77
CA ILE C 254 -11.47 -39.54 1.28
C ILE C 254 -10.96 -38.10 1.16
N PRO C 255 -11.73 -37.18 0.55
CA PRO C 255 -11.28 -35.78 0.45
C PRO C 255 -11.08 -35.08 1.79
N PHE C 256 -11.94 -35.43 2.74
CA PHE C 256 -11.94 -34.85 4.07
C PHE C 256 -10.69 -35.15 4.89
N ILE C 257 -10.27 -36.40 4.90
CA ILE C 257 -9.07 -36.74 5.65
C ILE C 257 -7.83 -36.06 5.10
N ALA C 258 -7.63 -36.14 3.79
CA ALA C 258 -6.50 -35.48 3.16
C ALA C 258 -6.47 -33.96 3.31
N GLN C 259 -7.65 -33.34 3.24
CA GLN C 259 -7.72 -31.90 3.43
C GLN C 259 -7.33 -31.55 4.85
N TRP C 260 -7.81 -32.37 5.78
CA TRP C 260 -7.51 -32.21 7.19
C TRP C 260 -6.02 -32.38 7.41
N TYR C 261 -5.48 -33.41 6.81
CA TYR C 261 -4.08 -33.61 6.94
C TYR C 261 -3.27 -32.40 6.42
N GLY C 262 -3.75 -31.78 5.35
CA GLY C 262 -3.08 -30.62 4.79
C GLY C 262 -3.15 -29.40 5.68
N ILE C 263 -4.28 -29.26 6.36
CA ILE C 263 -4.48 -28.16 7.31
C ILE C 263 -3.53 -28.29 8.50
N GLN C 264 -3.40 -29.51 9.01
CA GLN C 264 -2.46 -29.81 10.08
C GLN C 264 -1.03 -29.44 9.67
N ALA C 265 -0.71 -29.77 8.42
CA ALA C 265 0.62 -29.47 7.87
C ALA C 265 0.84 -27.96 7.89
N LEU C 266 -0.20 -27.24 7.48
CA LEU C 266 -0.21 -25.78 7.49
C LEU C 266 0.07 -25.27 8.91
N ARG C 267 -0.56 -25.85 9.93
CA ARG C 267 -0.36 -25.36 11.30
C ARG C 267 1.05 -25.68 11.77
N LYS C 268 1.68 -26.70 11.18
CA LYS C 268 3.01 -27.11 11.61
C LYS C 268 4.14 -26.30 10.95
N TYR C 269 4.03 -25.92 9.68
CA TYR C 269 5.21 -25.37 8.99
C TYR C 269 5.11 -23.85 8.80
N VAL C 270 3.93 -23.29 8.65
CA VAL C 270 3.82 -21.85 8.39
C VAL C 270 2.98 -21.11 9.43
N SER C 271 3.15 -21.51 10.69
CA SER C 271 2.52 -20.85 11.81
C SER C 271 3.51 -19.83 12.36
N GLY C 272 4.80 -20.07 12.14
CA GLY C 272 5.83 -19.19 12.64
C GLY C 272 6.28 -18.07 11.70
N ILE C 273 6.57 -18.43 10.44
CA ILE C 273 7.04 -17.48 9.44
C ILE C 273 6.41 -17.79 8.08
N SER C 274 6.30 -16.79 7.23
CA SER C 274 5.71 -16.98 5.90
C SER C 274 6.84 -17.24 4.90
N MET C 275 6.45 -17.67 3.70
CA MET C 275 7.40 -18.01 2.65
C MET C 275 6.74 -18.06 1.29
N PRO C 276 7.45 -17.59 0.25
CA PRO C 276 6.99 -17.65 -1.15
C PRO C 276 6.41 -19.01 -1.53
N ILE C 277 5.34 -18.94 -2.30
CA ILE C 277 4.56 -20.10 -2.69
C ILE C 277 5.22 -21.27 -3.41
N ASP C 278 6.02 -21.06 -4.45
CA ASP C 278 6.56 -22.25 -5.12
C ASP C 278 7.45 -23.13 -4.25
N GLU C 279 8.27 -22.49 -3.41
CA GLU C 279 9.13 -23.24 -2.52
C GLU C 279 8.32 -23.93 -1.43
N PHE C 280 7.39 -23.20 -0.84
CA PHE C 280 6.56 -23.79 0.21
C PHE C 280 5.70 -24.92 -0.33
N LEU C 281 5.18 -24.78 -1.54
CA LEU C 281 4.41 -25.86 -2.15
C LEU C 281 5.28 -27.07 -2.33
N ILE C 282 6.55 -26.84 -2.66
CA ILE C 282 7.45 -27.98 -2.78
C ILE C 282 7.61 -28.66 -1.43
N LYS C 283 7.87 -27.88 -0.39
CA LYS C 283 8.07 -28.45 0.94
C LYS C 283 6.83 -29.12 1.55
N TRP C 284 5.68 -28.46 1.40
CA TRP C 284 4.38 -28.99 1.81
C TRP C 284 4.19 -30.34 1.13
N LYS C 285 4.40 -30.32 -0.19
CA LYS C 285 4.32 -31.48 -1.08
C LYS C 285 5.28 -32.59 -0.63
N SER C 286 6.46 -32.30 -0.08
CA SER C 286 7.24 -33.47 0.27
C SER C 286 6.63 -34.18 1.51
N LEU C 287 5.81 -33.48 2.30
CA LEU C 287 5.14 -34.07 3.48
C LEU C 287 3.95 -35.04 3.27
N PHE C 288 4.22 -36.33 3.27
CA PHE C 288 3.23 -37.40 3.06
C PHE C 288 3.47 -38.67 3.93
N PRO C 289 3.21 -38.61 5.25
CA PRO C 289 3.15 -39.86 6.03
C PRO C 289 2.08 -40.99 5.69
N PRO C 290 0.77 -40.64 5.52
CA PRO C 290 -0.16 -41.76 5.26
C PRO C 290 0.35 -42.60 4.12
N PHE C 291 0.23 -43.91 4.20
CA PHE C 291 0.64 -44.69 3.07
C PHE C 291 -0.14 -44.27 1.81
N PHE C 292 -1.47 -44.12 1.92
CA PHE C 292 -2.39 -43.67 0.82
C PHE C 292 -2.09 -42.20 0.44
N PRO C 293 -1.71 -41.95 -0.83
CA PRO C 293 -1.29 -40.65 -1.37
C PRO C 293 -2.51 -39.77 -1.63
N CYS C 294 -2.25 -38.50 -1.94
CA CYS C 294 -3.32 -37.54 -2.03
C CYS C 294 -3.27 -36.83 -3.37
N ASP C 295 -4.40 -36.38 -3.87
CA ASP C 295 -4.35 -35.59 -5.07
C ASP C 295 -4.38 -34.16 -4.54
N ILE C 296 -3.67 -33.27 -5.23
CA ILE C 296 -3.69 -31.89 -4.84
C ILE C 296 -4.70 -31.16 -5.71
N ASP C 297 -5.26 -30.09 -5.17
CA ASP C 297 -6.16 -29.25 -5.94
C ASP C 297 -6.09 -27.82 -5.39
N ILE C 298 -6.51 -26.85 -6.19
CA ILE C 298 -6.48 -25.46 -5.73
C ILE C 298 -7.55 -25.23 -4.66
N ASP C 299 -8.60 -26.04 -4.68
CA ASP C 299 -9.67 -25.94 -3.69
C ASP C 299 -9.21 -26.40 -2.30
N MET C 300 -8.39 -27.43 -2.29
CA MET C 300 -7.86 -27.95 -1.04
C MET C 300 -6.89 -26.99 -0.37
N LEU C 301 -6.24 -26.14 -1.16
CA LEU C 301 -5.21 -25.26 -0.63
C LEU C 301 -5.82 -24.14 0.21
N ARG C 302 -6.88 -23.58 -0.37
CA ARG C 302 -7.76 -22.50 0.11
C ARG C 302 -8.63 -22.70 1.37
N GLY C 303 -8.65 -21.65 2.18
CA GLY C 303 -9.36 -21.57 3.46
C GLY C 303 -8.67 -21.79 4.78
N TYR C 304 -7.41 -22.15 4.68
CA TYR C 304 -6.59 -22.40 5.84
C TYR C 304 -5.30 -21.58 5.76
N HIS C 305 -5.17 -20.75 4.71
CA HIS C 305 -3.95 -19.95 4.48
C HIS C 305 -4.19 -18.64 3.72
N PHE C 306 -3.19 -17.76 3.71
CA PHE C 306 -3.29 -16.56 2.89
C PHE C 306 -2.00 -16.21 2.17
N LYS C 307 -2.12 -15.34 1.17
CA LYS C 307 -1.00 -14.94 0.33
C LYS C 307 -0.66 -13.46 0.49
N LYS C 311 2.48 -14.05 -4.20
CA LYS C 311 3.32 -15.16 -4.60
C LYS C 311 4.00 -15.76 -3.37
N THR C 312 3.42 -15.47 -2.21
CA THR C 312 3.92 -15.98 -0.93
C THR C 312 2.73 -16.57 -0.17
N VAL C 313 2.97 -17.43 0.82
CA VAL C 313 1.87 -18.06 1.55
C VAL C 313 2.10 -18.11 3.07
N GLN C 314 1.03 -17.95 3.84
CA GLN C 314 1.07 -18.06 5.30
C GLN C 314 -0.23 -18.61 5.94
N TYR C 315 -0.11 -19.43 6.98
CA TYR C 315 -1.27 -20.03 7.64
C TYR C 315 -2.16 -19.00 8.35
N ILE C 316 -3.47 -19.26 8.33
CA ILE C 316 -4.46 -18.46 9.07
C ILE C 316 -5.61 -19.31 9.61
N ALA C 317 -5.98 -19.05 10.87
CA ALA C 317 -7.11 -19.74 11.49
C ALA C 317 -8.36 -18.86 11.50
N LYS C 318 -9.49 -19.46 11.10
CA LYS C 318 -10.78 -18.77 11.02
C LYS C 318 -11.28 -18.28 12.38
N SER C 319 -11.04 -19.09 13.41
CA SER C 319 -11.44 -18.80 14.78
C SER C 319 -10.74 -17.57 15.36
N THR C 320 -9.55 -17.26 14.85
CA THR C 320 -8.74 -16.16 15.38
C THR C 320 -9.09 -14.80 14.80
N LEU C 321 -9.95 -14.79 13.80
CA LEU C 321 -10.33 -13.55 13.14
C LEU C 321 -11.37 -12.88 14.05
N PRO C 322 -11.42 -11.54 14.07
CA PRO C 322 -12.42 -10.84 14.87
C PRO C 322 -13.83 -11.23 14.45
N MET C 323 -14.75 -11.27 15.40
CA MET C 323 -16.11 -11.71 15.13
C MET C 323 -16.99 -10.62 14.55
N ASP C 324 -16.59 -9.36 14.71
CA ASP C 324 -17.36 -8.29 14.10
C ASP C 324 -16.94 -8.19 12.64
N PRO C 325 -17.92 -8.25 11.73
CA PRO C 325 -17.74 -8.29 10.26
C PRO C 325 -16.86 -7.20 9.65
N LYS C 326 -17.16 -5.93 9.91
CA LYS C 326 -16.41 -4.84 9.29
C LYS C 326 -14.94 -4.84 9.67
N GLU C 327 -14.67 -5.18 10.92
CA GLU C 327 -13.31 -5.21 11.44
C GLU C 327 -12.59 -6.40 10.84
N ARG C 328 -13.32 -7.49 10.71
CA ARG C 328 -12.79 -8.72 10.15
C ARG C 328 -12.36 -8.52 8.70
N PHE C 329 -13.22 -7.87 7.91
CA PHE C 329 -12.92 -7.58 6.52
C PHE C 329 -11.79 -6.56 6.40
N LYS C 330 -11.77 -5.63 7.35
CA LYS C 330 -10.74 -4.59 7.40
C LYS C 330 -9.37 -5.22 7.59
N VAL C 331 -9.28 -6.13 8.55
CA VAL C 331 -8.02 -6.77 8.90
C VAL C 331 -7.63 -7.75 7.80
N LEU C 332 -8.62 -8.38 7.18
CA LEU C 332 -8.36 -9.29 6.08
C LEU C 332 -7.75 -8.50 4.92
N PHE C 333 -8.25 -7.29 4.68
CA PHE C 333 -7.70 -6.44 3.62
C PHE C 333 -6.36 -5.81 4.02
N ARG C 334 -6.09 -5.79 5.32
CA ARG C 334 -4.81 -5.36 5.88
C ARG C 334 -3.74 -6.42 5.69
N LEU C 335 -4.17 -7.67 5.77
CA LEU C 335 -3.35 -8.87 5.60
C LEU C 335 -2.92 -9.18 4.15
N GLN C 336 -3.80 -8.87 3.20
CA GLN C 336 -3.54 -9.18 1.79
C GLN C 336 -4.05 -8.14 0.81
N SER C 337 -3.13 -7.49 0.11
CA SER C 337 -3.50 -6.41 -0.78
C SER C 337 -4.43 -7.03 -1.83
N GLN C 338 -4.05 -8.19 -2.34
CA GLN C 338 -4.84 -8.89 -3.36
C GLN C 338 -5.25 -10.30 -2.91
N TRP C 339 -6.54 -10.62 -2.92
CA TRP C 339 -6.99 -11.94 -2.47
C TRP C 339 -7.51 -12.75 -3.65
N ASP C 340 -7.34 -14.07 -3.61
CA ASP C 340 -8.07 -14.94 -4.53
C ASP C 340 -9.51 -15.30 -4.14
N LEU C 341 -10.40 -15.41 -5.13
CA LEU C 341 -11.82 -15.69 -4.88
C LEU C 341 -12.02 -16.99 -4.12
N GLU C 342 -11.37 -18.04 -4.61
CA GLU C 342 -11.57 -19.38 -4.08
C GLU C 342 -10.89 -19.52 -2.74
N ASP C 343 -9.92 -18.66 -2.50
CA ASP C 343 -9.23 -18.66 -1.22
C ASP C 343 -10.08 -18.04 -0.13
N ILE C 344 -10.85 -17.02 -0.50
CA ILE C 344 -11.61 -16.25 0.47
C ILE C 344 -13.05 -16.71 0.63
N LYS C 345 -13.61 -17.40 -0.36
CA LYS C 345 -15.02 -17.81 -0.27
C LYS C 345 -15.24 -18.64 1.01
N PRO C 346 -14.45 -19.71 1.22
CA PRO C 346 -14.68 -20.51 2.43
C PRO C 346 -14.35 -19.72 3.69
N LEU C 347 -13.66 -18.60 3.52
CA LEU C 347 -13.25 -17.77 4.66
C LEU C 347 -14.28 -16.78 5.13
N ILE C 348 -15.36 -16.60 4.38
CA ILE C 348 -16.30 -15.58 4.83
C ILE C 348 -17.71 -16.14 4.88
N GLU C 349 -17.86 -17.37 4.41
CA GLU C 349 -19.17 -18.00 4.34
C GLU C 349 -19.75 -18.11 5.75
N GLU C 350 -18.89 -18.53 6.67
CA GLU C 350 -19.23 -18.83 8.06
C GLU C 350 -19.35 -17.59 8.94
N LEU C 351 -18.79 -16.47 8.47
CA LEU C 351 -18.61 -15.30 9.32
C LEU C 351 -19.90 -14.52 9.57
N ASN C 352 -20.55 -14.12 8.49
CA ASN C 352 -21.78 -13.35 8.60
C ASN C 352 -23.00 -14.25 8.61
N SER C 353 -23.80 -14.07 9.65
CA SER C 353 -24.98 -14.87 9.95
C SER C 353 -26.26 -14.42 9.25
N ARG C 354 -26.15 -13.47 8.32
CA ARG C 354 -27.35 -12.97 7.63
C ARG C 354 -27.99 -14.01 6.70
N GLY C 355 -27.20 -14.88 6.08
CA GLY C 355 -27.78 -15.88 5.20
C GLY C 355 -28.11 -15.35 3.82
N MET C 356 -27.48 -14.24 3.48
CA MET C 356 -27.69 -13.56 2.20
C MET C 356 -26.78 -14.15 1.13
N LYS C 357 -27.15 -13.96 -0.13
CA LYS C 357 -26.38 -14.46 -1.25
C LYS C 357 -24.89 -14.13 -1.12
N ILE C 358 -24.06 -14.95 -1.76
CA ILE C 358 -22.61 -14.84 -1.59
C ILE C 358 -22.05 -13.58 -2.23
N ASP C 359 -22.45 -13.31 -3.46
CA ASP C 359 -21.95 -12.13 -4.15
C ASP C 359 -22.41 -10.88 -3.41
N SER C 360 -23.68 -10.86 -3.04
CA SER C 360 -24.25 -9.75 -2.28
C SER C 360 -23.54 -9.61 -0.94
N PHE C 361 -23.21 -10.76 -0.33
CA PHE C 361 -22.47 -10.79 0.92
C PHE C 361 -21.14 -10.06 0.77
N ILE C 362 -20.44 -10.37 -0.30
CA ILE C 362 -19.15 -9.76 -0.58
C ILE C 362 -19.27 -8.26 -0.84
N MET C 363 -20.26 -7.88 -1.65
CA MET C 363 -20.43 -6.48 -2.03
C MET C 363 -20.85 -5.60 -0.87
N LYS C 364 -21.65 -6.14 0.04
CA LYS C 364 -22.14 -5.37 1.18
C LYS C 364 -21.04 -4.93 2.14
N TYR C 365 -20.10 -5.81 2.41
CA TYR C 365 -19.05 -5.53 3.38
C TYR C 365 -17.72 -5.18 2.73
N ALA C 366 -17.67 -5.28 1.40
CA ALA C 366 -16.43 -4.99 0.69
C ALA C 366 -16.70 -4.36 -0.67
N ARG C 367 -15.67 -4.36 -1.51
CA ARG C 367 -15.78 -3.91 -2.89
C ARG C 367 -15.08 -4.88 -3.86
N ARG C 368 -15.84 -5.48 -4.78
CA ARG C 368 -15.27 -6.44 -5.73
C ARG C 368 -14.44 -5.78 -6.81
N LYS C 369 -13.35 -6.44 -7.20
CA LYS C 369 -12.51 -5.94 -8.28
C LYS C 369 -12.02 -7.11 -9.15
N ARG C 370 -12.86 -7.52 -10.11
CA ARG C 370 -12.60 -8.72 -10.90
C ARG C 370 -11.42 -8.61 -11.86
N LEU C 371 -10.99 -9.76 -12.36
CA LEU C 371 -9.94 -9.86 -13.37
C LEU C 371 -10.32 -11.02 -14.29
N GLY C 372 -9.64 -11.14 -15.42
CA GLY C 372 -10.00 -12.14 -16.41
C GLY C 372 -9.99 -13.58 -15.93
N LYS C 373 -8.96 -13.96 -15.20
CA LYS C 373 -8.87 -15.33 -14.69
C LYS C 373 -9.94 -15.66 -13.66
N LYS C 374 -10.17 -14.76 -12.72
CA LYS C 374 -11.17 -15.00 -11.67
C LYS C 374 -11.59 -13.68 -11.03
N THR C 375 -12.74 -13.68 -10.36
CA THR C 375 -13.25 -12.48 -9.70
C THR C 375 -12.64 -12.26 -8.32
N VAL C 376 -11.51 -11.56 -8.27
CA VAL C 376 -10.82 -11.34 -7.01
C VAL C 376 -11.32 -10.07 -6.31
N VAL C 377 -10.76 -9.78 -5.13
CA VAL C 377 -11.18 -8.60 -4.36
C VAL C 377 -9.97 -7.81 -3.85
N THR C 378 -10.12 -6.49 -3.70
CA THR C 378 -9.08 -5.62 -3.13
C THR C 378 -9.72 -4.48 -2.37
N SER C 379 -8.94 -3.77 -1.54
CA SER C 379 -9.49 -2.61 -0.83
C SER C 379 -8.66 -1.33 -0.99
N ARG C 380 -9.06 -0.44 -1.88
CA ARG C 380 -8.39 0.86 -2.11
C ARG C 380 -6.86 0.80 -2.05
N PRO D 2 -33.78 -21.88 28.86
CA PRO D 2 -34.98 -22.67 29.17
C PRO D 2 -35.59 -23.32 27.92
N SER D 3 -36.52 -24.24 28.13
CA SER D 3 -37.17 -24.95 27.03
C SER D 3 -38.49 -25.60 27.44
N VAL D 4 -39.43 -25.71 26.51
CA VAL D 4 -40.73 -26.30 26.80
C VAL D 4 -41.40 -26.83 25.53
N ASP D 5 -42.11 -27.95 25.65
CA ASP D 5 -42.78 -28.53 24.50
C ASP D 5 -44.11 -27.85 24.15
N ILE D 6 -44.47 -27.90 22.88
CA ILE D 6 -45.79 -27.46 22.42
C ILE D 6 -46.80 -28.59 22.52
N ASP D 7 -47.89 -28.41 23.26
CA ASP D 7 -48.87 -29.49 23.34
C ASP D 7 -49.91 -29.39 22.21
N ALA D 8 -49.92 -30.39 21.33
CA ALA D 8 -50.86 -30.40 20.20
C ALA D 8 -51.77 -31.63 20.12
N SER D 9 -51.93 -32.37 21.22
CA SER D 9 -52.75 -33.59 21.18
C SER D 9 -54.25 -33.37 20.96
N GLN D 10 -54.83 -32.44 21.70
CA GLN D 10 -56.26 -32.18 21.58
C GLN D 10 -56.59 -31.65 20.19
N TRP D 11 -55.73 -30.76 19.71
CA TRP D 11 -55.90 -30.18 18.39
C TRP D 11 -55.79 -31.24 17.31
N GLN D 12 -54.91 -32.21 17.50
CA GLN D 12 -54.77 -33.29 16.54
C GLN D 12 -55.98 -34.22 16.52
N LYS D 13 -56.46 -34.61 17.70
CA LYS D 13 -57.62 -35.48 17.77
C LYS D 13 -58.84 -34.80 17.13
N LEU D 14 -59.04 -33.52 17.44
CA LEU D 14 -60.21 -32.81 16.90
C LEU D 14 -60.08 -32.54 15.40
N THR D 15 -58.85 -32.25 14.96
CA THR D 15 -58.54 -32.00 13.55
C THR D 15 -58.71 -33.21 12.64
N GLN D 16 -58.21 -34.36 13.10
CA GLN D 16 -58.28 -35.60 12.33
C GLN D 16 -59.69 -36.13 12.08
N SER D 17 -60.60 -35.97 13.02
CA SER D 17 -61.94 -36.53 12.82
C SER D 17 -62.91 -35.67 12.01
N ARG D 18 -62.49 -34.49 11.57
CA ARG D 18 -63.35 -33.69 10.71
C ARG D 18 -62.61 -32.92 9.61
N GLU D 19 -63.38 -32.40 8.68
CA GLU D 19 -62.85 -31.64 7.56
C GLU D 19 -62.22 -30.33 8.00
N LYS D 20 -61.53 -29.72 7.05
CA LYS D 20 -61.07 -28.37 7.17
C LYS D 20 -62.16 -27.34 6.93
N GLN D 21 -61.91 -26.22 7.60
CA GLN D 21 -62.69 -24.99 7.61
C GLN D 21 -62.93 -24.49 6.17
N THR D 22 -64.19 -24.15 5.88
CA THR D 22 -64.63 -23.73 4.54
C THR D 22 -64.70 -22.22 4.63
N THR D 23 -65.42 -21.66 5.59
CA THR D 23 -65.44 -20.23 5.68
C THR D 23 -64.49 -19.89 6.82
N VAL D 24 -64.61 -18.71 7.41
CA VAL D 24 -63.72 -18.34 8.49
C VAL D 24 -63.90 -19.03 9.84
N ILE D 25 -65.11 -19.47 10.18
CA ILE D 25 -65.23 -20.22 11.43
C ILE D 25 -64.45 -21.53 11.41
N THR D 26 -63.55 -21.73 12.38
CA THR D 26 -62.82 -22.99 12.49
C THR D 26 -63.78 -24.13 12.85
N PRO D 27 -63.40 -25.38 12.55
CA PRO D 27 -64.23 -26.51 12.99
C PRO D 27 -64.42 -26.51 14.51
N LEU D 28 -63.50 -25.84 15.19
CA LEU D 28 -63.50 -25.70 16.65
C LEU D 28 -64.31 -24.50 17.16
N GLY D 29 -64.84 -23.70 16.24
CA GLY D 29 -65.72 -22.61 16.65
C GLY D 29 -64.95 -21.37 17.05
N MET D 30 -63.94 -21.01 16.25
CA MET D 30 -63.09 -19.87 16.52
C MET D 30 -62.82 -19.09 15.23
N MET D 31 -62.66 -17.78 15.35
CA MET D 31 -62.43 -16.95 14.18
C MET D 31 -61.49 -15.77 14.45
N MET D 32 -61.05 -15.13 13.37
CA MET D 32 -60.09 -14.03 13.47
C MET D 32 -60.67 -12.77 12.83
N LEU D 33 -60.79 -11.72 13.64
CA LEU D 33 -61.35 -10.46 13.18
C LEU D 33 -60.29 -9.36 13.12
N GLU D 34 -60.21 -8.63 12.01
CA GLU D 34 -59.22 -7.57 11.90
C GLU D 34 -59.87 -6.27 11.47
N ILE D 35 -59.54 -5.21 12.19
CA ILE D 35 -60.07 -3.88 11.91
C ILE D 35 -58.92 -2.87 11.83
N GLN D 36 -58.86 -2.11 10.76
CA GLN D 36 -57.85 -1.06 10.65
C GLN D 36 -58.24 0.14 11.51
N GLY D 37 -58.01 0.02 12.82
CA GLY D 37 -58.37 1.08 13.75
C GLY D 37 -58.47 0.64 15.20
N GLU D 38 -58.92 1.54 16.06
CA GLU D 38 -59.09 1.27 17.49
C GLU D 38 -60.56 1.20 17.87
N LEU D 39 -60.95 0.09 18.51
CA LEU D 39 -62.32 -0.08 18.98
C LEU D 39 -62.57 0.65 20.29
N GLU D 40 -63.30 1.76 20.21
CA GLU D 40 -63.56 2.61 21.37
C GLU D 40 -64.74 2.08 22.19
N LEU D 41 -64.42 1.49 23.34
CA LEU D 41 -65.42 1.00 24.28
C LEU D 41 -65.39 1.79 25.58
N PRO D 42 -66.52 1.82 26.30
CA PRO D 42 -66.62 2.52 27.59
C PRO D 42 -65.58 2.05 28.59
N LYS D 43 -65.12 2.94 29.45
CA LYS D 43 -64.12 2.61 30.45
C LYS D 43 -64.74 1.92 31.65
N ASP D 44 -66.05 2.02 31.80
CA ASP D 44 -66.71 1.41 32.95
C ASP D 44 -67.91 0.61 32.46
N PHE D 45 -67.68 -0.67 32.20
CA PHE D 45 -68.73 -1.57 31.75
C PHE D 45 -69.76 -1.81 32.83
N ALA D 46 -69.28 -1.92 34.07
CA ALA D 46 -70.11 -2.26 35.21
C ALA D 46 -71.22 -1.24 35.46
N SER D 47 -70.88 0.03 35.33
CA SER D 47 -71.84 1.10 35.57
C SER D 47 -72.95 1.13 34.53
N LEU D 48 -72.58 0.96 33.26
CA LEU D 48 -73.55 1.04 32.18
C LEU D 48 -74.37 -0.24 32.03
N ALA D 49 -73.82 -1.36 32.51
CA ALA D 49 -74.54 -2.63 32.42
C ALA D 49 -75.79 -2.70 33.29
N ARG D 50 -75.82 -1.97 34.40
CA ARG D 50 -77.02 -1.97 35.25
C ARG D 50 -78.15 -1.10 34.73
N ARG D 51 -77.82 -0.04 34.00
CA ARG D 51 -78.81 0.87 33.45
C ARG D 51 -79.30 0.45 32.05
N ASP D 52 -78.67 -0.60 31.53
CA ASP D 52 -78.97 -1.17 30.20
C ASP D 52 -80.38 -1.75 30.08
N SER D 53 -81.11 -1.34 29.04
CA SER D 53 -82.45 -1.88 28.81
C SER D 53 -82.45 -3.01 27.76
N PRO D 54 -83.44 -3.92 27.83
CA PRO D 54 -83.68 -5.07 26.94
C PRO D 54 -83.79 -4.78 25.45
N ASN D 55 -84.34 -3.63 25.07
CA ASN D 55 -84.45 -3.27 23.66
C ASN D 55 -83.03 -3.13 23.10
N GLU D 56 -82.16 -2.57 23.93
CA GLU D 56 -80.79 -2.31 23.53
C GLU D 56 -80.10 -3.68 23.52
N GLY D 57 -80.33 -4.46 24.58
CA GLY D 57 -79.73 -5.77 24.73
C GLY D 57 -78.23 -5.80 24.62
N ARG D 58 -77.58 -4.83 25.27
CA ARG D 58 -76.16 -4.63 25.11
C ARG D 58 -75.28 -5.42 26.08
N PHE D 59 -75.86 -5.91 27.18
CA PHE D 59 -75.05 -6.62 28.18
C PHE D 59 -75.63 -7.95 28.67
N SER D 60 -74.76 -8.90 28.97
CA SER D 60 -75.18 -10.18 29.54
C SER D 60 -74.07 -10.77 30.42
N GLU D 61 -74.41 -11.72 31.27
CA GLU D 61 -73.41 -12.41 32.10
C GLU D 61 -73.03 -13.83 31.67
N GLN D 62 -71.73 -14.06 31.53
CA GLN D 62 -71.20 -15.38 31.19
C GLN D 62 -70.01 -15.73 32.07
N ASP D 63 -70.19 -16.74 32.91
CA ASP D 63 -69.12 -17.24 33.79
C ASP D 63 -68.51 -16.12 34.64
N GLY D 64 -69.38 -15.28 35.19
CA GLY D 64 -68.95 -14.21 36.06
C GLY D 64 -68.42 -12.99 35.35
N GLU D 65 -68.46 -12.99 34.02
CA GLU D 65 -67.97 -11.86 33.25
C GLU D 65 -69.09 -11.16 32.49
N THR D 66 -69.12 -9.84 32.56
CA THR D 66 -70.12 -9.05 31.84
C THR D 66 -69.72 -8.73 30.39
N LEU D 67 -70.37 -9.39 29.44
CA LEU D 67 -70.05 -9.20 28.03
C LEU D 67 -70.99 -8.17 27.41
N ILE D 68 -70.43 -7.35 26.53
CA ILE D 68 -71.21 -6.40 25.76
C ILE D 68 -71.43 -6.87 24.32
N ARG D 69 -72.68 -6.77 23.85
CA ARG D 69 -73.00 -7.06 22.46
C ARG D 69 -72.79 -5.80 21.63
N PHE D 70 -71.68 -5.73 20.92
CA PHE D 70 -71.28 -4.49 20.25
C PHE D 70 -71.57 -4.45 18.75
N GLY D 71 -71.93 -5.59 18.16
CA GLY D 71 -72.20 -5.60 16.74
C GLY D 71 -72.70 -6.88 16.10
N SER D 72 -72.77 -6.86 14.77
CA SER D 72 -73.22 -7.97 13.96
C SER D 72 -72.34 -8.17 12.72
N LEU D 73 -72.15 -9.41 12.32
CA LEU D 73 -71.34 -9.72 11.15
C LEU D 73 -72.17 -10.47 10.11
N GLN D 74 -72.05 -10.03 8.86
CA GLN D 74 -72.82 -10.60 7.76
C GLN D 74 -71.96 -11.05 6.59
N ILE D 75 -71.98 -12.36 6.33
CA ILE D 75 -71.17 -12.96 5.29
C ILE D 75 -72.00 -13.28 4.05
N ASP D 76 -71.63 -12.62 2.95
CA ASP D 76 -72.23 -12.85 1.64
C ASP D 76 -71.16 -13.38 0.70
N GLY D 77 -70.96 -14.68 0.75
CA GLY D 77 -69.93 -15.35 -0.04
C GLY D 77 -68.56 -14.89 0.41
N GLU D 78 -67.82 -14.30 -0.53
CA GLU D 78 -66.52 -13.71 -0.20
C GLU D 78 -66.72 -12.34 0.42
N ARG D 79 -67.79 -11.65 0.04
CA ARG D 79 -68.03 -10.30 0.58
C ARG D 79 -68.49 -10.36 2.03
N ALA D 80 -68.09 -9.36 2.80
CA ALA D 80 -68.50 -9.30 4.21
C ALA D 80 -68.83 -7.87 4.65
N THR D 81 -69.82 -7.76 5.52
CA THR D 81 -70.22 -6.48 6.09
C THR D 81 -70.35 -6.52 7.61
N LEU D 82 -69.80 -5.50 8.27
CA LEU D 82 -69.80 -5.44 9.72
C LEU D 82 -70.61 -4.26 10.22
N PHE D 83 -71.62 -4.54 11.03
CA PHE D 83 -72.39 -3.50 11.68
C PHE D 83 -71.94 -3.31 13.11
N VAL D 84 -71.66 -2.06 13.48
CA VAL D 84 -71.24 -1.77 14.84
C VAL D 84 -72.19 -0.76 15.44
N GLY D 85 -72.65 -1.09 16.65
CA GLY D 85 -73.63 -0.31 17.37
C GLY D 85 -74.91 -0.36 16.56
N LYS D 86 -75.61 0.76 16.52
CA LYS D 86 -76.86 0.87 15.79
C LYS D 86 -76.64 1.77 14.57
N LYS D 87 -75.51 2.48 14.58
CA LYS D 87 -75.29 3.56 13.64
C LYS D 87 -74.03 3.45 12.78
N GLN D 88 -73.32 2.33 12.84
CA GLN D 88 -72.07 2.25 12.06
C GLN D 88 -72.06 1.02 11.16
N ARG D 89 -71.56 1.22 9.93
CA ARG D 89 -71.39 0.13 8.97
C ARG D 89 -70.04 0.14 8.24
N LEU D 90 -69.33 -0.97 8.30
CA LEU D 90 -68.02 -1.10 7.69
C LEU D 90 -68.08 -2.20 6.62
N LEU D 91 -67.50 -1.93 5.45
CA LEU D 91 -67.45 -2.91 4.38
C LEU D 91 -66.10 -3.61 4.28
N GLY D 92 -66.12 -4.92 4.19
CA GLY D 92 -64.89 -5.70 4.11
C GLY D 92 -65.00 -7.01 3.37
N LYS D 93 -64.00 -7.86 3.55
CA LYS D 93 -63.94 -9.11 2.81
C LYS D 93 -63.44 -10.29 3.63
N VAL D 94 -63.84 -11.49 3.22
CA VAL D 94 -63.27 -12.71 3.77
C VAL D 94 -62.09 -13.11 2.89
N THR D 95 -60.90 -13.07 3.45
CA THR D 95 -59.68 -13.37 2.71
C THR D 95 -58.95 -14.58 3.27
N LYS D 96 -58.43 -15.41 2.36
CA LYS D 96 -57.63 -16.56 2.71
C LYS D 96 -56.21 -16.12 3.06
N LEU D 97 -55.73 -16.54 4.23
CA LEU D 97 -54.39 -16.15 4.66
C LEU D 97 -53.34 -16.81 3.80
N ASP D 98 -52.39 -16.02 3.31
CA ASP D 98 -51.25 -16.57 2.59
C ASP D 98 -50.46 -17.47 3.53
N VAL D 99 -50.24 -16.97 4.75
CA VAL D 99 -49.62 -17.75 5.81
C VAL D 99 -50.60 -18.02 6.94
N PRO D 100 -51.02 -19.29 7.10
CA PRO D 100 -51.94 -19.64 8.19
C PRO D 100 -51.36 -19.26 9.55
N MET D 101 -52.19 -18.70 10.42
CA MET D 101 -51.74 -18.27 11.74
C MET D 101 -52.12 -19.28 12.83
N GLY D 102 -51.16 -19.66 13.66
CA GLY D 102 -51.46 -20.52 14.78
C GLY D 102 -51.78 -19.79 16.07
N ILE D 103 -52.95 -20.11 16.63
CA ILE D 103 -53.37 -19.62 17.93
C ILE D 103 -52.91 -20.55 19.04
N MET D 104 -52.06 -20.02 19.92
CA MET D 104 -51.47 -20.77 21.02
C MET D 104 -51.75 -20.14 22.38
N HIS D 105 -52.01 -20.95 23.39
CA HIS D 105 -52.24 -20.45 24.73
C HIS D 105 -51.02 -20.67 25.62
N PHE D 106 -50.42 -19.58 26.08
CA PHE D 106 -49.23 -19.64 26.90
C PHE D 106 -49.55 -19.59 28.40
N ASN D 107 -49.55 -20.75 29.04
CA ASN D 107 -49.80 -20.84 30.47
C ASN D 107 -48.58 -20.41 31.29
N SER D 108 -48.60 -19.16 31.75
CA SER D 108 -47.48 -18.58 32.48
C SER D 108 -47.17 -19.31 33.78
N LYS D 109 -48.22 -19.79 34.44
CA LYS D 109 -48.09 -20.48 35.73
C LYS D 109 -47.12 -21.66 35.71
N ASP D 110 -47.32 -22.57 34.78
CA ASP D 110 -46.50 -23.78 34.69
C ASP D 110 -45.48 -23.67 33.57
N ASN D 111 -45.42 -22.49 32.97
CA ASN D 111 -44.60 -22.24 31.79
C ASN D 111 -44.84 -23.28 30.70
N LYS D 112 -46.11 -23.58 30.46
CA LYS D 112 -46.50 -24.55 29.45
C LYS D 112 -47.23 -23.90 28.28
N VAL D 113 -46.96 -24.36 27.06
CA VAL D 113 -47.64 -23.85 25.88
C VAL D 113 -48.51 -24.90 25.20
N GLU D 114 -49.75 -24.53 24.89
CA GLU D 114 -50.69 -25.45 24.25
C GLU D 114 -51.26 -24.84 22.97
N LEU D 115 -51.25 -25.61 21.88
CA LEU D 115 -51.84 -25.17 20.63
C LEU D 115 -53.37 -25.10 20.72
N VAL D 116 -53.92 -23.91 20.49
CA VAL D 116 -55.36 -23.73 20.56
C VAL D 116 -56.08 -23.99 19.24
N ASP D 117 -55.66 -23.32 18.16
CA ASP D 117 -56.30 -23.56 16.86
C ASP D 117 -55.49 -23.03 15.68
N VAL D 118 -55.94 -23.35 14.46
CA VAL D 118 -55.27 -22.82 13.26
C VAL D 118 -56.18 -22.00 12.36
N MET D 119 -55.84 -20.72 12.20
CA MET D 119 -56.55 -19.79 11.34
C MET D 119 -56.04 -19.83 9.89
N LYS D 120 -56.92 -20.14 8.95
CA LYS D 120 -56.55 -20.16 7.53
C LYS D 120 -57.21 -19.00 6.80
N TYR D 121 -58.21 -18.40 7.44
CA TYR D 121 -58.93 -17.28 6.85
C TYR D 121 -59.09 -16.15 7.85
N LYS D 122 -59.40 -14.96 7.35
CA LYS D 122 -59.74 -13.83 8.21
C LYS D 122 -60.75 -12.90 7.55
N VAL D 123 -61.57 -12.26 8.36
CA VAL D 123 -62.52 -11.28 7.85
C VAL D 123 -61.97 -9.88 8.14
N ILE D 124 -61.49 -9.21 7.10
CA ILE D 124 -60.76 -7.96 7.24
C ILE D 124 -61.53 -6.75 6.69
N PHE D 125 -61.37 -5.61 7.36
CA PHE D 125 -62.03 -4.37 6.97
C PHE D 125 -61.02 -3.23 6.92
N LYS D 126 -60.62 -2.86 5.71
CA LYS D 126 -59.58 -1.85 5.52
C LYS D 126 -60.13 -0.49 5.08
N ASP D 127 -61.45 -0.40 4.92
CA ASP D 127 -62.06 0.83 4.39
C ASP D 127 -62.83 1.61 5.46
N ARG D 128 -62.97 2.91 5.24
CA ARG D 128 -63.60 3.81 6.20
C ARG D 128 -65.05 3.42 6.50
N PRO D 129 -65.44 3.40 7.78
CA PRO D 129 -66.82 3.08 8.18
C PRO D 129 -67.87 4.00 7.57
N LEU D 130 -69.03 3.45 7.19
CA LEU D 130 -70.08 4.26 6.59
C LEU D 130 -71.38 4.36 7.41
N PRO D 131 -72.23 5.34 7.08
CA PRO D 131 -73.63 5.47 7.54
C PRO D 131 -74.47 4.25 7.17
N ILE D 132 -75.58 4.04 7.88
CA ILE D 132 -76.37 2.82 7.73
C ILE D 132 -76.95 2.71 6.32
N THR E 1 -77.68 10.52 22.10
CA THR E 1 -76.83 9.85 23.06
C THR E 1 -75.51 9.42 22.43
N VAL E 2 -74.68 8.72 23.20
CA VAL E 2 -73.40 8.26 22.69
C VAL E 2 -73.38 6.75 22.40
N LYS E 3 -72.92 6.41 21.20
CA LYS E 3 -72.73 5.02 20.80
C LYS E 3 -71.29 4.57 20.58
N ILE E 4 -71.04 3.30 20.85
CA ILE E 4 -69.73 2.70 20.65
C ILE E 4 -69.41 2.66 19.16
N TRP E 5 -68.20 3.08 18.82
CA TRP E 5 -67.80 3.17 17.41
C TRP E 5 -66.35 2.74 17.24
N VAL E 6 -65.85 2.85 16.01
CA VAL E 6 -64.49 2.43 15.70
C VAL E 6 -63.63 3.57 15.18
N LYS E 7 -62.59 3.90 15.94
CA LYS E 7 -61.63 4.94 15.54
C LYS E 7 -60.78 4.48 14.36
N TYR E 8 -61.16 4.90 13.16
CA TYR E 8 -60.45 4.47 11.96
C TYR E 8 -59.07 5.12 11.87
N ASN E 9 -58.06 4.31 11.55
CA ASN E 9 -56.70 4.81 11.35
C ASN E 9 -56.45 5.19 9.90
N GLU E 10 -55.85 6.35 9.69
CA GLU E 10 -55.60 6.87 8.34
C GLU E 10 -54.70 5.96 7.53
N GLY E 11 -53.69 5.36 8.18
CA GLY E 11 -52.75 4.51 7.49
C GLY E 11 -52.53 3.17 8.17
N PHE E 12 -51.66 2.35 7.57
CA PHE E 12 -51.32 1.05 8.13
C PHE E 12 -49.81 0.86 8.18
N SER E 13 -49.25 1.05 9.37
CA SER E 13 -47.81 0.92 9.58
C SER E 13 -47.43 -0.50 10.02
N ASN E 14 -46.31 -0.98 9.48
CA ASN E 14 -45.81 -2.31 9.82
C ASN E 14 -44.46 -2.21 10.51
N ALA E 15 -44.39 -2.71 11.74
CA ALA E 15 -43.18 -2.59 12.54
C ALA E 15 -42.06 -3.46 11.98
N VAL E 16 -40.82 -3.11 12.31
CA VAL E 16 -39.66 -3.87 11.86
C VAL E 16 -39.44 -5.09 12.75
N ARG E 17 -39.01 -6.20 12.14
CA ARG E 17 -38.75 -7.42 12.90
C ARG E 17 -37.64 -7.17 13.91
N LYS E 18 -37.75 -7.78 15.09
CA LYS E 18 -36.75 -7.57 16.13
C LYS E 18 -36.47 -8.89 16.85
N ASN E 19 -35.32 -8.96 17.52
CA ASN E 19 -34.98 -10.16 18.28
C ASN E 19 -35.96 -10.38 19.42
N VAL E 20 -36.18 -11.63 19.80
CA VAL E 20 -37.14 -11.97 20.83
C VAL E 20 -36.47 -12.56 22.06
N THR E 21 -36.73 -11.96 23.21
CA THR E 21 -36.20 -12.45 24.48
C THR E 21 -37.23 -13.36 25.16
N TRP E 22 -36.76 -14.17 26.11
CA TRP E 22 -37.64 -15.03 26.89
C TRP E 22 -38.66 -14.23 27.68
N ASN E 23 -38.24 -13.06 28.16
CA ASN E 23 -39.10 -12.19 28.93
C ASN E 23 -40.23 -11.62 28.07
N ASN E 24 -39.95 -11.51 26.77
CA ASN E 24 -40.94 -11.04 25.81
C ASN E 24 -42.08 -12.04 25.64
N LEU E 25 -41.77 -13.32 25.79
CA LEU E 25 -42.77 -14.37 25.63
C LEU E 25 -43.76 -14.42 26.79
N TRP E 26 -43.31 -14.87 27.95
CA TRP E 26 -44.17 -14.93 29.13
C TRP E 26 -44.03 -13.67 29.97
N SER F 2 -9.71 41.14 -13.17
CA SER F 2 -9.28 39.80 -13.57
C SER F 2 -8.34 39.85 -14.77
N ILE F 3 -7.89 38.69 -15.22
CA ILE F 3 -6.98 38.59 -16.35
C ILE F 3 -7.50 37.64 -17.42
N ASN F 4 -7.65 38.15 -18.64
CA ASN F 4 -8.09 37.32 -19.75
C ASN F 4 -6.98 36.39 -20.22
N LEU F 5 -7.30 35.10 -20.32
CA LEU F 5 -6.31 34.10 -20.70
C LEU F 5 -6.48 33.63 -22.14
N HIS F 6 -5.46 33.84 -22.95
CA HIS F 6 -5.47 33.41 -24.34
C HIS F 6 -4.40 32.35 -24.60
N SER F 7 -4.57 31.57 -25.66
CA SER F 7 -3.65 30.49 -25.96
C SER F 7 -3.35 30.34 -27.46
N ALA F 8 -2.08 30.11 -27.78
CA ALA F 8 -1.67 29.85 -29.15
C ALA F 8 -1.88 28.39 -29.50
N PRO F 9 -2.16 28.08 -30.78
CA PRO F 9 -2.38 26.69 -31.19
C PRO F 9 -1.15 25.81 -31.07
N GLU F 10 0.03 26.42 -31.18
CA GLU F 10 1.30 25.69 -31.05
C GLU F 10 2.28 26.49 -30.21
N TYR F 11 2.83 25.85 -29.19
CA TYR F 11 3.77 26.52 -28.30
C TYR F 11 5.19 26.37 -28.82
N ASP F 12 6.03 27.37 -28.53
CA ASP F 12 7.42 27.33 -28.94
C ASP F 12 8.25 26.65 -27.85
N PRO F 13 8.87 25.51 -28.19
CA PRO F 13 9.64 24.75 -27.21
C PRO F 13 11.08 25.23 -27.05
N SER F 14 11.41 26.36 -27.69
CA SER F 14 12.75 26.94 -27.58
C SER F 14 12.95 27.59 -26.22
N TYR F 15 11.85 27.96 -25.57
CA TYR F 15 11.88 28.55 -24.24
C TYR F 15 12.03 27.49 -23.15
N LYS F 16 12.96 27.70 -22.23
CA LYS F 16 13.16 26.76 -21.11
C LYS F 16 13.34 27.46 -19.78
N LEU F 17 12.96 26.77 -18.72
CA LEU F 17 13.02 27.29 -17.35
C LEU F 17 14.30 26.86 -16.65
N ILE F 18 15.04 27.84 -16.13
CA ILE F 18 16.25 27.56 -15.37
C ILE F 18 16.17 28.09 -13.95
N GLN F 19 16.49 27.25 -12.98
CA GLN F 19 16.49 27.65 -11.58
C GLN F 19 17.61 28.65 -11.32
N LEU F 20 17.29 29.72 -10.60
CA LEU F 20 18.27 30.77 -10.31
C LEU F 20 18.56 30.93 -8.82
N THR F 21 19.69 30.39 -8.38
CA THR F 21 20.15 30.57 -7.01
C THR F 21 20.50 32.04 -6.78
N PRO F 22 20.44 32.49 -5.51
CA PRO F 22 20.81 33.87 -5.17
C PRO F 22 22.17 34.27 -5.73
N GLU F 23 23.13 33.35 -5.67
CA GLU F 23 24.46 33.58 -6.22
C GLU F 23 24.38 33.73 -7.73
N LEU F 24 23.69 32.82 -8.38
CA LEU F 24 23.49 32.87 -9.82
C LEU F 24 22.74 34.12 -10.24
N LEU F 25 21.84 34.58 -9.38
CA LEU F 25 21.11 35.82 -9.64
C LEU F 25 22.04 37.02 -9.56
N ASP F 26 22.95 36.99 -8.59
CA ASP F 26 23.93 38.05 -8.42
C ASP F 26 24.83 38.09 -9.64
N ILE F 27 25.21 36.90 -10.09
CA ILE F 27 26.05 36.74 -11.25
C ILE F 27 25.31 37.25 -12.49
N ILE F 28 24.03 36.90 -12.62
CA ILE F 28 23.23 37.40 -13.72
C ILE F 28 23.14 38.92 -13.71
N GLN F 29 22.92 39.48 -12.53
CA GLN F 29 22.80 40.93 -12.39
C GLN F 29 24.15 41.67 -12.30
N ASP F 30 25.20 41.13 -12.90
CA ASP F 30 26.46 41.86 -12.95
C ASP F 30 26.84 42.21 -14.39
N PRO F 31 26.91 43.51 -14.67
CA PRO F 31 27.20 44.10 -15.98
C PRO F 31 28.49 43.56 -16.60
N VAL F 32 29.51 43.27 -15.79
CA VAL F 32 30.80 42.86 -16.34
C VAL F 32 31.37 41.67 -15.56
N GLN F 33 30.83 40.50 -15.85
CA GLN F 33 31.39 39.27 -15.31
C GLN F 33 32.07 38.47 -16.39
N ASN F 34 33.09 39.09 -16.96
CA ASN F 34 33.75 38.55 -18.12
C ASN F 34 32.71 38.30 -19.20
N HIS F 35 32.49 37.03 -19.53
CA HIS F 35 31.50 36.67 -20.51
C HIS F 35 30.17 36.31 -19.84
N GLN F 36 29.92 36.92 -18.69
CA GLN F 36 28.72 36.67 -17.90
C GLN F 36 28.56 35.19 -17.60
N LEU F 37 27.44 34.62 -18.05
CA LEU F 37 27.19 33.20 -17.89
C LEU F 37 27.34 32.51 -19.24
N ARG F 38 27.89 31.30 -19.24
CA ARG F 38 28.18 30.60 -20.49
C ARG F 38 27.89 29.09 -20.42
N PHE F 39 27.18 28.60 -21.42
CA PHE F 39 26.90 27.17 -21.53
C PHE F 39 28.08 26.48 -22.19
N LYS F 40 28.65 25.49 -21.52
CA LYS F 40 29.85 24.82 -21.98
C LYS F 40 29.70 23.30 -21.99
N SER F 41 30.26 22.65 -23.02
CA SER F 41 30.21 21.19 -23.13
C SER F 41 31.37 20.64 -23.95
N LEU F 42 31.78 19.41 -23.64
CA LEU F 42 32.91 18.79 -24.32
C LEU F 42 32.58 18.33 -25.74
N ASP F 43 31.43 17.66 -25.91
CA ASP F 43 31.02 17.20 -27.23
C ASP F 43 29.56 17.51 -27.50
N LYS F 44 29.00 16.84 -28.50
CA LYS F 44 27.61 17.10 -28.90
C LYS F 44 26.67 15.95 -28.56
N ASP F 45 27.19 14.74 -28.43
CA ASP F 45 26.33 13.57 -28.33
C ASP F 45 26.62 12.66 -27.13
N LYS F 46 27.66 12.98 -26.36
CA LYS F 46 28.05 12.10 -25.25
C LYS F 46 28.17 12.82 -23.91
N SER F 47 29.10 13.76 -23.82
CA SER F 47 29.44 14.42 -22.57
C SER F 47 28.31 15.24 -21.97
N GLU F 48 28.41 15.50 -20.67
CA GLU F 48 27.42 16.32 -19.96
C GLU F 48 27.60 17.80 -20.30
N VAL F 49 26.63 18.61 -19.91
CA VAL F 49 26.66 20.04 -20.18
C VAL F 49 26.69 20.83 -18.87
N VAL F 50 27.60 21.81 -18.79
CA VAL F 50 27.74 22.60 -17.56
C VAL F 50 27.54 24.09 -17.83
N LEU F 51 27.10 24.81 -16.80
CA LEU F 51 26.98 26.27 -16.88
C LEU F 51 28.07 26.93 -16.06
N CYS F 52 28.86 27.79 -16.70
CA CYS F 52 29.99 28.42 -16.04
C CYS F 52 29.87 29.95 -15.96
N SER F 53 30.18 30.48 -14.78
CA SER F 53 30.34 31.91 -14.60
C SER F 53 31.80 32.27 -14.83
N HIS F 54 32.26 33.35 -14.23
CA HIS F 54 33.65 33.75 -14.39
C HIS F 54 34.56 33.03 -13.40
N ASP F 55 34.00 32.55 -12.30
CA ASP F 55 34.81 31.95 -11.24
C ASP F 55 34.23 30.66 -10.67
N LYS F 56 33.11 30.20 -11.22
CA LYS F 56 32.48 28.98 -10.72
C LYS F 56 31.88 28.12 -11.83
N THR F 57 31.63 26.86 -11.50
CA THR F 57 31.11 25.88 -12.46
C THR F 57 29.94 25.10 -11.86
N TRP F 58 28.85 25.02 -12.60
CA TRP F 58 27.68 24.27 -12.14
C TRP F 58 27.29 23.17 -13.11
N VAL F 59 26.78 22.07 -12.56
CA VAL F 59 26.26 20.99 -13.37
C VAL F 59 24.73 21.11 -13.46
N LEU F 60 24.21 20.88 -14.67
CA LEU F 60 22.79 20.98 -14.94
C LEU F 60 22.07 19.66 -14.73
N LYS F 61 20.88 19.73 -14.14
CA LYS F 61 20.06 18.54 -13.92
C LYS F 61 18.61 18.83 -14.30
N GLN F 62 18.05 18.03 -15.21
CA GLN F 62 16.67 18.22 -15.64
C GLN F 62 15.70 17.41 -14.78
N ARG F 63 14.53 17.99 -14.51
CA ARG F 63 13.55 17.34 -13.65
C ARG F 63 12.13 17.57 -14.17
N LYS F 64 11.49 16.49 -14.62
CA LYS F 64 10.15 16.58 -15.20
C LYS F 64 9.04 16.52 -14.16
N HIS F 65 7.92 17.16 -14.46
CA HIS F 65 6.75 17.13 -13.58
C HIS F 65 5.50 16.76 -14.36
N SER F 66 4.44 16.39 -13.65
CA SER F 66 3.20 15.95 -14.28
C SER F 66 2.18 17.08 -14.41
N ASN F 67 2.59 18.30 -14.06
CA ASN F 67 1.68 19.44 -14.13
C ASN F 67 1.81 20.23 -15.43
N THR F 68 0.82 21.09 -15.68
CA THR F 68 0.84 21.96 -16.86
C THR F 68 1.34 23.35 -16.50
N VAL F 69 2.52 23.70 -16.98
CA VAL F 69 3.09 25.02 -16.74
C VAL F 69 3.10 25.87 -18.00
N LEU F 70 2.36 26.98 -17.96
CA LEU F 70 2.26 27.87 -19.11
C LEU F 70 2.95 29.21 -18.86
N LEU F 71 3.90 29.55 -19.74
CA LEU F 71 4.55 30.85 -19.68
C LEU F 71 3.80 31.84 -20.57
N MET F 72 3.23 32.87 -19.94
CA MET F 72 2.37 33.80 -20.67
C MET F 72 2.94 35.23 -20.63
N ARG F 73 2.63 36.01 -21.65
CA ARG F 73 3.12 37.38 -21.73
C ARG F 73 1.99 38.36 -22.04
N GLU F 74 2.13 39.58 -21.51
CA GLU F 74 1.13 40.63 -21.73
C GLU F 74 1.15 41.11 -23.17
N PHE F 75 -0.04 41.29 -23.75
CA PHE F 75 -0.13 41.81 -25.11
C PHE F 75 -1.28 42.80 -25.23
N VAL F 76 -1.18 43.71 -26.19
CA VAL F 76 -2.24 44.65 -26.47
C VAL F 76 -3.10 44.11 -27.62
N PRO F 77 -4.33 43.70 -27.31
CA PRO F 77 -5.21 43.10 -28.32
C PRO F 77 -5.54 44.06 -29.46
N GLU F 78 -5.37 43.59 -30.69
CA GLU F 78 -5.65 44.39 -31.87
C GLU F 78 -7.13 44.73 -31.98
N GLN F 79 -7.97 43.81 -31.53
CA GLN F 79 -9.41 44.05 -31.58
C GLN F 79 -9.99 44.05 -30.18
N PRO F 80 -10.89 45.00 -29.90
CA PRO F 80 -11.55 45.09 -28.59
C PRO F 80 -12.29 43.80 -28.25
N ILE F 81 -12.00 43.25 -27.08
CA ILE F 81 -12.60 41.99 -26.64
C ILE F 81 -14.03 42.17 -26.19
N THR F 82 -14.97 41.64 -26.98
CA THR F 82 -16.39 41.76 -26.66
C THR F 82 -16.91 40.45 -26.09
N PHE F 83 -17.57 40.54 -24.94
CA PHE F 83 -18.07 39.37 -24.24
C PHE F 83 -19.18 39.71 -23.25
N ASP F 84 -20.19 38.86 -23.19
CA ASP F 84 -21.27 39.04 -22.22
C ASP F 84 -20.87 38.50 -20.87
N GLU F 85 -21.05 39.31 -19.82
CA GLU F 85 -20.71 38.89 -18.47
C GLU F 85 -21.79 37.96 -17.92
N THR F 86 -21.40 36.73 -17.61
CA THR F 86 -22.36 35.73 -17.15
C THR F 86 -22.30 35.51 -15.64
N LEU F 87 -21.12 35.64 -15.04
CA LEU F 87 -21.02 35.55 -13.59
C LEU F 87 -20.07 36.62 -13.01
N LEU F 88 -20.51 37.28 -11.94
CA LEU F 88 -19.73 38.31 -11.28
C LEU F 88 -19.02 37.77 -10.02
N PHE F 89 -19.60 36.71 -9.45
CA PHE F 89 -19.10 36.13 -8.20
C PHE F 89 -17.65 35.66 -8.31
N GLY F 90 -16.85 36.06 -7.34
CA GLY F 90 -15.43 35.75 -7.31
C GLY F 90 -14.73 36.25 -8.55
N LEU F 91 -15.16 37.40 -9.05
CA LEU F 91 -14.61 37.95 -10.29
C LEU F 91 -14.62 39.47 -10.31
N SER F 92 -13.48 40.06 -10.64
CA SER F 92 -13.40 41.49 -10.87
C SER F 92 -13.34 41.74 -12.37
N LYS F 93 -13.58 42.98 -12.77
CA LYS F 93 -13.59 43.33 -14.18
C LYS F 93 -12.20 43.23 -14.80
N PRO F 94 -12.09 42.53 -15.93
CA PRO F 94 -10.80 42.32 -16.61
C PRO F 94 -10.18 43.63 -17.09
N TYR F 95 -8.86 43.74 -16.97
CA TYR F 95 -8.16 44.96 -17.32
C TYR F 95 -6.92 44.73 -18.18
N MET F 96 -6.60 43.48 -18.46
CA MET F 96 -5.43 43.16 -19.27
C MET F 96 -5.54 41.80 -19.94
N ASP F 97 -4.79 41.60 -21.02
CA ASP F 97 -4.81 40.34 -21.76
C ASP F 97 -3.40 39.79 -21.92
N VAL F 98 -3.23 38.53 -21.55
CA VAL F 98 -1.96 37.83 -21.71
C VAL F 98 -2.14 36.56 -22.52
N VAL F 99 -1.08 36.13 -23.19
CA VAL F 99 -1.14 34.92 -24.00
C VAL F 99 0.00 33.96 -23.68
N GLY F 100 -0.33 32.69 -23.52
CA GLY F 100 0.66 31.65 -23.28
C GLY F 100 1.44 31.31 -24.53
N PHE F 101 2.73 31.58 -24.52
CA PHE F 101 3.59 31.34 -25.67
C PHE F 101 4.45 30.10 -25.49
N ALA F 102 4.42 29.51 -24.30
CA ALA F 102 5.25 28.36 -24.00
C ALA F 102 4.63 27.46 -22.94
N LYS F 103 4.79 26.14 -23.13
CA LYS F 103 4.35 25.15 -22.16
C LYS F 103 5.50 24.25 -21.71
N THR F 104 5.99 24.46 -20.49
CA THR F 104 7.10 23.67 -19.97
C THR F 104 6.61 22.51 -19.10
N GLU F 105 7.33 21.40 -19.16
CA GLU F 105 6.98 20.22 -18.37
C GLU F 105 8.11 19.82 -17.43
N SER F 106 9.15 20.64 -17.37
CA SER F 106 10.32 20.32 -16.56
C SER F 106 11.07 21.57 -16.10
N GLU F 107 11.92 21.41 -15.10
CA GLU F 107 12.77 22.49 -14.61
C GLU F 107 14.24 22.08 -14.64
N PHE F 108 15.12 23.07 -14.67
CA PHE F 108 16.55 22.81 -14.70
C PHE F 108 17.25 23.27 -13.42
N GLU F 109 17.55 22.31 -12.55
CA GLU F 109 18.27 22.58 -11.31
C GLU F 109 19.77 22.67 -11.55
N THR F 110 20.42 23.56 -10.82
CA THR F 110 21.86 23.75 -10.95
C THR F 110 22.58 23.34 -9.66
N ARG F 111 23.63 22.54 -9.79
CA ARG F 111 24.38 22.12 -8.62
C ARG F 111 25.84 22.53 -8.70
N GLU F 112 26.36 23.08 -7.60
CA GLU F 112 27.77 23.45 -7.54
C GLU F 112 28.65 22.22 -7.74
N THR F 113 29.59 22.32 -8.67
CA THR F 113 30.44 21.19 -9.01
C THR F 113 31.88 21.60 -9.26
N HIS F 114 32.78 20.64 -9.25
CA HIS F 114 34.20 20.88 -9.46
C HIS F 114 34.54 20.95 -10.95
N GLY F 115 35.15 22.04 -11.37
CA GLY F 115 35.57 22.20 -12.75
C GLY F 115 36.78 21.35 -13.09
N GLU F 116 36.80 20.78 -14.29
CA GLU F 116 37.90 19.93 -14.71
C GLU F 116 38.48 20.39 -16.06
N LEU F 117 39.71 19.99 -16.33
CA LEU F 117 40.40 20.39 -17.55
C LEU F 117 40.24 19.35 -18.65
N ASN F 118 40.26 19.82 -19.90
CA ASN F 118 40.17 18.92 -21.05
C ASN F 118 41.56 18.64 -21.63
N LEU F 119 42.15 17.53 -21.21
CA LEU F 119 43.51 17.16 -21.65
C LEU F 119 43.48 16.20 -22.82
N ASN F 120 42.63 16.48 -23.80
CA ASN F 120 42.48 15.62 -24.97
C ASN F 120 43.65 15.74 -25.94
N SER F 121 44.01 16.97 -26.28
CA SER F 121 45.03 17.22 -27.29
C SER F 121 46.28 17.87 -26.71
N VAL F 122 46.64 17.48 -25.49
CA VAL F 122 47.82 18.03 -24.83
C VAL F 122 48.96 17.02 -24.80
N PRO F 123 50.07 17.34 -25.50
CA PRO F 123 51.25 16.47 -25.59
C PRO F 123 52.16 16.53 -24.36
N ILE F 124 53.09 15.57 -24.28
CA ILE F 124 54.06 15.52 -23.20
C ILE F 124 55.41 16.04 -23.65
N TYR F 125 56.00 16.93 -22.88
CA TYR F 125 57.31 17.47 -23.24
C TYR F 125 58.40 16.89 -22.35
N ASN F 126 59.41 16.31 -22.99
CA ASN F 126 60.50 15.67 -22.26
C ASN F 126 61.81 16.42 -22.47
N GLY F 127 61.75 17.58 -23.10
CA GLY F 127 62.96 18.35 -23.32
C GLY F 127 63.54 17.98 -24.68
N GLU F 128 62.74 17.27 -25.47
CA GLU F 128 63.19 16.76 -26.76
C GLU F 128 63.28 17.83 -27.83
N LEU F 129 64.32 17.73 -28.67
CA LEU F 129 64.49 18.67 -29.76
C LEU F 129 63.53 18.31 -30.89
N ASP F 130 63.28 19.27 -31.76
CA ASP F 130 62.40 19.08 -32.92
C ASP F 130 61.01 18.55 -32.51
N PHE F 131 60.31 19.29 -31.67
CA PHE F 131 59.01 18.86 -31.14
C PHE F 131 57.86 19.08 -32.13
N SER F 132 58.10 19.93 -33.12
CA SER F 132 57.09 20.31 -34.11
C SER F 132 56.62 19.11 -34.91
N ASP F 133 57.54 18.20 -35.22
CA ASP F 133 57.21 16.99 -35.95
C ASP F 133 56.31 16.10 -35.11
N LYS F 134 56.55 16.10 -33.80
CA LYS F 134 55.73 15.29 -32.90
C LYS F 134 54.41 16.00 -32.65
N ILE F 135 54.29 17.22 -33.15
CA ILE F 135 53.05 17.97 -33.00
C ILE F 135 52.16 17.79 -34.23
N MET F 136 52.75 17.94 -35.40
CA MET F 136 51.99 17.97 -36.65
C MET F 136 51.60 16.58 -37.12
N LYS F 137 52.30 15.56 -36.64
CA LYS F 137 52.07 14.19 -37.12
C LYS F 137 51.16 13.41 -36.17
N ARG F 138 50.19 14.10 -35.58
CA ARG F 138 49.25 13.47 -34.65
C ARG F 138 47.91 13.22 -35.33
N SER F 139 47.04 12.49 -34.64
CA SER F 139 45.74 12.12 -35.19
C SER F 139 44.84 13.35 -35.32
N SER F 140 44.80 14.17 -34.28
CA SER F 140 43.97 15.37 -34.31
C SER F 140 44.70 16.48 -35.05
N THR F 141 44.30 16.72 -36.30
CA THR F 141 44.87 17.79 -37.11
C THR F 141 44.59 19.14 -36.45
N LYS F 142 43.45 19.24 -35.79
CA LYS F 142 43.11 20.42 -35.01
C LYS F 142 44.05 20.55 -33.81
N VAL F 143 44.83 21.62 -33.81
CA VAL F 143 45.83 21.84 -32.76
C VAL F 143 45.40 22.95 -31.80
N ILE F 144 45.46 22.66 -30.51
CA ILE F 144 45.15 23.65 -29.48
C ILE F 144 46.13 24.82 -29.56
N GLY F 145 45.70 25.90 -30.21
CA GLY F 145 46.55 27.05 -30.43
C GLY F 145 46.69 27.95 -29.21
N THR F 146 45.57 28.35 -28.63
CA THR F 146 45.58 29.28 -27.51
C THR F 146 44.99 28.69 -26.23
N LEU F 147 45.20 29.41 -25.12
CA LEU F 147 44.63 29.01 -23.84
C LEU F 147 43.14 29.27 -23.84
N GLU F 148 42.73 30.31 -24.58
CA GLU F 148 41.31 30.63 -24.72
C GLU F 148 40.56 29.47 -25.36
N GLU F 149 41.18 28.87 -26.38
CA GLU F 149 40.60 27.73 -27.06
C GLU F 149 40.50 26.54 -26.11
N LEU F 150 41.50 26.40 -25.25
CA LEU F 150 41.50 25.33 -24.26
C LEU F 150 40.35 25.50 -23.26
N LEU F 151 40.17 26.72 -22.78
CA LEU F 151 39.11 27.03 -21.82
C LEU F 151 37.73 26.89 -22.44
N GLU F 152 37.61 27.25 -23.72
CA GLU F 152 36.34 27.17 -24.41
C GLU F 152 35.86 25.74 -24.57
N ASN F 153 36.80 24.81 -24.71
CA ASN F 153 36.46 23.41 -24.89
C ASN F 153 36.69 22.60 -23.61
N SER F 154 36.59 23.25 -22.46
CA SER F 154 36.81 22.58 -21.18
C SER F 154 35.65 22.79 -20.22
N PRO F 155 35.28 21.74 -19.46
CA PRO F 155 34.19 21.82 -18.48
C PRO F 155 34.60 22.52 -17.19
N CYS F 156 34.91 23.81 -17.28
CA CYS F 156 35.34 24.58 -16.11
C CYS F 156 35.17 26.07 -16.33
N SER F 157 35.21 26.83 -15.23
CA SER F 157 35.19 28.28 -15.32
C SER F 157 36.58 28.79 -15.67
N ALA F 158 36.69 30.08 -15.95
CA ALA F 158 37.97 30.66 -16.35
C ALA F 158 39.01 30.57 -15.24
N LEU F 159 38.64 31.03 -14.05
CA LEU F 159 39.56 31.07 -12.92
C LEU F 159 39.94 29.67 -12.44
N GLU F 160 38.96 28.77 -12.39
CA GLU F 160 39.24 27.38 -12.02
C GLU F 160 40.19 26.74 -13.04
N GLY F 161 39.93 27.00 -14.31
CA GLY F 161 40.74 26.47 -15.39
C GLY F 161 42.18 26.95 -15.33
N ILE F 162 42.35 28.25 -15.11
CA ILE F 162 43.69 28.83 -15.01
C ILE F 162 44.43 28.31 -13.77
N SER F 163 43.70 28.25 -12.65
CA SER F 163 44.28 27.78 -11.40
C SER F 163 44.76 26.34 -11.53
N LYS F 164 43.94 25.47 -12.11
CA LYS F 164 44.32 24.08 -12.32
C LYS F 164 45.42 23.94 -13.36
N TRP F 165 45.40 24.80 -14.37
CA TRP F 165 46.43 24.78 -15.41
C TRP F 165 47.80 25.12 -14.83
N HIS F 166 47.79 26.02 -13.83
CA HIS F 166 49.00 26.39 -13.14
C HIS F 166 49.37 25.35 -12.08
N LYS F 167 48.36 24.61 -11.62
CA LYS F 167 48.55 23.60 -10.60
C LYS F 167 49.15 22.31 -11.17
N ILE F 168 48.88 22.03 -12.44
CA ILE F 168 49.40 20.83 -13.08
C ILE F 168 50.72 21.10 -13.82
N GLY F 169 51.19 22.34 -13.73
CA GLY F 169 52.43 22.72 -14.39
C GLY F 169 52.31 22.72 -15.90
N GLY F 170 51.14 23.12 -16.39
CA GLY F 170 50.91 23.22 -17.82
C GLY F 170 51.70 24.36 -18.41
N SER F 171 52.20 24.18 -19.63
CA SER F 171 53.02 25.21 -20.26
C SER F 171 52.78 25.29 -21.76
N VAL F 172 53.64 26.01 -22.45
CA VAL F 172 53.51 26.19 -23.89
C VAL F 172 54.87 26.35 -24.58
N LYS F 173 55.11 25.54 -25.60
CA LYS F 173 56.35 25.64 -26.37
C LYS F 173 56.04 25.85 -27.85
N ASP F 174 56.68 26.87 -28.43
CA ASP F 174 56.53 27.19 -29.85
C ASP F 174 55.07 27.38 -30.25
N GLY F 175 54.28 27.93 -29.33
CA GLY F 175 52.88 28.23 -29.60
C GLY F 175 51.95 27.06 -29.34
N VAL F 176 52.49 25.96 -28.85
CA VAL F 176 51.67 24.78 -28.58
C VAL F 176 51.67 24.40 -27.10
N LEU F 177 50.48 24.35 -26.51
CA LEU F 177 50.32 23.95 -25.11
C LEU F 177 50.80 22.52 -24.90
N CYS F 178 51.37 22.26 -23.72
CA CYS F 178 51.92 20.96 -23.41
C CYS F 178 52.05 20.74 -21.90
N ILE F 179 52.30 19.50 -21.51
CA ILE F 179 52.56 19.19 -20.11
C ILE F 179 53.97 18.64 -19.93
N LEU F 180 54.71 19.26 -19.02
CA LEU F 180 56.08 18.86 -18.71
C LEU F 180 56.10 17.56 -17.92
N SER F 181 57.09 16.72 -18.20
CA SER F 181 57.25 15.49 -17.43
C SER F 181 57.64 15.85 -16.00
N GLN F 182 57.39 14.92 -15.07
CA GLN F 182 57.71 15.14 -13.66
C GLN F 182 59.19 15.47 -13.47
N ASP F 183 60.03 14.61 -14.05
CA ASP F 183 61.48 14.73 -13.95
C ASP F 183 61.96 16.08 -14.44
N PHE F 184 61.54 16.47 -15.64
CA PHE F 184 61.98 17.73 -16.22
C PHE F 184 61.44 18.94 -15.47
N LEU F 185 60.19 18.85 -15.02
CA LEU F 185 59.59 19.94 -14.27
C LEU F 185 60.33 20.22 -12.97
N PHE F 186 60.55 19.18 -12.17
CA PHE F 186 61.22 19.38 -10.90
C PHE F 186 62.72 19.64 -11.06
N LYS F 187 63.32 19.08 -12.10
CA LYS F 187 64.72 19.36 -12.38
C LYS F 187 64.84 20.85 -12.68
N ALA F 188 63.90 21.35 -13.47
CA ALA F 188 63.82 22.78 -13.79
C ALA F 188 63.67 23.57 -12.49
N LEU F 189 62.86 23.07 -11.57
CA LEU F 189 62.68 23.72 -10.27
C LEU F 189 64.00 23.81 -9.51
N HIS F 190 64.72 22.70 -9.43
CA HIS F 190 65.98 22.64 -8.71
C HIS F 190 67.00 23.60 -9.32
N VAL F 191 67.13 23.56 -10.64
CA VAL F 191 68.03 24.46 -11.35
C VAL F 191 67.68 25.91 -11.07
N LEU F 192 66.38 26.20 -11.08
CA LEU F 192 65.89 27.54 -10.80
C LEU F 192 66.27 27.99 -9.39
N LEU F 193 66.11 27.09 -8.42
CA LEU F 193 66.44 27.39 -7.04
C LEU F 193 67.92 27.68 -6.87
N MET F 194 68.75 26.76 -7.37
CA MET F 194 70.19 26.88 -7.22
C MET F 194 70.73 28.12 -7.92
N SER F 195 70.18 28.42 -9.09
CA SER F 195 70.58 29.59 -9.84
C SER F 195 70.14 30.88 -9.15
N ALA F 196 68.96 30.84 -8.55
CA ALA F 196 68.42 32.00 -7.86
C ALA F 196 69.23 32.31 -6.60
N MET F 197 69.69 31.26 -5.92
CA MET F 197 70.49 31.44 -4.72
C MET F 197 71.94 31.76 -5.08
N ALA F 198 72.35 31.35 -6.28
CA ALA F 198 73.70 31.64 -6.77
C ALA F 198 73.85 33.12 -7.09
N GLU F 199 72.74 33.76 -7.46
CA GLU F 199 72.74 35.18 -7.79
C GLU F 199 72.18 35.99 -6.63
N SER F 200 71.91 35.31 -5.51
CA SER F 200 71.37 35.92 -4.30
C SER F 200 70.08 36.67 -4.60
N LEU F 201 69.17 36.04 -5.35
CA LEU F 201 67.91 36.65 -5.69
C LEU F 201 66.95 36.64 -4.51
N ASP F 202 66.12 37.67 -4.41
CA ASP F 202 65.13 37.74 -3.36
C ASP F 202 64.02 36.71 -3.63
N LEU F 203 64.02 35.64 -2.85
CA LEU F 203 63.08 34.54 -3.02
C LEU F 203 61.64 34.94 -2.74
N GLN F 204 61.47 35.99 -1.96
CA GLN F 204 60.14 36.45 -1.59
C GLN F 204 59.53 37.28 -2.71
N HIS F 205 60.39 37.82 -3.57
CA HIS F 205 59.95 38.67 -4.67
C HIS F 205 60.72 38.35 -5.95
N LEU F 206 60.40 37.21 -6.56
CA LEU F 206 61.04 36.80 -7.80
C LEU F 206 60.25 37.25 -9.02
N ASN F 207 60.96 37.69 -10.06
CA ASN F 207 60.33 38.06 -11.32
C ASN F 207 60.83 37.19 -12.46
N VAL F 208 60.20 37.31 -13.61
CA VAL F 208 60.51 36.47 -14.76
C VAL F 208 61.88 36.77 -15.36
N GLU F 209 62.14 38.04 -15.63
CA GLU F 209 63.36 38.45 -16.34
C GLU F 209 64.65 38.07 -15.61
N ASP F 210 64.79 38.51 -14.35
CA ASP F 210 66.00 38.25 -13.58
C ASP F 210 66.23 36.76 -13.38
N THR F 211 65.17 36.02 -13.11
CA THR F 211 65.27 34.58 -12.90
C THR F 211 65.72 33.88 -14.18
N HIS F 212 65.07 34.23 -15.29
CA HIS F 212 65.40 33.67 -16.59
C HIS F 212 66.85 33.95 -16.97
N HIS F 213 67.31 35.16 -16.70
CA HIS F 213 68.68 35.54 -16.98
C HIS F 213 69.66 34.81 -16.07
N ALA F 214 69.23 34.54 -14.84
CA ALA F 214 70.08 33.89 -13.86
C ALA F 214 70.22 32.39 -14.14
N VAL F 215 69.20 31.82 -14.78
CA VAL F 215 69.21 30.38 -15.05
C VAL F 215 70.07 30.02 -16.27
N GLY F 216 69.75 30.61 -17.42
CA GLY F 216 70.41 30.25 -18.66
C GLY F 216 71.64 31.06 -19.01
N LYS F 217 72.27 31.67 -18.00
CA LYS F 217 73.46 32.48 -18.24
C LYS F 217 74.68 31.61 -18.50
N ASP F 218 74.76 30.49 -17.78
CA ASP F 218 75.91 29.60 -17.86
C ASP F 218 75.79 28.65 -19.06
N ILE F 219 74.74 27.84 -19.04
CA ILE F 219 74.52 26.82 -20.05
C ILE F 219 74.35 27.44 -21.44
N GLU F 220 74.89 26.77 -22.44
CA GLU F 220 74.77 27.22 -23.83
C GLU F 220 73.31 27.22 -24.28
N ASP F 221 73.00 28.12 -25.21
CA ASP F 221 71.63 28.32 -25.66
C ASP F 221 71.07 27.10 -26.40
N GLU F 222 71.96 26.35 -27.06
CA GLU F 222 71.54 25.17 -27.82
C GLU F 222 70.98 24.09 -26.90
N PHE F 223 71.44 24.06 -25.65
CA PHE F 223 70.92 23.10 -24.68
C PHE F 223 70.12 23.79 -23.58
N ASN F 224 69.57 24.96 -23.89
CA ASN F 224 68.78 25.71 -22.91
C ASN F 224 67.30 25.81 -23.32
N PRO F 225 66.46 24.90 -22.80
CA PRO F 225 65.03 24.89 -23.11
C PRO F 225 64.21 25.76 -22.16
N TYR F 226 64.87 26.34 -21.16
CA TYR F 226 64.19 27.11 -20.14
C TYR F 226 63.91 28.54 -20.57
N THR F 227 62.83 28.73 -21.32
CA THR F 227 62.41 30.06 -21.73
C THR F 227 61.60 30.72 -20.62
N ARG F 228 61.15 31.94 -20.87
CA ARG F 228 60.40 32.71 -19.88
C ARG F 228 59.03 32.09 -19.58
N GLU F 229 58.46 31.40 -20.56
CA GLU F 229 57.16 30.76 -20.37
C GLU F 229 57.29 29.57 -19.43
N ILE F 230 58.38 28.83 -19.57
CA ILE F 230 58.67 27.70 -18.70
C ILE F 230 58.85 28.19 -17.27
N ILE F 231 59.63 29.26 -17.12
CA ILE F 231 59.84 29.89 -15.83
C ILE F 231 58.52 30.33 -15.21
N GLU F 232 57.67 30.95 -16.03
CA GLU F 232 56.37 31.42 -15.58
C GLU F 232 55.50 30.25 -15.13
N THR F 233 55.66 29.11 -15.79
CA THR F 233 54.93 27.90 -15.41
C THR F 233 55.40 27.40 -14.05
N VAL F 234 56.72 27.31 -13.88
CA VAL F 234 57.30 26.87 -12.62
C VAL F 234 56.88 27.78 -11.47
N LEU F 235 56.87 29.08 -11.71
CA LEU F 235 56.45 30.05 -10.72
C LEU F 235 54.96 29.91 -10.41
N ASN F 236 54.17 29.68 -11.44
CA ASN F 236 52.73 29.47 -11.25
C ASN F 236 52.42 28.13 -10.61
N LYS F 237 53.42 27.27 -10.51
CA LYS F 237 53.23 25.97 -9.87
C LYS F 237 53.71 25.94 -8.42
N PHE F 238 54.84 26.60 -8.15
CA PHE F 238 55.45 26.51 -6.83
C PHE F 238 55.47 27.83 -6.09
N ALA F 239 54.79 28.84 -6.62
CA ALA F 239 54.76 30.14 -5.95
C ALA F 239 53.40 30.81 -6.08
N VAL F 240 53.20 31.84 -5.25
CA VAL F 240 51.97 32.61 -5.22
C VAL F 240 52.28 34.09 -5.44
N GLN F 241 51.55 34.74 -6.34
CA GLN F 241 51.75 36.15 -6.61
C GLN F 241 50.97 36.99 -5.61
N GLU F 242 51.56 38.11 -5.20
CA GLU F 242 50.93 38.98 -4.19
C GLU F 242 49.99 40.01 -4.79
N GLN F 243 50.49 40.79 -5.74
CA GLN F 243 49.71 41.88 -6.34
C GLN F 243 48.65 41.38 -7.31
N GLU F 244 48.58 40.06 -7.48
CA GLU F 244 47.60 39.46 -8.38
C GLU F 244 47.11 38.11 -7.85
N ASN F 248 53.76 43.17 -9.84
CA ASN F 248 53.40 41.79 -10.15
C ASN F 248 54.59 40.86 -9.98
N THR F 249 54.81 40.40 -8.75
CA THR F 249 55.95 39.55 -8.42
C THR F 249 55.52 38.22 -7.82
N TRP F 250 56.45 37.29 -7.71
CA TRP F 250 56.11 35.96 -7.20
C TRP F 250 56.76 35.69 -5.84
N ARG F 251 56.09 34.88 -5.02
CA ARG F 251 56.63 34.49 -3.72
C ARG F 251 56.55 32.97 -3.54
N LEU F 252 57.68 32.32 -3.30
CA LEU F 252 57.70 30.86 -3.20
C LEU F 252 57.04 30.29 -1.94
N ARG F 253 56.34 29.17 -2.10
CA ARG F 253 55.84 28.40 -0.97
C ARG F 253 56.93 27.42 -0.53
N ILE F 254 56.69 26.68 0.55
CA ILE F 254 57.71 25.76 1.06
C ILE F 254 57.29 24.29 1.32
N PRO F 255 56.17 24.04 2.02
CA PRO F 255 55.77 22.64 2.26
C PRO F 255 55.45 21.79 1.02
N PHE F 256 54.87 22.43 0.02
CA PHE F 256 54.48 21.76 -1.21
C PHE F 256 55.69 21.25 -1.98
N ILE F 257 56.71 22.08 -2.09
CA ILE F 257 57.90 21.68 -2.79
C ILE F 257 58.64 20.53 -2.11
N ALA F 258 58.87 20.62 -0.80
CA ALA F 258 59.53 19.52 -0.10
C ALA F 258 58.77 18.19 -0.15
N GLN F 259 57.45 18.26 -0.05
CA GLN F 259 56.64 17.05 -0.14
C GLN F 259 56.71 16.43 -1.54
N TRP F 260 56.69 17.31 -2.53
CA TRP F 260 56.75 16.93 -3.93
C TRP F 260 58.12 16.21 -4.07
N TYR F 261 59.19 16.78 -3.49
CA TYR F 261 60.52 16.11 -3.52
C TYR F 261 60.46 14.73 -2.91
N GLY F 262 59.62 14.55 -1.89
CA GLY F 262 59.49 13.24 -1.28
C GLY F 262 58.88 12.33 -2.33
N ILE F 263 57.99 12.87 -3.15
CA ILE F 263 57.39 12.12 -4.24
C ILE F 263 58.42 11.72 -5.31
N GLN F 264 59.32 12.64 -5.65
CA GLN F 264 60.40 12.37 -6.60
C GLN F 264 61.28 11.20 -6.11
N ALA F 265 61.55 11.24 -4.80
CA ALA F 265 62.35 10.22 -4.14
C ALA F 265 61.63 8.89 -4.31
N LEU F 266 60.32 8.95 -4.09
CA LEU F 266 59.43 7.81 -4.25
C LEU F 266 59.49 7.19 -5.66
N ARG F 267 59.46 8.01 -6.71
CA ARG F 267 59.44 7.44 -8.06
C ARG F 267 60.79 6.81 -8.35
N LYS F 268 61.83 7.27 -7.67
CA LYS F 268 63.15 6.74 -7.95
C LYS F 268 63.50 5.46 -7.18
N TYR F 269 63.10 5.37 -5.92
CA TYR F 269 63.59 4.31 -5.04
C TYR F 269 62.60 3.19 -4.69
N VAL F 270 61.30 3.47 -4.66
CA VAL F 270 60.39 2.40 -4.28
C VAL F 270 59.36 2.09 -5.35
N SER F 271 59.80 2.12 -6.60
CA SER F 271 58.94 1.73 -7.71
C SER F 271 59.17 0.29 -8.11
N GLY F 272 60.41 -0.17 -7.95
CA GLY F 272 60.79 -1.52 -8.33
C GLY F 272 60.62 -2.52 -7.21
N ILE F 273 61.06 -2.14 -6.02
CA ILE F 273 60.99 -3.02 -4.86
C ILE F 273 60.63 -2.27 -3.60
N SER F 274 60.01 -3.00 -2.68
CA SER F 274 59.59 -2.46 -1.41
C SER F 274 60.65 -2.77 -0.37
N MET F 275 60.53 -2.12 0.80
CA MET F 275 61.47 -2.28 1.90
C MET F 275 60.78 -1.76 3.16
N PRO F 276 61.04 -2.42 4.30
CA PRO F 276 60.54 -2.04 5.62
C PRO F 276 60.73 -0.55 5.91
N ILE F 277 59.71 -0.02 6.58
CA ILE F 277 59.55 1.40 6.87
C ILE F 277 60.70 2.07 7.63
N ASP F 278 61.21 1.47 8.70
CA ASP F 278 62.28 2.14 9.45
C ASP F 278 63.52 2.32 8.54
N GLU F 279 63.74 1.32 7.70
CA GLU F 279 64.85 1.33 6.75
C GLU F 279 64.60 2.37 5.70
N PHE F 280 63.37 2.41 5.18
CA PHE F 280 63.03 3.39 4.17
C PHE F 280 63.12 4.80 4.68
N LEU F 281 62.73 5.00 5.94
CA LEU F 281 62.86 6.32 6.53
C LEU F 281 64.33 6.69 6.59
N ILE F 282 65.18 5.71 6.87
CA ILE F 282 66.60 6.02 6.87
C ILE F 282 67.14 6.40 5.48
N LYS F 283 66.83 5.59 4.48
CA LYS F 283 67.31 5.87 3.11
C LYS F 283 66.74 7.13 2.46
N TRP F 284 65.43 7.32 2.63
CA TRP F 284 64.70 8.50 2.19
C TRP F 284 65.41 9.66 2.82
N LYS F 285 65.62 9.52 4.13
CA LYS F 285 66.32 10.52 4.89
C LYS F 285 67.71 10.76 4.33
N SER F 286 68.43 9.79 3.78
CA SER F 286 69.77 10.16 3.35
C SER F 286 69.79 11.08 2.13
N LEU F 287 68.67 11.12 1.40
CA LEU F 287 68.47 12.00 0.25
C LEU F 287 68.18 13.49 0.56
N PHE F 288 69.11 14.39 0.29
CA PHE F 288 68.89 15.82 0.56
C PHE F 288 69.46 16.59 -0.63
N PRO F 289 68.81 16.54 -1.80
CA PRO F 289 69.24 17.52 -2.80
C PRO F 289 69.11 19.02 -2.40
N PRO F 290 67.90 19.56 -2.04
CA PRO F 290 67.79 21.00 -1.69
C PRO F 290 68.78 21.46 -0.61
N PHE F 291 69.35 22.64 -0.73
CA PHE F 291 70.24 23.23 0.28
C PHE F 291 69.55 23.39 1.64
N PHE F 292 68.27 23.77 1.57
CA PHE F 292 67.36 23.95 2.73
C PHE F 292 67.07 22.68 3.52
N PRO F 293 67.41 22.69 4.82
CA PRO F 293 67.24 21.45 5.57
C PRO F 293 65.76 21.19 5.88
N CYS F 294 65.21 20.18 5.18
CA CYS F 294 63.78 19.84 5.24
C CYS F 294 63.43 19.09 6.52
N ASP F 295 62.20 19.27 6.98
CA ASP F 295 61.69 18.55 8.15
C ASP F 295 60.83 17.37 7.73
N ILE F 296 60.83 16.28 8.52
CA ILE F 296 59.91 15.20 8.20
C ILE F 296 58.68 15.26 9.10
N ASP F 297 57.57 14.74 8.59
CA ASP F 297 56.34 14.63 9.38
C ASP F 297 55.53 13.46 8.88
N ILE F 298 54.76 12.82 9.76
CA ILE F 298 54.08 11.64 9.26
C ILE F 298 53.03 12.06 8.23
N ASP F 299 52.56 13.31 8.30
CA ASP F 299 51.59 13.76 7.32
C ASP F 299 52.18 13.93 5.92
N MET F 300 53.49 14.20 5.87
CA MET F 300 54.19 14.35 4.60
C MET F 300 54.37 13.06 3.83
N LEU F 301 54.34 11.95 4.56
CA LEU F 301 54.55 10.62 4.04
C LEU F 301 53.20 9.95 3.94
N ARG F 302 52.28 10.57 3.20
CA ARG F 302 50.95 10.03 3.02
C ARG F 302 50.26 10.27 1.65
N GLY F 303 49.69 9.25 1.02
CA GLY F 303 49.07 9.46 -0.30
C GLY F 303 49.87 9.13 -1.55
N TYR F 304 51.12 8.73 -1.36
CA TYR F 304 52.01 8.39 -2.47
C TYR F 304 52.61 7.00 -2.30
N HIS F 305 52.17 6.31 -1.25
CA HIS F 305 52.69 4.99 -0.92
C HIS F 305 51.66 4.12 -0.19
N PHE F 306 51.94 2.82 -0.13
CA PHE F 306 51.15 1.86 0.65
C PHE F 306 51.98 0.82 1.40
N LYS F 307 51.32 0.13 2.34
CA LYS F 307 51.98 -0.86 3.19
C LYS F 307 51.40 -2.25 2.93
N LYS F 311 54.40 -3.02 7.97
CA LYS F 311 55.74 -2.56 8.33
C LYS F 311 56.61 -2.38 7.10
N THR F 312 55.98 -2.28 5.94
CA THR F 312 56.70 -2.07 4.68
C THR F 312 56.05 -0.93 3.90
N VAL F 313 56.79 -0.37 2.95
CA VAL F 313 56.28 0.76 2.16
C VAL F 313 56.63 0.58 0.68
N GLN F 314 55.72 1.03 -0.19
CA GLN F 314 55.93 0.99 -1.64
C GLN F 314 55.28 2.15 -2.41
N TYR F 315 55.96 2.67 -3.43
CA TYR F 315 55.45 3.79 -4.20
C TYR F 315 54.22 3.36 -4.98
N ILE F 316 53.29 4.30 -5.11
CA ILE F 316 52.10 4.11 -5.93
C ILE F 316 51.66 5.41 -6.62
N ALA F 317 51.31 5.32 -7.90
CA ALA F 317 50.82 6.49 -8.63
C ALA F 317 49.31 6.42 -8.70
N LYS F 318 48.67 7.55 -8.40
CA LYS F 318 47.22 7.68 -8.38
C LYS F 318 46.60 7.45 -9.76
N SER F 319 47.30 7.88 -10.79
CA SER F 319 46.84 7.73 -12.17
C SER F 319 46.71 6.28 -12.62
N THR F 320 47.48 5.38 -12.03
CA THR F 320 47.48 3.99 -12.45
C THR F 320 46.38 3.13 -11.82
N LEU F 321 45.69 3.70 -10.83
CA LEU F 321 44.65 2.97 -10.13
C LEU F 321 43.39 3.01 -11.00
N PRO F 322 42.55 1.96 -10.93
CA PRO F 322 41.31 1.99 -11.70
C PRO F 322 40.42 3.16 -11.31
N MET F 323 39.69 3.69 -12.29
CA MET F 323 38.86 4.87 -12.08
C MET F 323 37.49 4.53 -11.52
N ASP F 324 37.08 3.27 -11.63
CA ASP F 324 35.83 2.84 -11.04
C ASP F 324 36.03 2.56 -9.55
N PRO F 325 35.21 3.20 -8.70
CA PRO F 325 35.32 3.14 -7.24
C PRO F 325 35.40 1.73 -6.65
N LYS F 326 34.44 0.87 -6.98
CA LYS F 326 34.40 -0.47 -6.41
C LYS F 326 35.63 -1.30 -6.77
N GLU F 327 36.10 -1.12 -8.01
CA GLU F 327 37.26 -1.84 -8.50
C GLU F 327 38.52 -1.27 -7.86
N ARG F 328 38.52 0.04 -7.67
CA ARG F 328 39.62 0.74 -7.05
C ARG F 328 39.80 0.26 -5.62
N PHE F 329 38.69 0.15 -4.90
CA PHE F 329 38.71 -0.33 -3.53
C PHE F 329 39.08 -1.81 -3.46
N LYS F 330 38.66 -2.57 -4.46
CA LYS F 330 38.97 -3.99 -4.56
C LYS F 330 40.48 -4.21 -4.68
N VAL F 331 41.11 -3.44 -5.58
CA VAL F 331 42.53 -3.58 -5.87
C VAL F 331 43.30 -3.02 -4.66
N LEU F 332 42.72 -2.00 -4.06
CA LEU F 332 43.28 -1.40 -2.85
C LEU F 332 43.29 -2.43 -1.72
N PHE F 333 42.22 -3.23 -1.61
CA PHE F 333 42.18 -4.26 -0.58
C PHE F 333 43.10 -5.42 -0.94
N ARG F 334 43.45 -5.52 -2.22
CA ARG F 334 44.42 -6.50 -2.64
C ARG F 334 45.86 -6.11 -2.31
N LEU F 335 46.12 -4.82 -2.44
CA LEU F 335 47.43 -4.23 -2.16
C LEU F 335 47.90 -4.07 -0.71
N GLN F 336 46.99 -3.74 0.20
CA GLN F 336 47.40 -3.54 1.58
C GLN F 336 46.38 -3.99 2.61
N SER F 337 46.74 -5.01 3.40
CA SER F 337 45.82 -5.61 4.36
C SER F 337 45.36 -4.60 5.42
N GLN F 338 46.30 -3.81 5.96
CA GLN F 338 45.99 -2.83 7.00
C GLN F 338 46.39 -1.41 6.58
N TRP F 339 45.46 -0.48 6.60
CA TRP F 339 45.78 0.88 6.16
C TRP F 339 45.76 1.91 7.31
N ASP F 340 46.62 2.93 7.18
CA ASP F 340 46.50 4.15 8.01
C ASP F 340 45.47 5.16 7.48
N LEU F 341 44.76 5.87 8.38
CA LEU F 341 43.70 6.79 7.97
C LEU F 341 44.16 7.87 7.02
N GLU F 342 45.27 8.49 7.45
CA GLU F 342 45.89 9.65 6.82
C GLU F 342 46.62 9.24 5.54
N ASP F 343 46.95 7.95 5.46
CA ASP F 343 47.59 7.38 4.28
C ASP F 343 46.55 7.24 3.17
N ILE F 344 45.33 6.92 3.57
CA ILE F 344 44.29 6.62 2.60
C ILE F 344 43.39 7.81 2.27
N LYS F 345 43.32 8.81 3.15
CA LYS F 345 42.43 9.93 2.89
C LYS F 345 42.76 10.61 1.55
N PRO F 346 44.03 11.01 1.33
CA PRO F 346 44.33 11.69 0.07
C PRO F 346 44.20 10.79 -1.15
N LEU F 347 44.12 9.47 -0.96
CA LEU F 347 44.05 8.56 -2.09
C LEU F 347 42.65 8.31 -2.64
N ILE F 348 41.62 8.76 -1.93
CA ILE F 348 40.27 8.47 -2.40
C ILE F 348 39.43 9.75 -2.42
N GLU F 349 40.03 10.84 -1.95
CA GLU F 349 39.33 12.12 -1.84
C GLU F 349 38.85 12.62 -3.20
N GLU F 350 39.71 12.49 -4.19
CA GLU F 350 39.43 13.05 -5.51
C GLU F 350 38.41 12.22 -6.28
N LEU F 351 38.25 10.96 -5.92
CA LEU F 351 37.37 10.07 -6.68
C LEU F 351 36.19 9.48 -5.90
N ASN F 352 35.29 10.35 -5.45
CA ASN F 352 34.05 9.92 -4.83
C ASN F 352 32.94 9.94 -5.89
N SER F 353 32.23 8.84 -6.08
CA SER F 353 31.21 8.83 -7.13
C SER F 353 29.93 9.46 -6.61
N ARG F 354 29.77 9.45 -5.29
CA ARG F 354 28.61 10.04 -4.66
C ARG F 354 28.78 11.54 -4.61
N GLY F 355 30.03 11.93 -4.39
CA GLY F 355 30.43 13.31 -4.34
C GLY F 355 30.05 13.98 -3.03
N MET F 356 29.58 13.20 -2.06
CA MET F 356 29.25 13.78 -0.76
C MET F 356 30.11 13.18 0.34
N LYS F 357 30.54 14.02 1.28
CA LYS F 357 31.31 13.56 2.44
C LYS F 357 32.54 12.70 2.13
N ILE F 358 33.30 12.39 3.18
CA ILE F 358 34.54 11.65 3.07
C ILE F 358 34.49 10.29 3.80
N ASP F 359 34.06 10.31 5.06
CA ASP F 359 34.01 9.11 5.88
C ASP F 359 32.99 8.07 5.39
N SER F 360 31.83 8.54 4.97
CA SER F 360 30.77 7.66 4.48
C SER F 360 31.23 6.82 3.29
N PHE F 361 31.99 7.44 2.39
CA PHE F 361 32.55 6.74 1.24
C PHE F 361 33.46 5.61 1.72
N ILE F 362 34.31 5.92 2.69
CA ILE F 362 35.28 4.98 3.22
C ILE F 362 34.59 3.79 3.90
N MET F 363 33.61 4.04 4.76
CA MET F 363 32.97 2.94 5.45
C MET F 363 32.10 2.13 4.49
N LYS F 364 31.46 2.81 3.54
CA LYS F 364 30.61 2.11 2.59
C LYS F 364 31.44 1.18 1.71
N TYR F 365 32.63 1.62 1.32
CA TYR F 365 33.45 0.81 0.41
C TYR F 365 34.54 0.01 1.09
N ALA F 366 34.67 0.14 2.40
CA ALA F 366 35.68 -0.62 3.11
C ALA F 366 35.19 -1.06 4.48
N ARG F 367 36.13 -1.37 5.36
CA ARG F 367 35.79 -1.73 6.72
C ARG F 367 36.52 -0.78 7.64
N ARG F 368 35.75 0.06 8.32
CA ARG F 368 36.33 1.01 9.23
C ARG F 368 36.66 0.26 10.52
N LYS F 369 37.94 0.27 10.87
CA LYS F 369 38.43 -0.42 12.05
C LYS F 369 39.44 0.45 12.74
N ARG F 370 38.93 1.36 13.56
CA ARG F 370 39.76 2.35 14.21
C ARG F 370 40.65 1.69 15.26
N LEU F 371 41.64 2.44 15.71
CA LEU F 371 42.55 2.00 16.75
C LEU F 371 42.88 3.19 17.63
N GLY F 372 43.52 2.95 18.77
CA GLY F 372 43.79 4.00 19.73
C GLY F 372 44.59 5.18 19.23
N LYS F 373 45.67 4.93 18.50
CA LYS F 373 46.51 5.99 17.96
C LYS F 373 45.77 6.84 16.93
N LYS F 374 45.04 6.19 16.02
CA LYS F 374 44.28 6.89 14.98
C LYS F 374 43.17 5.98 14.44
N THR F 375 42.14 6.60 13.85
CA THR F 375 41.02 5.86 13.30
C THR F 375 41.37 5.37 11.90
N VAL F 376 42.01 4.20 11.84
CA VAL F 376 42.51 3.65 10.59
C VAL F 376 41.45 2.81 9.88
N VAL F 377 41.87 2.17 8.79
CA VAL F 377 40.98 1.38 7.94
C VAL F 377 41.56 -0.04 7.81
N THR F 378 40.69 -0.99 7.50
CA THR F 378 41.08 -2.39 7.34
C THR F 378 40.35 -3.00 6.15
N SER F 379 40.72 -4.23 5.83
CA SER F 379 40.24 -4.91 4.64
C SER F 379 39.37 -6.11 5.00
N ARG F 380 38.10 -6.01 4.62
CA ARG F 380 37.07 -7.02 4.86
C ARG F 380 37.12 -7.58 6.30
N PRO G 2 31.00 22.76 -27.87
CA PRO G 2 30.66 24.14 -28.23
C PRO G 2 30.31 25.00 -27.02
N SER G 3 30.22 26.31 -27.22
CA SER G 3 29.91 27.23 -26.13
C SER G 3 29.40 28.58 -26.63
N VAL G 4 28.54 29.22 -25.83
CA VAL G 4 27.97 30.52 -26.20
C VAL G 4 27.51 31.27 -24.95
N ASP G 5 27.66 32.59 -24.97
CA ASP G 5 27.27 33.42 -23.84
C ASP G 5 25.77 33.69 -23.77
N ILE G 6 25.29 33.92 -22.54
CA ILE G 6 23.92 34.34 -22.30
C ILE G 6 23.80 35.86 -22.41
N ASP G 7 22.94 36.36 -23.28
CA ASP G 7 22.78 37.81 -23.41
C ASP G 7 21.71 38.28 -22.42
N ALA G 8 22.13 39.09 -21.46
CA ALA G 8 21.23 39.62 -20.44
C ALA G 8 21.19 41.14 -20.39
N SER G 9 21.63 41.80 -21.47
CA SER G 9 21.68 43.25 -21.49
C SER G 9 20.30 43.90 -21.46
N GLN G 10 19.39 43.41 -22.29
CA GLN G 10 18.05 44.00 -22.36
C GLN G 10 17.35 43.79 -21.01
N TRP G 11 17.52 42.59 -20.46
CA TRP G 11 16.92 42.26 -19.18
C TRP G 11 17.48 43.11 -18.05
N GLN G 12 18.78 43.41 -18.13
CA GLN G 12 19.43 44.26 -17.14
C GLN G 12 18.96 45.70 -17.21
N LYS G 13 18.87 46.25 -18.43
CA LYS G 13 18.43 47.63 -18.60
C LYS G 13 17.00 47.76 -18.09
N LEU G 14 16.14 46.79 -18.42
CA LEU G 14 14.75 46.85 -18.01
C LEU G 14 14.59 46.62 -16.51
N THR G 15 15.42 45.74 -15.95
CA THR G 15 15.41 45.45 -14.52
C THR G 15 15.85 46.63 -13.66
N GLN G 16 16.93 47.28 -14.06
CA GLN G 16 17.45 48.44 -13.32
C GLN G 16 16.48 49.63 -13.31
N SER G 17 15.78 49.83 -14.41
CA SER G 17 14.85 50.95 -14.54
C SER G 17 13.47 50.68 -13.93
N ARG G 18 13.32 49.51 -13.32
CA ARG G 18 12.06 49.07 -12.70
C ARG G 18 12.25 48.35 -11.37
N GLU G 19 11.14 48.11 -10.67
CA GLU G 19 11.15 47.45 -9.37
C GLU G 19 11.62 46.03 -9.34
N LYS G 20 11.88 45.56 -8.12
CA LYS G 20 11.94 44.15 -7.90
C LYS G 20 10.47 43.75 -7.89
N GLN G 21 10.17 42.52 -8.32
CA GLN G 21 8.79 42.10 -8.46
C GLN G 21 7.95 42.23 -7.18
N THR G 22 6.80 42.88 -7.31
CA THR G 22 5.91 43.11 -6.17
C THR G 22 4.71 42.17 -6.21
N THR G 23 3.96 42.19 -7.31
CA THR G 23 2.82 41.30 -7.44
C THR G 23 3.21 40.16 -8.36
N VAL G 24 2.25 39.45 -8.96
CA VAL G 24 2.63 38.37 -9.84
C VAL G 24 3.20 38.81 -11.20
N ILE G 25 2.75 39.95 -11.71
CA ILE G 25 3.32 40.48 -12.96
C ILE G 25 4.79 40.86 -12.89
N THR G 26 5.63 40.31 -13.76
CA THR G 26 7.03 40.73 -13.77
C THR G 26 7.06 42.18 -14.23
N PRO G 27 8.13 42.93 -13.90
CA PRO G 27 8.20 44.30 -14.44
C PRO G 27 8.15 44.34 -15.98
N LEU G 28 8.48 43.21 -16.59
CA LEU G 28 8.47 43.05 -18.05
C LEU G 28 7.13 42.59 -18.63
N GLY G 29 6.14 42.33 -17.78
CA GLY G 29 4.82 42.01 -18.27
C GLY G 29 4.66 40.55 -18.65
N MET G 30 5.18 39.67 -17.79
CA MET G 30 5.15 38.23 -18.03
C MET G 30 4.78 37.49 -16.75
N MET G 31 4.11 36.34 -16.88
CA MET G 31 3.70 35.58 -15.70
C MET G 31 3.73 34.07 -15.93
N MET G 32 3.62 33.31 -14.84
CA MET G 32 3.70 31.87 -14.86
C MET G 32 2.47 31.18 -14.29
N LEU G 33 1.81 30.37 -15.12
CA LEU G 33 0.60 29.67 -14.73
C LEU G 33 0.85 28.17 -14.62
N GLU G 34 0.40 27.57 -13.52
CA GLU G 34 0.60 26.14 -13.32
C GLU G 34 -0.71 25.44 -12.97
N ILE G 35 -0.96 24.34 -13.67
CA ILE G 35 -2.17 23.54 -13.47
C ILE G 35 -1.84 22.06 -13.28
N GLN G 36 -2.34 21.46 -12.21
CA GLN G 36 -2.17 20.03 -11.99
C GLN G 36 -3.09 19.23 -12.92
N GLY G 37 -2.68 19.11 -14.18
CA GLY G 37 -3.50 18.41 -15.16
C GLY G 37 -3.16 18.70 -16.62
N GLU G 38 -3.98 18.18 -17.53
CA GLU G 38 -3.80 18.36 -18.96
C GLU G 38 -4.88 19.27 -19.56
N LEU G 39 -4.44 20.31 -20.26
CA LEU G 39 -5.36 21.25 -20.92
C LEU G 39 -5.92 20.77 -22.25
N GLU G 40 -7.20 20.39 -22.22
CA GLU G 40 -7.92 19.82 -23.36
C GLU G 40 -8.48 20.90 -24.30
N LEU G 41 -7.86 21.04 -25.46
CA LEU G 41 -8.31 21.99 -26.49
C LEU G 41 -8.81 21.31 -27.78
N PRO G 42 -9.69 22.01 -28.53
CA PRO G 42 -10.27 21.56 -29.81
C PRO G 42 -9.23 21.20 -30.86
N LYS G 43 -9.56 20.22 -31.69
CA LYS G 43 -8.68 19.73 -32.76
C LYS G 43 -8.62 20.55 -34.06
N ASP G 44 -9.59 21.43 -34.27
CA ASP G 44 -9.62 22.22 -35.51
C ASP G 44 -9.83 23.69 -35.15
N PHE G 45 -8.72 24.42 -35.00
CA PHE G 45 -8.78 25.82 -34.66
C PHE G 45 -9.42 26.69 -35.75
N ALA G 46 -9.09 26.40 -37.01
CA ALA G 46 -9.55 27.21 -38.15
C ALA G 46 -11.07 27.24 -38.29
N SER G 47 -11.66 26.06 -38.09
CA SER G 47 -13.09 25.84 -38.22
C SER G 47 -13.83 26.58 -37.14
N LEU G 48 -13.32 26.52 -35.91
CA LEU G 48 -14.06 27.16 -34.87
C LEU G 48 -13.80 28.64 -34.98
N ALA G 49 -12.67 29.04 -35.57
CA ALA G 49 -12.48 30.47 -35.66
C ALA G 49 -13.47 31.04 -36.67
N ARG G 50 -13.85 30.27 -37.69
CA ARG G 50 -14.86 30.78 -38.61
C ARG G 50 -16.31 30.65 -38.12
N ARG G 51 -16.59 29.65 -37.29
CA ARG G 51 -17.96 29.50 -36.80
C ARG G 51 -18.17 30.31 -35.53
N ASP G 52 -17.09 30.90 -35.06
CA ASP G 52 -17.09 31.71 -33.85
C ASP G 52 -17.98 32.90 -34.14
N SER G 53 -18.94 33.18 -33.25
CA SER G 53 -19.80 34.33 -33.46
C SER G 53 -19.29 35.51 -32.64
N PRO G 54 -19.62 36.74 -33.09
CA PRO G 54 -19.24 38.01 -32.46
C PRO G 54 -19.70 38.15 -31.01
N ASN G 55 -20.82 37.55 -30.65
CA ASN G 55 -21.29 37.59 -29.27
C ASN G 55 -20.32 36.87 -28.34
N GLU G 56 -19.77 35.76 -28.80
CA GLU G 56 -18.86 34.94 -28.00
C GLU G 56 -17.48 35.57 -27.84
N GLY G 57 -16.92 36.04 -28.94
CA GLY G 57 -15.58 36.63 -28.93
C GLY G 57 -14.50 35.72 -28.36
N ARG G 58 -14.57 34.46 -28.75
CA ARG G 58 -13.74 33.39 -28.19
C ARG G 58 -12.43 33.27 -28.97
N PHE G 59 -12.42 33.82 -30.17
CA PHE G 59 -11.28 33.74 -31.06
C PHE G 59 -10.93 35.11 -31.64
N SER G 60 -9.64 35.35 -31.87
CA SER G 60 -9.22 36.60 -32.48
C SER G 60 -7.93 36.38 -33.27
N GLU G 61 -7.62 37.32 -34.16
CA GLU G 61 -6.37 37.25 -34.93
C GLU G 61 -5.28 38.22 -34.46
N GLN G 62 -4.09 37.67 -34.22
CA GLN G 62 -2.93 38.45 -33.82
C GLN G 62 -1.74 37.97 -34.65
N ASP G 63 -1.24 38.85 -35.50
CA ASP G 63 -0.06 38.59 -36.34
C ASP G 63 -0.22 37.30 -37.14
N GLY G 64 -1.40 37.11 -37.71
CA GLY G 64 -1.68 35.95 -38.55
C GLY G 64 -2.00 34.68 -37.78
N GLU G 65 -2.06 34.76 -36.46
CA GLU G 65 -2.37 33.59 -35.65
C GLU G 65 -3.69 33.73 -34.91
N THR G 66 -4.51 32.69 -34.96
CA THR G 66 -5.79 32.68 -34.26
C THR G 66 -5.71 32.23 -32.80
N LEU G 67 -5.85 33.18 -31.88
CA LEU G 67 -5.77 32.88 -30.45
C LEU G 67 -7.17 32.66 -29.92
N ILE G 68 -7.30 31.70 -29.02
CA ILE G 68 -8.56 31.46 -28.33
C ILE G 68 -8.56 31.98 -26.90
N ARG G 69 -9.64 32.67 -26.53
CA ARG G 69 -9.84 33.11 -25.16
C ARG G 69 -10.54 31.99 -24.40
N PHE G 70 -9.76 31.26 -23.60
CA PHE G 70 -10.26 30.05 -22.97
C PHE G 70 -10.66 30.21 -21.50
N GLY G 71 -10.30 31.34 -20.90
CA GLY G 71 -10.65 31.54 -19.51
C GLY G 71 -10.32 32.88 -18.88
N SER G 72 -10.50 32.94 -17.56
CA SER G 72 -10.24 34.13 -16.77
C SER G 72 -9.54 33.80 -15.46
N LEU G 73 -8.67 34.67 -14.99
CA LEU G 73 -7.96 34.44 -13.73
C LEU G 73 -8.27 35.58 -12.78
N GLN G 74 -8.59 35.22 -11.53
CA GLN G 74 -8.96 36.19 -10.51
C GLN G 74 -8.18 36.09 -9.20
N ILE G 75 -7.45 37.17 -8.91
CA ILE G 75 -6.60 37.27 -7.74
C ILE G 75 -7.30 38.14 -6.70
N ASP G 76 -7.62 37.55 -5.54
CA ASP G 76 -8.22 38.32 -4.45
C ASP G 76 -7.29 38.34 -3.23
N GLY G 77 -6.02 38.06 -3.48
CA GLY G 77 -5.04 37.98 -2.41
C GLY G 77 -4.19 36.72 -2.48
N GLU G 78 -4.23 35.91 -1.44
CA GLU G 78 -3.53 34.64 -1.50
C GLU G 78 -4.42 33.68 -2.26
N ARG G 79 -5.73 33.91 -2.12
CA ARG G 79 -6.74 33.09 -2.77
C ARG G 79 -6.72 33.39 -4.26
N ALA G 80 -6.95 32.37 -5.08
CA ALA G 80 -7.01 32.58 -6.51
C ALA G 80 -8.09 31.70 -7.11
N THR G 81 -8.76 32.22 -8.13
CA THR G 81 -9.78 31.44 -8.82
C THR G 81 -9.62 31.46 -10.33
N LEU G 82 -9.74 30.29 -10.95
CA LEU G 82 -9.55 30.16 -12.39
C LEU G 82 -10.85 29.72 -13.01
N PHE G 83 -11.36 30.52 -13.93
CA PHE G 83 -12.54 30.15 -14.68
C PHE G 83 -12.13 29.61 -16.05
N VAL G 84 -12.63 28.44 -16.40
CA VAL G 84 -12.36 27.85 -17.70
C VAL G 84 -13.68 27.56 -18.39
N GLY G 85 -13.76 27.98 -19.65
CA GLY G 85 -14.99 27.86 -20.42
C GLY G 85 -16.04 28.71 -19.74
N LYS G 86 -17.27 28.22 -19.71
CA LYS G 86 -18.38 28.93 -19.09
C LYS G 86 -18.78 28.20 -17.81
N LYS G 87 -18.30 26.97 -17.69
CA LYS G 87 -18.77 26.03 -16.68
C LYS G 87 -17.72 25.42 -15.76
N GLN G 88 -16.47 25.89 -15.78
CA GLN G 88 -15.48 25.23 -14.93
C GLN G 88 -14.79 26.26 -14.04
N ARG G 89 -14.59 25.86 -12.79
CA ARG G 89 -13.87 26.65 -11.80
C ARG G 89 -12.86 25.88 -10.96
N LEU G 90 -11.62 26.38 -10.93
CA LEU G 90 -10.53 25.73 -10.22
C LEU G 90 -10.04 26.68 -9.14
N LEU G 91 -9.83 26.16 -7.94
CA LEU G 91 -9.32 26.96 -6.83
C LEU G 91 -7.82 26.77 -6.60
N GLY G 92 -7.10 27.89 -6.46
CA GLY G 92 -5.67 27.83 -6.26
C GLY G 92 -5.11 29.00 -5.48
N LYS G 93 -3.79 29.16 -5.54
CA LYS G 93 -3.11 30.18 -4.75
C LYS G 93 -1.98 30.86 -5.52
N VAL G 94 -1.67 32.09 -5.13
CA VAL G 94 -0.48 32.77 -5.60
C VAL G 94 0.65 32.47 -4.63
N THR G 95 1.67 31.76 -5.09
CA THR G 95 2.77 31.35 -4.23
C THR G 95 4.11 31.92 -4.68
N LYS G 96 4.91 32.34 -3.70
CA LYS G 96 6.26 32.83 -3.94
C LYS G 96 7.18 31.63 -4.15
N LEU G 97 7.93 31.65 -5.25
CA LEU G 97 8.83 30.55 -5.55
C LEU G 97 9.99 30.52 -4.56
N ASP G 98 10.25 29.34 -4.00
CA ASP G 98 11.42 29.16 -3.15
C ASP G 98 12.67 29.39 -3.98
N VAL G 99 12.67 28.80 -5.17
CA VAL G 99 13.71 29.02 -6.16
C VAL G 99 13.17 29.75 -7.38
N PRO G 100 13.59 31.01 -7.56
CA PRO G 100 13.16 31.80 -8.74
C PRO G 100 13.53 31.11 -10.05
N MET G 101 12.61 31.10 -11.01
CA MET G 101 12.87 30.45 -12.29
C MET G 101 13.26 31.44 -13.37
N GLY G 102 14.35 31.16 -14.07
CA GLY G 102 14.73 32.00 -15.20
C GLY G 102 14.19 31.53 -16.53
N ILE G 103 13.48 32.43 -17.22
CA ILE G 103 13.00 32.19 -18.56
C ILE G 103 14.04 32.65 -19.58
N MET G 104 14.53 31.69 -20.35
CA MET G 104 15.57 31.91 -21.35
C MET G 104 15.14 31.47 -22.75
N HIS G 105 15.50 32.24 -23.77
CA HIS G 105 15.19 31.89 -25.15
C HIS G 105 16.42 31.34 -25.87
N PHE G 106 16.34 30.07 -26.29
CA PHE G 106 17.45 29.42 -26.98
C PHE G 106 17.31 29.49 -28.49
N ASN G 107 18.04 30.42 -29.11
CA ASN G 107 18.04 30.56 -30.56
C ASN G 107 18.86 29.47 -31.25
N SER G 108 18.19 28.43 -31.72
CA SER G 108 18.86 27.29 -32.34
C SER G 108 19.65 27.66 -33.59
N LYS G 109 19.13 28.62 -34.35
CA LYS G 109 19.74 29.06 -35.60
C LYS G 109 21.20 29.49 -35.43
N ASP G 110 21.43 30.41 -34.50
CA ASP G 110 22.77 30.95 -34.29
C ASP G 110 23.41 30.34 -33.05
N ASN G 111 22.73 29.36 -32.47
CA ASN G 111 23.13 28.75 -31.21
C ASN G 111 23.40 29.79 -30.13
N LYS G 112 22.51 30.77 -30.02
CA LYS G 112 22.63 31.83 -29.03
C LYS G 112 21.54 31.74 -27.97
N VAL G 113 21.89 32.02 -26.72
CA VAL G 113 20.92 32.01 -25.63
C VAL G 113 20.71 33.40 -25.04
N GLU G 114 19.45 33.80 -24.88
CA GLU G 114 19.12 35.11 -24.32
C GLU G 114 18.18 34.99 -23.12
N LEU G 115 18.51 35.69 -22.04
CA LEU G 115 17.65 35.73 -20.87
C LEU G 115 16.38 36.54 -21.15
N VAL G 116 15.22 35.89 -21.02
CA VAL G 116 13.96 36.57 -21.28
C VAL G 116 13.41 37.26 -20.03
N ASP G 117 13.25 36.53 -18.93
CA ASP G 117 12.74 37.15 -17.71
C ASP G 117 12.97 36.31 -16.46
N VAL G 118 12.68 36.87 -15.29
CA VAL G 118 12.80 36.11 -14.05
C VAL G 118 11.49 36.01 -13.26
N MET G 119 11.01 34.78 -13.11
CA MET G 119 9.79 34.47 -12.37
C MET G 119 10.07 34.28 -10.89
N LYS G 120 9.43 35.10 -10.05
CA LYS G 120 9.56 35.00 -8.61
C LYS G 120 8.29 34.46 -7.96
N TYR G 121 7.19 34.49 -8.72
CA TYR G 121 5.91 34.01 -8.21
C TYR G 121 5.23 33.09 -9.22
N LYS G 122 4.26 32.31 -8.77
CA LYS G 122 3.43 31.53 -9.67
C LYS G 122 2.01 31.35 -9.15
N VAL G 123 1.07 31.24 -10.08
CA VAL G 123 -0.33 30.97 -9.74
C VAL G 123 -0.62 29.49 -9.96
N ILE G 124 -0.73 28.76 -8.86
CA ILE G 124 -0.81 27.30 -8.86
C ILE G 124 -2.18 26.78 -8.44
N PHE G 125 -2.59 25.67 -9.05
CA PHE G 125 -3.89 25.04 -8.77
C PHE G 125 -3.70 23.56 -8.49
N LYS G 126 -3.77 23.18 -7.22
CA LYS G 126 -3.50 21.83 -6.79
C LYS G 126 -4.81 21.09 -6.46
N ASP G 127 -5.93 21.79 -6.60
CA ASP G 127 -7.19 21.19 -6.20
C ASP G 127 -8.06 20.83 -7.40
N ARG G 128 -8.93 19.85 -7.19
CA ARG G 128 -9.80 19.31 -8.23
C ARG G 128 -10.71 20.40 -8.80
N PRO G 129 -10.83 20.45 -10.14
CA PRO G 129 -11.72 21.45 -10.76
C PRO G 129 -13.14 21.29 -10.23
N LEU G 130 -13.84 22.40 -10.04
CA LEU G 130 -15.19 22.35 -9.49
C LEU G 130 -16.28 22.79 -10.47
N PRO G 131 -17.55 22.46 -10.14
CA PRO G 131 -18.75 22.99 -10.79
C PRO G 131 -18.85 24.52 -10.74
N ILE G 132 -19.64 25.08 -11.67
CA ILE G 132 -19.71 26.52 -11.85
C ILE G 132 -20.29 27.22 -10.64
N THR H 1 -22.66 21.20 -24.79
CA THR H 1 -21.48 20.35 -24.91
C THR H 1 -20.31 21.09 -25.52
N VAL H 2 -19.24 20.35 -25.79
CA VAL H 2 -17.99 20.82 -26.38
C VAL H 2 -17.51 22.15 -25.75
N LYS H 3 -17.29 22.11 -24.44
CA LYS H 3 -16.75 23.28 -23.74
C LYS H 3 -15.32 22.93 -23.39
N ILE H 4 -14.43 23.91 -23.35
CA ILE H 4 -13.05 23.67 -22.99
C ILE H 4 -12.91 23.26 -21.52
N TRP H 5 -12.13 22.22 -21.26
CA TRP H 5 -11.94 21.74 -19.90
C TRP H 5 -10.48 21.31 -19.65
N VAL H 6 -10.21 20.91 -18.40
CA VAL H 6 -8.85 20.55 -18.00
C VAL H 6 -8.80 19.15 -17.41
N LYS H 7 -8.07 18.25 -18.05
CA LYS H 7 -7.93 16.88 -17.56
C LYS H 7 -7.12 16.83 -16.26
N TYR H 8 -7.83 16.74 -15.14
CA TYR H 8 -7.19 16.75 -13.82
C TYR H 8 -6.38 15.49 -13.53
N ASN H 9 -5.18 15.68 -13.01
CA ASN H 9 -4.32 14.57 -12.61
C ASN H 9 -4.54 14.21 -11.15
N GLU H 10 -4.74 12.92 -10.89
CA GLU H 10 -4.98 12.44 -9.52
C GLU H 10 -3.81 12.70 -8.58
N GLY H 11 -2.60 12.53 -9.10
CA GLY H 11 -1.41 12.70 -8.29
C GLY H 11 -0.36 13.58 -8.94
N PHE H 12 0.75 13.78 -8.23
CA PHE H 12 1.86 14.57 -8.74
C PHE H 12 3.18 13.83 -8.60
N SER H 13 3.65 13.25 -9.70
CA SER H 13 4.91 12.51 -9.66
C SER H 13 6.06 13.45 -9.99
N ASN H 14 7.14 13.36 -9.22
CA ASN H 14 8.31 14.19 -9.47
C ASN H 14 9.54 13.34 -9.80
N ALA H 15 10.06 13.53 -11.01
CA ALA H 15 11.19 12.73 -11.50
C ALA H 15 12.50 13.08 -10.82
N VAL H 16 13.45 12.15 -10.87
CA VAL H 16 14.78 12.34 -10.31
C VAL H 16 15.64 13.09 -11.33
N ARG H 17 16.60 13.89 -10.85
CA ARG H 17 17.46 14.70 -11.72
C ARG H 17 18.23 13.82 -12.70
N LYS H 18 18.52 14.38 -13.87
CA LYS H 18 19.26 13.69 -14.91
C LYS H 18 20.32 14.57 -15.56
N ASN H 19 21.36 13.91 -16.09
CA ASN H 19 22.41 14.60 -16.83
C ASN H 19 21.88 15.20 -18.11
N VAL H 20 22.53 16.27 -18.58
CA VAL H 20 22.08 16.96 -19.77
C VAL H 20 23.08 16.84 -20.92
N THR H 21 22.61 16.34 -22.05
CA THR H 21 23.45 16.25 -23.25
C THR H 21 23.24 17.50 -24.09
N TRP H 22 24.19 17.79 -24.97
CA TRP H 22 24.08 18.95 -25.84
C TRP H 22 22.86 18.79 -26.77
N ASN H 23 22.60 17.54 -27.16
CA ASN H 23 21.46 17.24 -28.02
C ASN H 23 20.11 17.42 -27.33
N ASN H 24 20.08 17.28 -26.01
CA ASN H 24 18.83 17.46 -25.27
C ASN H 24 18.37 18.90 -25.33
N LEU H 25 19.32 19.82 -25.36
CA LEU H 25 19.02 21.24 -25.45
C LEU H 25 18.55 21.58 -26.86
N TRP H 26 19.45 21.48 -27.82
CA TRP H 26 19.13 21.74 -29.21
C TRP H 26 18.68 20.45 -29.92
#